data_2JEX
# 
_entry.id   2JEX 
# 
_audit_conform.dict_name       mmcif_pdbx.dic 
_audit_conform.dict_version    5.382 
_audit_conform.dict_location   http://mmcif.pdb.org/dictionaries/ascii/mmcif_pdbx.dic 
# 
loop_
_database_2.database_id 
_database_2.database_code 
_database_2.pdbx_database_accession 
_database_2.pdbx_DOI 
PDB   2JEX         pdb_00002jex 10.2210/pdb2jex/pdb 
PDBE  EBI-31228    ?            ?                   
WWPDB D_1290031228 ?            ?                   
# 
loop_
_pdbx_database_related.db_name 
_pdbx_database_related.db_id 
_pdbx_database_related.content_type 
_pdbx_database_related.details 
PDB 1DBD unspecified 'E2 DEOXYRIBONUCLEIC ACID-BINDING DOMAIN FROM PAPILLOMAVIRUS BPV-1' 
PDB 1JJH unspecified 'E2 DNA-BINDING DOMAIN FROM BOVINE PAPILLOMAVIRUS TYPE 1' 
PDB 2BOP unspecified 
'BOVINE PAPILLOMAVIRUS-1 E2 (DEOXYRIBONUCLEIC ACID-BINDING DOMAIN) (RESIDUES 325 - 410) COMPLEXED WITH DEOXYRIBONUCLEIC ACID' 
PDB 2JEU unspecified 'TRANSCRIPTION ACTIVATOR STRUCTURE REVEALS REDOX CONTROL OF A REPLICATION INITIATION REACTION' 
# 
_pdbx_database_status.status_code                     REL 
_pdbx_database_status.entry_id                        2JEX 
_pdbx_database_status.deposit_site                    PDBE 
_pdbx_database_status.process_site                    PDBE 
_pdbx_database_status.SG_entry                        . 
_pdbx_database_status.recvd_initial_deposition_date   2007-01-24 
_pdbx_database_status.pdb_format_compatible           Y 
_pdbx_database_status.status_code_sf                  REL 
_pdbx_database_status.status_code_mr                  ? 
_pdbx_database_status.status_code_cs                  ? 
_pdbx_database_status.methods_development_category    ? 
_pdbx_database_status.status_code_nmr_data            ? 
# 
loop_
_audit_author.name 
_audit_author.pdbx_ordinal 
'Sanders, C.M.'       1 
'Sizov, D.'           2 
'Seavers, P.R.'       3 
'Ortiz-Lombardia, M.' 4 
'Antson, A.A.'        5 
# 
_citation.id                        primary 
_citation.title                     'Transcription Activator Structure Reveals Redox Control of a Replication Initiation Reaction.' 
_citation.journal_abbrev            'Nucleic Acids Res.' 
_citation.journal_volume            35 
_citation.page_first                3504 
_citation.page_last                 ? 
_citation.year                      2007 
_citation.journal_id_ASTM           NARHAD 
_citation.country                   UK 
_citation.journal_id_ISSN           0305-1048 
_citation.journal_id_CSD            0389 
_citation.book_publisher            ? 
_citation.pdbx_database_id_PubMed   17478495 
_citation.pdbx_database_id_DOI      10.1093/NAR/GKM166 
# 
loop_
_citation_author.citation_id 
_citation_author.name 
_citation_author.ordinal 
_citation_author.identifier_ORCID 
primary 'Sanders, C.M.'       1 ? 
primary 'Sizov, D.'           2 ? 
primary 'Seavers, P.R.'       3 ? 
primary 'Ortiz-Lombardia, M.' 4 ? 
primary 'Antson, A.A.'        5 ? 
# 
_cell.entry_id           2JEX 
_cell.length_a           60.549 
_cell.length_b           60.549 
_cell.length_c           89.410 
_cell.angle_alpha        90.00 
_cell.angle_beta         90.00 
_cell.angle_gamma        120.00 
_cell.Z_PDB              3 
_cell.pdbx_unique_axis   ? 
# 
_symmetry.entry_id                         2JEX 
_symmetry.space_group_name_H-M             'P 32' 
_symmetry.pdbx_full_space_group_name_H-M   ? 
_symmetry.cell_setting                     ? 
_symmetry.Int_Tables_number                145 
# 
loop_
_entity.id 
_entity.type 
_entity.src_method 
_entity.pdbx_description 
_entity.formula_weight 
_entity.pdbx_number_of_molecules 
_entity.pdbx_ec 
_entity.pdbx_mutation 
_entity.pdbx_fragment 
_entity.details 
1 polymer man 'REGULATORY PROTEIN E2' 23820.590 1   ? YES 'N-TERMINAL TRANS-ACTIVATION DOMAIN (TAD), RESIDUES 1-209' ? 
2 water   nat water                   18.015    115 ? ?   ?                                                          ? 
# 
_entity_poly.entity_id                      1 
_entity_poly.type                           'polypeptide(L)' 
_entity_poly.nstd_linkage                   no 
_entity_poly.nstd_monomer                   no 
_entity_poly.pdbx_seq_one_letter_code       
;METACERLHVAQETQMQLIEKSSDKLQDHILYWTAVRTENTLLYAARKKGVTVLGHCRVPHSVVCQERAKQAIEMQLSLQ
ELSKTEFGDEPWSLLDTSWDRYMSEPKRCFKKGARVVEVEFDGNASNTNWYTVYSNLYMRTEDGWQLAKAGADGTGLYYC
TMAGAGRIYYSAFGDEAARFSTTGHYSVRDQDRVYAGVSSTSSDFRDRP
;
_entity_poly.pdbx_seq_one_letter_code_can   
;METACERLHVAQETQMQLIEKSSDKLQDHILYWTAVRTENTLLYAARKKGVTVLGHCRVPHSVVCQERAKQAIEMQLSLQ
ELSKTEFGDEPWSLLDTSWDRYMSEPKRCFKKGARVVEVEFDGNASNTNWYTVYSNLYMRTEDGWQLAKAGADGTGLYYC
TMAGAGRIYYSAFGDEAARFSTTGHYSVRDQDRVYAGVSSTSSDFRDRP
;
_entity_poly.pdbx_strand_id                 A 
_entity_poly.pdbx_target_identifier         ? 
# 
loop_
_entity_poly_seq.entity_id 
_entity_poly_seq.num 
_entity_poly_seq.mon_id 
_entity_poly_seq.hetero 
1 1   MET n 
1 2   GLU n 
1 3   THR n 
1 4   ALA n 
1 5   CYS n 
1 6   GLU n 
1 7   ARG n 
1 8   LEU n 
1 9   HIS n 
1 10  VAL n 
1 11  ALA n 
1 12  GLN n 
1 13  GLU n 
1 14  THR n 
1 15  GLN n 
1 16  MET n 
1 17  GLN n 
1 18  LEU n 
1 19  ILE n 
1 20  GLU n 
1 21  LYS n 
1 22  SER n 
1 23  SER n 
1 24  ASP n 
1 25  LYS n 
1 26  LEU n 
1 27  GLN n 
1 28  ASP n 
1 29  HIS n 
1 30  ILE n 
1 31  LEU n 
1 32  TYR n 
1 33  TRP n 
1 34  THR n 
1 35  ALA n 
1 36  VAL n 
1 37  ARG n 
1 38  THR n 
1 39  GLU n 
1 40  ASN n 
1 41  THR n 
1 42  LEU n 
1 43  LEU n 
1 44  TYR n 
1 45  ALA n 
1 46  ALA n 
1 47  ARG n 
1 48  LYS n 
1 49  LYS n 
1 50  GLY n 
1 51  VAL n 
1 52  THR n 
1 53  VAL n 
1 54  LEU n 
1 55  GLY n 
1 56  HIS n 
1 57  CYS n 
1 58  ARG n 
1 59  VAL n 
1 60  PRO n 
1 61  HIS n 
1 62  SER n 
1 63  VAL n 
1 64  VAL n 
1 65  CYS n 
1 66  GLN n 
1 67  GLU n 
1 68  ARG n 
1 69  ALA n 
1 70  LYS n 
1 71  GLN n 
1 72  ALA n 
1 73  ILE n 
1 74  GLU n 
1 75  MET n 
1 76  GLN n 
1 77  LEU n 
1 78  SER n 
1 79  LEU n 
1 80  GLN n 
1 81  GLU n 
1 82  LEU n 
1 83  SER n 
1 84  LYS n 
1 85  THR n 
1 86  GLU n 
1 87  PHE n 
1 88  GLY n 
1 89  ASP n 
1 90  GLU n 
1 91  PRO n 
1 92  TRP n 
1 93  SER n 
1 94  LEU n 
1 95  LEU n 
1 96  ASP n 
1 97  THR n 
1 98  SER n 
1 99  TRP n 
1 100 ASP n 
1 101 ARG n 
1 102 TYR n 
1 103 MET n 
1 104 SER n 
1 105 GLU n 
1 106 PRO n 
1 107 LYS n 
1 108 ARG n 
1 109 CYS n 
1 110 PHE n 
1 111 LYS n 
1 112 LYS n 
1 113 GLY n 
1 114 ALA n 
1 115 ARG n 
1 116 VAL n 
1 117 VAL n 
1 118 GLU n 
1 119 VAL n 
1 120 GLU n 
1 121 PHE n 
1 122 ASP n 
1 123 GLY n 
1 124 ASN n 
1 125 ALA n 
1 126 SER n 
1 127 ASN n 
1 128 THR n 
1 129 ASN n 
1 130 TRP n 
1 131 TYR n 
1 132 THR n 
1 133 VAL n 
1 134 TYR n 
1 135 SER n 
1 136 ASN n 
1 137 LEU n 
1 138 TYR n 
1 139 MET n 
1 140 ARG n 
1 141 THR n 
1 142 GLU n 
1 143 ASP n 
1 144 GLY n 
1 145 TRP n 
1 146 GLN n 
1 147 LEU n 
1 148 ALA n 
1 149 LYS n 
1 150 ALA n 
1 151 GLY n 
1 152 ALA n 
1 153 ASP n 
1 154 GLY n 
1 155 THR n 
1 156 GLY n 
1 157 LEU n 
1 158 TYR n 
1 159 TYR n 
1 160 CYS n 
1 161 THR n 
1 162 MET n 
1 163 ALA n 
1 164 GLY n 
1 165 ALA n 
1 166 GLY n 
1 167 ARG n 
1 168 ILE n 
1 169 TYR n 
1 170 TYR n 
1 171 SER n 
1 172 ALA n 
1 173 PHE n 
1 174 GLY n 
1 175 ASP n 
1 176 GLU n 
1 177 ALA n 
1 178 ALA n 
1 179 ARG n 
1 180 PHE n 
1 181 SER n 
1 182 THR n 
1 183 THR n 
1 184 GLY n 
1 185 HIS n 
1 186 TYR n 
1 187 SER n 
1 188 VAL n 
1 189 ARG n 
1 190 ASP n 
1 191 GLN n 
1 192 ASP n 
1 193 ARG n 
1 194 VAL n 
1 195 TYR n 
1 196 ALA n 
1 197 GLY n 
1 198 VAL n 
1 199 SER n 
1 200 SER n 
1 201 THR n 
1 202 SER n 
1 203 SER n 
1 204 ASP n 
1 205 PHE n 
1 206 ARG n 
1 207 ASP n 
1 208 ARG n 
1 209 PRO n 
# 
_entity_src_gen.entity_id                          1 
_entity_src_gen.pdbx_src_id                        1 
_entity_src_gen.pdbx_alt_source_flag               sample 
_entity_src_gen.pdbx_seq_type                      ? 
_entity_src_gen.pdbx_beg_seq_num                   ? 
_entity_src_gen.pdbx_end_seq_num                   ? 
_entity_src_gen.gene_src_common_name               ? 
_entity_src_gen.gene_src_genus                     ? 
_entity_src_gen.pdbx_gene_src_gene                 ? 
_entity_src_gen.gene_src_species                   ? 
_entity_src_gen.gene_src_strain                    ? 
_entity_src_gen.gene_src_tissue                    ? 
_entity_src_gen.gene_src_tissue_fraction           ? 
_entity_src_gen.gene_src_details                   ? 
_entity_src_gen.pdbx_gene_src_fragment             ? 
_entity_src_gen.pdbx_gene_src_scientific_name      'BOVINE PAPILLOMAVIRUS TYPE 1' 
_entity_src_gen.pdbx_gene_src_ncbi_taxonomy_id     10559 
_entity_src_gen.pdbx_gene_src_variant              ? 
_entity_src_gen.pdbx_gene_src_cell_line            ? 
_entity_src_gen.pdbx_gene_src_atcc                 ? 
_entity_src_gen.pdbx_gene_src_organ                ? 
_entity_src_gen.pdbx_gene_src_organelle            ? 
_entity_src_gen.pdbx_gene_src_cell                 ? 
_entity_src_gen.pdbx_gene_src_cellular_location    ? 
_entity_src_gen.host_org_common_name               ? 
_entity_src_gen.pdbx_host_org_scientific_name      'ESCHERICHIA COLI' 
_entity_src_gen.pdbx_host_org_ncbi_taxonomy_id     469008 
_entity_src_gen.host_org_genus                     ? 
_entity_src_gen.pdbx_host_org_gene                 ? 
_entity_src_gen.pdbx_host_org_organ                ? 
_entity_src_gen.host_org_species                   ? 
_entity_src_gen.pdbx_host_org_tissue               ? 
_entity_src_gen.pdbx_host_org_tissue_fraction      ? 
_entity_src_gen.pdbx_host_org_strain               'BL21(DE3)' 
_entity_src_gen.pdbx_host_org_variant              ? 
_entity_src_gen.pdbx_host_org_cell_line            ? 
_entity_src_gen.pdbx_host_org_atcc                 ? 
_entity_src_gen.pdbx_host_org_culture_collection   ? 
_entity_src_gen.pdbx_host_org_cell                 ? 
_entity_src_gen.pdbx_host_org_organelle            ? 
_entity_src_gen.pdbx_host_org_cellular_location    ? 
_entity_src_gen.pdbx_host_org_vector_type          ? 
_entity_src_gen.pdbx_host_org_vector               PET11C 
_entity_src_gen.host_org_details                   ? 
_entity_src_gen.expression_system_id               ? 
_entity_src_gen.plasmid_name                       ? 
_entity_src_gen.plasmid_details                    ? 
_entity_src_gen.pdbx_description                   ? 
# 
_struct_ref.id                         1 
_struct_ref.db_name                    UNP 
_struct_ref.db_code                    VE2_BPV1 
_struct_ref.entity_id                  1 
_struct_ref.pdbx_seq_one_letter_code   ? 
_struct_ref.pdbx_align_begin           ? 
_struct_ref.pdbx_db_accession          P03122 
_struct_ref.pdbx_db_isoform            ? 
# 
_struct_ref_seq.align_id                      1 
_struct_ref_seq.ref_id                        1 
_struct_ref_seq.pdbx_PDB_id_code              2JEX 
_struct_ref_seq.pdbx_strand_id                A 
_struct_ref_seq.seq_align_beg                 1 
_struct_ref_seq.pdbx_seq_align_beg_ins_code   ? 
_struct_ref_seq.seq_align_end                 209 
_struct_ref_seq.pdbx_seq_align_end_ins_code   ? 
_struct_ref_seq.pdbx_db_accession             P03122 
_struct_ref_seq.db_align_beg                  1 
_struct_ref_seq.pdbx_db_align_beg_ins_code    ? 
_struct_ref_seq.db_align_end                  209 
_struct_ref_seq.pdbx_db_align_end_ins_code    ? 
_struct_ref_seq.pdbx_auth_seq_align_beg       1 
_struct_ref_seq.pdbx_auth_seq_align_end       209 
# 
_struct_ref_seq_dif.align_id                     1 
_struct_ref_seq_dif.pdbx_pdb_id_code             2JEX 
_struct_ref_seq_dif.mon_id                       ALA 
_struct_ref_seq_dif.pdbx_pdb_strand_id           A 
_struct_ref_seq_dif.seq_num                      172 
_struct_ref_seq_dif.pdbx_pdb_ins_code            ? 
_struct_ref_seq_dif.pdbx_seq_db_name             UNP 
_struct_ref_seq_dif.pdbx_seq_db_accession_code   P03122 
_struct_ref_seq_dif.db_mon_id                    ARG 
_struct_ref_seq_dif.pdbx_seq_db_seq_num          172 
_struct_ref_seq_dif.details                      'engineered mutation' 
_struct_ref_seq_dif.pdbx_auth_seq_num            172 
_struct_ref_seq_dif.pdbx_ordinal                 1 
# 
loop_
_chem_comp.id 
_chem_comp.type 
_chem_comp.mon_nstd_flag 
_chem_comp.name 
_chem_comp.pdbx_synonyms 
_chem_comp.formula 
_chem_comp.formula_weight 
ALA 'L-peptide linking' y ALANINE         ? 'C3 H7 N O2'     89.093  
ARG 'L-peptide linking' y ARGININE        ? 'C6 H15 N4 O2 1' 175.209 
ASN 'L-peptide linking' y ASPARAGINE      ? 'C4 H8 N2 O3'    132.118 
ASP 'L-peptide linking' y 'ASPARTIC ACID' ? 'C4 H7 N O4'     133.103 
CYS 'L-peptide linking' y CYSTEINE        ? 'C3 H7 N O2 S'   121.158 
GLN 'L-peptide linking' y GLUTAMINE       ? 'C5 H10 N2 O3'   146.144 
GLU 'L-peptide linking' y 'GLUTAMIC ACID' ? 'C5 H9 N O4'     147.129 
GLY 'peptide linking'   y GLYCINE         ? 'C2 H5 N O2'     75.067  
HIS 'L-peptide linking' y HISTIDINE       ? 'C6 H10 N3 O2 1' 156.162 
HOH non-polymer         . WATER           ? 'H2 O'           18.015  
ILE 'L-peptide linking' y ISOLEUCINE      ? 'C6 H13 N O2'    131.173 
LEU 'L-peptide linking' y LEUCINE         ? 'C6 H13 N O2'    131.173 
LYS 'L-peptide linking' y LYSINE          ? 'C6 H15 N2 O2 1' 147.195 
MET 'L-peptide linking' y METHIONINE      ? 'C5 H11 N O2 S'  149.211 
PHE 'L-peptide linking' y PHENYLALANINE   ? 'C9 H11 N O2'    165.189 
PRO 'L-peptide linking' y PROLINE         ? 'C5 H9 N O2'     115.130 
SER 'L-peptide linking' y SERINE          ? 'C3 H7 N O3'     105.093 
THR 'L-peptide linking' y THREONINE       ? 'C4 H9 N O3'     119.119 
TRP 'L-peptide linking' y TRYPTOPHAN      ? 'C11 H12 N2 O2'  204.225 
TYR 'L-peptide linking' y TYROSINE        ? 'C9 H11 N O3'    181.189 
VAL 'L-peptide linking' y VALINE          ? 'C5 H11 N O2'    117.146 
# 
_exptl.entry_id          2JEX 
_exptl.method            'X-RAY DIFFRACTION' 
_exptl.crystals_number   1 
# 
_exptl_crystal.id                    1 
_exptl_crystal.density_meas          ? 
_exptl_crystal.density_Matthews      4.01 
_exptl_crystal.density_percent_sol   69.06 
_exptl_crystal.description           ? 
# 
_exptl_crystal_grow.crystal_id      1 
_exptl_crystal_grow.method          'VAPOR DIFFUSION, HANGING DROP' 
_exptl_crystal_grow.temp            ? 
_exptl_crystal_grow.temp_details    ? 
_exptl_crystal_grow.pH              8.50 
_exptl_crystal_grow.pdbx_pH_range   ? 
_exptl_crystal_grow.pdbx_details    
;PROTEIN WAS CRYSTALLISED FROM 0.1 M TRIS-HCL PH 8.5, 0.3 M NACL, 2MM DTT AND 18-22% TERTIARY BUTANOL, USING THE HANGING DROP METHOD OF VAPOUR DIFFUSION.
;
# 
_diffrn.id                     1 
_diffrn.ambient_temp           120.0 
_diffrn.ambient_temp_details   ? 
_diffrn.crystal_id             1 
# 
_diffrn_detector.diffrn_id              1 
_diffrn_detector.detector               CCD 
_diffrn_detector.type                   MARRESEARCH 
_diffrn_detector.pdbx_collection_date   ? 
_diffrn_detector.details                ? 
# 
_diffrn_radiation.diffrn_id                        1 
_diffrn_radiation.wavelength_id                    1 
_diffrn_radiation.pdbx_monochromatic_or_laue_m_l   M 
_diffrn_radiation.monochromator                    ? 
_diffrn_radiation.pdbx_diffrn_protocol             'SINGLE WAVELENGTH' 
_diffrn_radiation.pdbx_scattering_type             x-ray 
# 
_diffrn_radiation_wavelength.id           1 
_diffrn_radiation_wavelength.wavelength   0.919 
_diffrn_radiation_wavelength.wt           1.0 
# 
_diffrn_source.diffrn_id                   1 
_diffrn_source.source                      SYNCHROTRON 
_diffrn_source.type                        'ESRF BEAMLINE BM14' 
_diffrn_source.pdbx_synchrotron_site       ESRF 
_diffrn_source.pdbx_synchrotron_beamline   BM14 
_diffrn_source.pdbx_wavelength             0.919 
_diffrn_source.pdbx_wavelength_list        ? 
# 
_reflns.pdbx_diffrn_id               1 
_reflns.pdbx_ordinal                 1 
_reflns.entry_id                     2JEX 
_reflns.observed_criterion_sigma_I   3.000 
_reflns.observed_criterion_sigma_F   ? 
_reflns.d_resolution_low             25.000 
_reflns.d_resolution_high            2.350 
_reflns.number_obs                   14352 
_reflns.number_all                   ? 
_reflns.percent_possible_obs         93.3 
_reflns.pdbx_Rmerge_I_obs            0.07000 
_reflns.pdbx_Rsym_value              ? 
_reflns.pdbx_netI_over_sigmaI        10.7000 
_reflns.B_iso_Wilson_estimate        ? 
_reflns.pdbx_redundancy              1.900 
# 
_reflns_shell.pdbx_diffrn_id         1 
_reflns_shell.pdbx_ordinal           1 
_reflns_shell.d_res_high             2.35 
_reflns_shell.d_res_low              2.43 
_reflns_shell.percent_possible_all   90.2 
_reflns_shell.Rmerge_I_obs           0.32000 
_reflns_shell.pdbx_Rsym_value        ? 
_reflns_shell.meanI_over_sigI_obs    2.500 
_reflns_shell.pdbx_redundancy        1.80 
# 
_refine.pdbx_refine_id                           'X-RAY DIFFRACTION' 
_refine.entry_id                                 2JEX 
_refine.pdbx_diffrn_id                           1 
_refine.pdbx_TLS_residual_ADP_flag               'LIKELY RESIDUAL' 
_refine.ls_number_reflns_obs                     13541 
_refine.ls_number_reflns_all                     ? 
_refine.pdbx_ls_sigma_I                          ? 
_refine.pdbx_ls_sigma_F                          ? 
_refine.pdbx_data_cutoff_high_absF               ? 
_refine.pdbx_data_cutoff_low_absF                ? 
_refine.pdbx_data_cutoff_high_rms_absF           ? 
_refine.ls_d_res_low                             22.62 
_refine.ls_d_res_high                            2.35 
_refine.ls_percent_reflns_obs                    100.0 
_refine.ls_R_factor_obs                          0.211 
_refine.ls_R_factor_all                          ? 
_refine.ls_R_factor_R_work                       0.210 
_refine.ls_R_factor_R_free                       0.241 
_refine.ls_R_factor_R_free_error                 ? 
_refine.ls_R_factor_R_free_error_details         ? 
_refine.ls_percent_reflns_R_free                 5.000 
_refine.ls_number_reflns_R_free                  716 
_refine.ls_number_parameters                     ? 
_refine.ls_number_restraints                     ? 
_refine.occupancy_min                            ? 
_refine.occupancy_max                            ? 
_refine.correlation_coeff_Fo_to_Fc               0.948 
_refine.correlation_coeff_Fo_to_Fc_free          0.936 
_refine.B_iso_mean                               72.20 
_refine.aniso_B[1][1]                            -0.18000 
_refine.aniso_B[2][2]                            -0.18000 
_refine.aniso_B[3][3]                            0.26000 
_refine.aniso_B[1][2]                            -0.09000 
_refine.aniso_B[1][3]                            0.00000 
_refine.aniso_B[2][3]                            0.00000 
_refine.solvent_model_details                    'BABINET MODEL WITH MASK' 
_refine.solvent_model_param_ksol                 ? 
_refine.solvent_model_param_bsol                 ? 
_refine.pdbx_solvent_vdw_probe_radii             1.20 
_refine.pdbx_solvent_ion_probe_radii             0.80 
_refine.pdbx_solvent_shrinkage_radii             0.80 
_refine.pdbx_ls_cross_valid_method               THROUGHOUT 
_refine.details                                  ? 
_refine.pdbx_starting_model                      'PDB ENTRY 2JEU' 
_refine.pdbx_method_to_determine_struct          'MOLECULAR REPLACEMENT' 
_refine.pdbx_isotropic_thermal_model             ? 
_refine.pdbx_stereochemistry_target_values       'MAXIMUM LIKELIHOOD' 
_refine.pdbx_stereochem_target_val_spec_case     ? 
_refine.pdbx_R_Free_selection_details            RANDOM 
_refine.pdbx_overall_ESU_R                       0.251 
_refine.pdbx_overall_ESU_R_Free                  0.204 
_refine.overall_SU_ML                            0.188 
_refine.pdbx_overall_phase_error                 ? 
_refine.overall_SU_B                             15.331 
_refine.overall_SU_R_Cruickshank_DPI             ? 
_refine.pdbx_overall_SU_R_free_Cruickshank_DPI   ? 
_refine.pdbx_overall_SU_R_Blow_DPI               ? 
_refine.pdbx_overall_SU_R_free_Blow_DPI          ? 
# 
_refine_hist.pdbx_refine_id                   'X-RAY DIFFRACTION' 
_refine_hist.cycle_id                         LAST 
_refine_hist.pdbx_number_atoms_protein        1572 
_refine_hist.pdbx_number_atoms_nucleic_acid   0 
_refine_hist.pdbx_number_atoms_ligand         0 
_refine_hist.number_atoms_solvent             115 
_refine_hist.number_atoms_total               1687 
_refine_hist.d_res_high                       2.35 
_refine_hist.d_res_low                        22.62 
# 
loop_
_refine_ls_restr.type 
_refine_ls_restr.dev_ideal 
_refine_ls_restr.dev_ideal_target 
_refine_ls_restr.weight 
_refine_ls_restr.number 
_refine_ls_restr.pdbx_refine_id 
_refine_ls_restr.pdbx_restraint_function 
r_bond_refined_d             0.010  0.021  ? 1606 'X-RAY DIFFRACTION' ? 
r_bond_other_d               ?      ?      ? ?    'X-RAY DIFFRACTION' ? 
r_angle_refined_deg          1.073  1.929  ? 2172 'X-RAY DIFFRACTION' ? 
r_angle_other_deg            ?      ?      ? ?    'X-RAY DIFFRACTION' ? 
r_dihedral_angle_1_deg       5.572  5.000  ? 196  'X-RAY DIFFRACTION' ? 
r_dihedral_angle_2_deg       32.472 23.375 ? 80   'X-RAY DIFFRACTION' ? 
r_dihedral_angle_3_deg       15.531 15.000 ? 271  'X-RAY DIFFRACTION' ? 
r_dihedral_angle_4_deg       17.974 15.000 ? 13   'X-RAY DIFFRACTION' ? 
r_chiral_restr               0.080  0.200  ? 231  'X-RAY DIFFRACTION' ? 
r_gen_planes_refined         0.004  0.020  ? 1232 'X-RAY DIFFRACTION' ? 
r_gen_planes_other           ?      ?      ? ?    'X-RAY DIFFRACTION' ? 
r_nbd_refined                0.199  0.200  ? 702  'X-RAY DIFFRACTION' ? 
r_nbd_other                  ?      ?      ? ?    'X-RAY DIFFRACTION' ? 
r_nbtor_refined              0.296  0.200  ? 1081 'X-RAY DIFFRACTION' ? 
r_nbtor_other                ?      ?      ? ?    'X-RAY DIFFRACTION' ? 
r_xyhbond_nbd_refined        0.126  0.200  ? 82   'X-RAY DIFFRACTION' ? 
r_xyhbond_nbd_other          ?      ?      ? ?    'X-RAY DIFFRACTION' ? 
r_metal_ion_refined          ?      ?      ? ?    'X-RAY DIFFRACTION' ? 
r_metal_ion_other            ?      ?      ? ?    'X-RAY DIFFRACTION' ? 
r_symmetry_vdw_refined       0.167  0.200  ? 31   'X-RAY DIFFRACTION' ? 
r_symmetry_vdw_other         ?      ?      ? ?    'X-RAY DIFFRACTION' ? 
r_symmetry_hbond_refined     0.206  0.200  ? 10   'X-RAY DIFFRACTION' ? 
r_symmetry_hbond_other       ?      ?      ? ?    'X-RAY DIFFRACTION' ? 
r_symmetry_metal_ion_refined ?      ?      ? ?    'X-RAY DIFFRACTION' ? 
r_symmetry_metal_ion_other   ?      ?      ? ?    'X-RAY DIFFRACTION' ? 
r_mcbond_it                  0.693  2.000  ? 1004 'X-RAY DIFFRACTION' ? 
r_mcbond_other               ?      ?      ? ?    'X-RAY DIFFRACTION' ? 
r_mcangle_it                 1.248  3.000  ? 1555 'X-RAY DIFFRACTION' ? 
r_mcangle_other              ?      ?      ? ?    'X-RAY DIFFRACTION' ? 
r_scbond_it                  2.790  6.000  ? 713  'X-RAY DIFFRACTION' ? 
r_scbond_other               ?      ?      ? ?    'X-RAY DIFFRACTION' ? 
r_scangle_it                 4.209  10.000 ? 617  'X-RAY DIFFRACTION' ? 
r_scangle_other              ?      ?      ? ?    'X-RAY DIFFRACTION' ? 
r_long_range_B_refined       ?      ?      ? ?    'X-RAY DIFFRACTION' ? 
r_long_range_B_other         ?      ?      ? ?    'X-RAY DIFFRACTION' ? 
r_rigid_bond_restr           ?      ?      ? ?    'X-RAY DIFFRACTION' ? 
r_sphericity_free            ?      ?      ? ?    'X-RAY DIFFRACTION' ? 
r_sphericity_bonded          ?      ?      ? ?    'X-RAY DIFFRACTION' ? 
# 
_refine_ls_shell.pdbx_refine_id                   'X-RAY DIFFRACTION' 
_refine_ls_shell.pdbx_total_number_of_bins_used   20 
_refine_ls_shell.d_res_high                       2.35 
_refine_ls_shell.d_res_low                        2.41 
_refine_ls_shell.number_reflns_R_work             981 
_refine_ls_shell.R_factor_R_work                  0.2750 
_refine_ls_shell.percent_reflns_obs               100.00 
_refine_ls_shell.R_factor_R_free                  0.3390 
_refine_ls_shell.R_factor_R_free_error            ? 
_refine_ls_shell.percent_reflns_R_free            ? 
_refine_ls_shell.number_reflns_R_free             54 
_refine_ls_shell.number_reflns_all                ? 
_refine_ls_shell.R_factor_all                     ? 
# 
_struct.entry_id                  2JEX 
_struct.title                     'Transcription activator structure reveals redox control of a replication initiation reaction' 
_struct.pdbx_model_details        ? 
_struct.pdbx_CASP_flag            ? 
_struct.pdbx_model_type_details   ? 
# 
_struct_keywords.entry_id        2JEX 
_struct_keywords.pdbx_keywords   TRANSCRIPTION 
_struct_keywords.text            
;NUCLEAR PROTEIN, DNA REPLICATION, PHOSPHORYLATION, TRANSCRIPTION REGULATION, VIRAL TRANSCRIPTION FACTOR, BOVINE PAPILLOMAVIRUS, REPLICATION INITIATION, EARLY PROTEIN, TRANSCRIPTION, REDOX CONTROL, E1, E2, OXIDATION, ACTIVATOR, REPRESSOR, DNA-BINDING
;
# 
loop_
_struct_asym.id 
_struct_asym.pdbx_blank_PDB_chainid_flag 
_struct_asym.pdbx_modified 
_struct_asym.entity_id 
_struct_asym.details 
A N N 1 ? 
B N N 2 ? 
# 
_struct_biol.id   1 
# 
loop_
_struct_conf.conf_type_id 
_struct_conf.id 
_struct_conf.pdbx_PDB_helix_id 
_struct_conf.beg_label_comp_id 
_struct_conf.beg_label_asym_id 
_struct_conf.beg_label_seq_id 
_struct_conf.pdbx_beg_PDB_ins_code 
_struct_conf.end_label_comp_id 
_struct_conf.end_label_asym_id 
_struct_conf.end_label_seq_id 
_struct_conf.pdbx_end_PDB_ins_code 
_struct_conf.beg_auth_comp_id 
_struct_conf.beg_auth_asym_id 
_struct_conf.beg_auth_seq_id 
_struct_conf.end_auth_comp_id 
_struct_conf.end_auth_asym_id 
_struct_conf.end_auth_seq_id 
_struct_conf.pdbx_PDB_helix_class 
_struct_conf.details 
_struct_conf.pdbx_PDB_helix_length 
HELX_P HELX_P1 1 THR A 3   ? SER A 22  ? THR A 3   SER A 22  1 ? 20 
HELX_P HELX_P2 2 LYS A 25  ? LYS A 49  ? LYS A 25  LYS A 49  1 ? 25 
HELX_P HELX_P3 3 HIS A 61  ? LYS A 84  ? HIS A 61  LYS A 84  1 ? 24 
HELX_P HELX_P4 4 THR A 85  ? GLU A 90  ? THR A 85  GLU A 90  5 ? 6  
HELX_P HELX_P5 5 SER A 98  ? SER A 104 ? SER A 98  SER A 104 1 ? 7  
HELX_P HELX_P6 6 ALA A 172 ? SER A 181 ? ALA A 172 SER A 181 1 ? 10 
# 
_struct_conf_type.id          HELX_P 
_struct_conf_type.criteria    ? 
_struct_conf_type.reference   ? 
# 
_struct_mon_prot_cis.pdbx_id                1 
_struct_mon_prot_cis.label_comp_id          GLU 
_struct_mon_prot_cis.label_seq_id           105 
_struct_mon_prot_cis.label_asym_id          A 
_struct_mon_prot_cis.label_alt_id           . 
_struct_mon_prot_cis.pdbx_PDB_ins_code      ? 
_struct_mon_prot_cis.auth_comp_id           GLU 
_struct_mon_prot_cis.auth_seq_id            105 
_struct_mon_prot_cis.auth_asym_id           A 
_struct_mon_prot_cis.pdbx_label_comp_id_2   PRO 
_struct_mon_prot_cis.pdbx_label_seq_id_2    106 
_struct_mon_prot_cis.pdbx_label_asym_id_2   A 
_struct_mon_prot_cis.pdbx_PDB_ins_code_2    ? 
_struct_mon_prot_cis.pdbx_auth_comp_id_2    PRO 
_struct_mon_prot_cis.pdbx_auth_seq_id_2     106 
_struct_mon_prot_cis.pdbx_auth_asym_id_2    A 
_struct_mon_prot_cis.pdbx_PDB_model_num     1 
_struct_mon_prot_cis.pdbx_omega_angle       -0.90 
# 
loop_
_struct_sheet.id 
_struct_sheet.type 
_struct_sheet.number_strands 
_struct_sheet.details 
AA ? 2 ? 
AB ? 7 ? 
# 
loop_
_struct_sheet_order.sheet_id 
_struct_sheet_order.range_id_1 
_struct_sheet_order.range_id_2 
_struct_sheet_order.offset 
_struct_sheet_order.sense 
AA 1 2 ? anti-parallel 
AB 1 2 ? anti-parallel 
AB 2 3 ? anti-parallel 
AB 3 4 ? anti-parallel 
AB 4 5 ? anti-parallel 
AB 5 6 ? anti-parallel 
AB 6 7 ? anti-parallel 
# 
loop_
_struct_sheet_range.sheet_id 
_struct_sheet_range.id 
_struct_sheet_range.beg_label_comp_id 
_struct_sheet_range.beg_label_asym_id 
_struct_sheet_range.beg_label_seq_id 
_struct_sheet_range.pdbx_beg_PDB_ins_code 
_struct_sheet_range.end_label_comp_id 
_struct_sheet_range.end_label_asym_id 
_struct_sheet_range.end_label_seq_id 
_struct_sheet_range.pdbx_end_PDB_ins_code 
_struct_sheet_range.beg_auth_comp_id 
_struct_sheet_range.beg_auth_asym_id 
_struct_sheet_range.beg_auth_seq_id 
_struct_sheet_range.end_auth_comp_id 
_struct_sheet_range.end_auth_asym_id 
_struct_sheet_range.end_auth_seq_id 
AA 1 VAL A 53  ? LEU A 54  ? VAL A 53  LEU A 54  
AA 2 CYS A 57  ? ARG A 58  ? CYS A 57  ARG A 58  
AB 1 GLY A 166 ? TYR A 169 ? GLY A 166 TYR A 169 
AB 2 LEU A 157 ? THR A 161 ? LEU A 157 THR A 161 
AB 3 TRP A 145 ? ALA A 152 ? TRP A 145 ALA A 152 
AB 4 THR A 128 ? ARG A 140 ? THR A 128 ARG A 140 
AB 5 PHE A 110 ? GLU A 120 ? PHE A 110 GLU A 120 
AB 6 TYR A 186 ? ARG A 189 ? TYR A 186 ARG A 189 
AB 7 VAL A 194 ? GLY A 197 ? VAL A 194 GLY A 197 
# 
loop_
_pdbx_struct_sheet_hbond.sheet_id 
_pdbx_struct_sheet_hbond.range_id_1 
_pdbx_struct_sheet_hbond.range_id_2 
_pdbx_struct_sheet_hbond.range_1_label_atom_id 
_pdbx_struct_sheet_hbond.range_1_label_comp_id 
_pdbx_struct_sheet_hbond.range_1_label_asym_id 
_pdbx_struct_sheet_hbond.range_1_label_seq_id 
_pdbx_struct_sheet_hbond.range_1_PDB_ins_code 
_pdbx_struct_sheet_hbond.range_1_auth_atom_id 
_pdbx_struct_sheet_hbond.range_1_auth_comp_id 
_pdbx_struct_sheet_hbond.range_1_auth_asym_id 
_pdbx_struct_sheet_hbond.range_1_auth_seq_id 
_pdbx_struct_sheet_hbond.range_2_label_atom_id 
_pdbx_struct_sheet_hbond.range_2_label_comp_id 
_pdbx_struct_sheet_hbond.range_2_label_asym_id 
_pdbx_struct_sheet_hbond.range_2_label_seq_id 
_pdbx_struct_sheet_hbond.range_2_PDB_ins_code 
_pdbx_struct_sheet_hbond.range_2_auth_atom_id 
_pdbx_struct_sheet_hbond.range_2_auth_comp_id 
_pdbx_struct_sheet_hbond.range_2_auth_asym_id 
_pdbx_struct_sheet_hbond.range_2_auth_seq_id 
AA 1 2 N LEU A 54  ? N LEU A 54  O CYS A 57  ? O CYS A 57  
AB 1 2 N ILE A 168 ? N ILE A 168 O TYR A 159 ? O TYR A 159 
AB 2 3 N CYS A 160 ? N CYS A 160 O LYS A 149 ? O LYS A 149 
AB 3 4 N ALA A 150 ? N ALA A 150 O TYR A 134 ? O TYR A 134 
AB 4 5 N TYR A 138 ? N TYR A 138 O PHE A 110 ? O PHE A 110 
AB 5 6 N GLU A 120 ? N GLU A 120 O SER A 187 ? O SER A 187 
AB 6 7 N VAL A 188 ? N VAL A 188 O TYR A 195 ? O TYR A 195 
# 
_atom_sites.entry_id                    2JEX 
_atom_sites.fract_transf_matrix[1][1]   -0.00801451 
_atom_sites.fract_transf_matrix[1][2]   0.01225748 
_atom_sites.fract_transf_matrix[1][3]   0.01221541 
_atom_sites.fract_transf_matrix[2][1]   -0.01788653 
_atom_sites.fract_transf_matrix[2][2]   0.00597402 
_atom_sites.fract_transf_matrix[2][3]   -0.00284363 
_atom_sites.fract_transf_matrix[3][1]   -0.00382879 
_atom_sites.fract_transf_matrix[3][2]   -0.00856728 
_atom_sites.fract_transf_matrix[3][3]   0.00608472 
_atom_sites.fract_transf_vector[1]      -0.006329 
_atom_sites.fract_transf_vector[2]      -0.115966 
_atom_sites.fract_transf_vector[3]      -0.001627 
# 
loop_
_atom_type.symbol 
C 
N 
O 
S 
# 
loop_
_atom_site.group_PDB 
_atom_site.id 
_atom_site.type_symbol 
_atom_site.label_atom_id 
_atom_site.label_alt_id 
_atom_site.label_comp_id 
_atom_site.label_asym_id 
_atom_site.label_entity_id 
_atom_site.label_seq_id 
_atom_site.pdbx_PDB_ins_code 
_atom_site.Cartn_x 
_atom_site.Cartn_y 
_atom_site.Cartn_z 
_atom_site.occupancy 
_atom_site.B_iso_or_equiv 
_atom_site.pdbx_formal_charge 
_atom_site.auth_seq_id 
_atom_site.auth_comp_id 
_atom_site.auth_asym_id 
_atom_site.auth_atom_id 
_atom_site.pdbx_PDB_model_num 
ATOM   1    N N   . THR A 1 3   ? -8.497  -22.381 -24.492 1.00 83.24  ? 3    THR A N   1 
ATOM   2    C CA  . THR A 1 3   ? -9.079  -22.238 -23.124 1.00 82.89  ? 3    THR A CA  1 
ATOM   3    C C   . THR A 1 3   ? -8.316  -21.194 -22.297 1.00 83.10  ? 3    THR A C   1 
ATOM   4    O O   . THR A 1 3   ? -8.802  -20.731 -21.255 1.00 82.64  ? 3    THR A O   1 
ATOM   5    C CB  . THR A 1 3   ? -9.154  -23.603 -22.390 1.00 83.27  ? 3    THR A CB  1 
ATOM   6    O OG1 . THR A 1 3   ? -10.050 -23.522 -21.284 1.00 83.03  ? 3    THR A OG1 1 
ATOM   7    C CG2 . THR A 1 3   ? -7.750  -24.063 -21.933 1.00 83.08  ? 3    THR A CG2 1 
ATOM   8    N N   . ALA A 1 4   ? -7.125  -20.827 -22.780 1.00 82.94  ? 4    ALA A N   1 
ATOM   9    C CA  . ALA A 1 4   ? -6.346  -19.719 -22.230 1.00 82.38  ? 4    ALA A CA  1 
ATOM   10   C C   . ALA A 1 4   ? -7.054  -18.399 -22.515 1.00 82.49  ? 4    ALA A C   1 
ATOM   11   O O   . ALA A 1 4   ? -6.884  -17.417 -21.783 1.00 82.41  ? 4    ALA A O   1 
ATOM   12   C CB  . ALA A 1 4   ? -4.958  -19.704 -22.826 1.00 82.38  ? 4    ALA A CB  1 
ATOM   13   N N   . CYS A 1 5   ? -7.849  -18.396 -23.583 1.00 82.22  ? 5    CYS A N   1 
ATOM   14   C CA  . CYS A 1 5   ? -8.660  -17.249 -23.988 1.00 81.66  ? 5    CYS A CA  1 
ATOM   15   C C   . CYS A 1 5   ? -9.901  -17.088 -23.106 1.00 80.98  ? 5    CYS A C   1 
ATOM   16   O O   . CYS A 1 5   ? -10.297 -15.965 -22.775 1.00 80.58  ? 5    CYS A O   1 
ATOM   17   C CB  . CYS A 1 5   ? -9.084  -17.409 -25.450 1.00 81.90  ? 5    CYS A CB  1 
ATOM   18   S SG  . CYS A 1 5   ? -9.129  -15.867 -26.368 1.00 83.09  ? 5    CYS A SG  1 
ATOM   19   N N   . GLU A 1 6   ? -10.510 -18.211 -22.728 1.00 80.20  ? 6    GLU A N   1 
ATOM   20   C CA  . GLU A 1 6   ? -11.702 -18.194 -21.875 1.00 79.79  ? 6    GLU A CA  1 
ATOM   21   C C   . GLU A 1 6   ? -11.331 -17.945 -20.419 1.00 79.32  ? 6    GLU A C   1 
ATOM   22   O O   . GLU A 1 6   ? -12.062 -17.275 -19.693 1.00 79.39  ? 6    GLU A O   1 
ATOM   23   C CB  . GLU A 1 6   ? -12.474 -19.510 -21.974 1.00 79.72  ? 6    GLU A CB  1 
ATOM   24   C CG  . GLU A 1 6   ? -12.841 -19.949 -23.383 1.00 79.52  ? 6    GLU A CG  1 
ATOM   25   C CD  . GLU A 1 6   ? -13.062 -21.452 -23.459 1.00 78.81  ? 6    GLU A CD  1 
ATOM   26   O OE1 . GLU A 1 6   ? -12.321 -22.191 -22.731 1.00 77.11  ? 6    GLU A OE1 1 
ATOM   27   O OE2 . GLU A 1 6   ? -13.974 -21.894 -24.240 1.00 78.39  ? 6    GLU A OE2 1 
ATOM   28   N N   . ARG A 1 7   ? -10.200 -18.508 -20.000 1.00 78.87  ? 7    ARG A N   1 
ATOM   29   C CA  . ARG A 1 7   ? -9.691  -18.348 -18.642 1.00 78.43  ? 7    ARG A CA  1 
ATOM   30   C C   . ARG A 1 7   ? -9.316  -16.881 -18.408 1.00 77.68  ? 7    ARG A C   1 
ATOM   31   O O   . ARG A 1 7   ? -9.561  -16.329 -17.330 1.00 77.27  ? 7    ARG A O   1 
ATOM   32   C CB  . ARG A 1 7   ? -8.483  -19.263 -18.427 1.00 78.33  ? 7    ARG A CB  1 
ATOM   33   C CG  . ARG A 1 7   ? -8.124  -19.518 -16.970 1.00 80.01  ? 7    ARG A CG  1 
ATOM   34   C CD  . ARG A 1 7   ? -6.896  -20.412 -16.848 1.00 79.21  ? 7    ARG A CD  1 
ATOM   35   N NE  . ARG A 1 7   ? -7.148  -21.794 -17.264 1.00 83.90  ? 7    ARG A NE  1 
ATOM   36   C CZ  . ARG A 1 7   ? -6.672  -22.359 -18.375 1.00 82.68  ? 7    ARG A CZ  1 
ATOM   37   N NH1 . ARG A 1 7   ? -5.898  -21.677 -19.216 1.00 81.80  ? 7    ARG A NH1 1 
ATOM   38   N NH2 . ARG A 1 7   ? -6.971  -23.620 -18.641 1.00 81.11  ? 7    ARG A NH2 1 
ATOM   39   N N   . LEU A 1 8   ? -8.735  -16.264 -19.438 1.00 76.97  ? 8    LEU A N   1 
ATOM   40   C CA  . LEU A 1 8   ? -8.426  -14.838 -19.450 1.00 76.18  ? 8    LEU A CA  1 
ATOM   41   C C   . LEU A 1 8   ? -9.678  -13.980 -19.285 1.00 76.04  ? 8    LEU A C   1 
ATOM   42   O O   . LEU A 1 8   ? -9.674  -13.023 -18.508 1.00 76.62  ? 8    LEU A O   1 
ATOM   43   C CB  . LEU A 1 8   ? -7.692  -14.460 -20.744 1.00 75.94  ? 8    LEU A CB  1 
ATOM   44   C CG  . LEU A 1 8   ? -7.212  -13.017 -20.942 1.00 76.28  ? 8    LEU A CG  1 
ATOM   45   C CD1 . LEU A 1 8   ? -6.199  -12.588 -19.871 1.00 72.51  ? 8    LEU A CD1 1 
ATOM   46   C CD2 . LEU A 1 8   ? -6.623  -12.860 -22.323 1.00 75.55  ? 8    LEU A CD2 1 
ATOM   47   N N   . HIS A 1 9   ? -10.736 -14.327 -20.016 1.00 75.53  ? 9    HIS A N   1 
ATOM   48   C CA  . HIS A 1 9   ? -12.002 -13.596 -19.964 1.00 75.14  ? 9    HIS A CA  1 
ATOM   49   C C   . HIS A 1 9   ? -12.612 -13.638 -18.567 1.00 74.29  ? 9    HIS A C   1 
ATOM   50   O O   . HIS A 1 9   ? -13.106 -12.623 -18.073 1.00 74.04  ? 9    HIS A O   1 
ATOM   51   C CB  . HIS A 1 9   ? -12.991 -14.141 -20.999 1.00 75.07  ? 9    HIS A CB  1 
ATOM   52   C CG  . HIS A 1 9   ? -14.359 -13.531 -20.911 1.00 77.61  ? 9    HIS A CG  1 
ATOM   53   N ND1 . HIS A 1 9   ? -14.668 -12.305 -21.465 1.00 80.00  ? 9    HIS A ND1 1 
ATOM   54   C CD2 . HIS A 1 9   ? -15.500 -13.980 -20.332 1.00 79.37  ? 9    HIS A CD2 1 
ATOM   55   C CE1 . HIS A 1 9   ? -15.937 -12.024 -21.230 1.00 79.90  ? 9    HIS A CE1 1 
ATOM   56   N NE2 . HIS A 1 9   ? -16.465 -13.024 -20.543 1.00 80.40  ? 9    HIS A NE2 1 
ATOM   57   N N   . VAL A 1 10  ? -12.566 -14.813 -17.941 1.00 73.56  ? 10   VAL A N   1 
ATOM   58   C CA  . VAL A 1 10  ? -13.102 -15.010 -16.590 1.00 72.95  ? 10   VAL A CA  1 
ATOM   59   C C   . VAL A 1 10  ? -12.301 -14.220 -15.544 1.00 72.01  ? 10   VAL A C   1 
ATOM   60   O O   . VAL A 1 10  ? -12.885 -13.590 -14.659 1.00 72.13  ? 10   VAL A O   1 
ATOM   61   C CB  . VAL A 1 10  ? -13.177 -16.521 -16.210 1.00 73.12  ? 10   VAL A CB  1 
ATOM   62   C CG1 . VAL A 1 10  ? -13.714 -16.711 -14.794 1.00 73.32  ? 10   VAL A CG1 1 
ATOM   63   C CG2 . VAL A 1 10  ? -14.054 -17.283 -17.204 1.00 72.87  ? 10   VAL A CG2 1 
ATOM   64   N N   . ALA A 1 11  ? -10.975 -14.246 -15.668 1.00 70.75  ? 11   ALA A N   1 
ATOM   65   C CA  . ALA A 1 11  ? -10.080 -13.539 -14.756 1.00 69.48  ? 11   ALA A CA  1 
ATOM   66   C C   . ALA A 1 11  ? -10.235 -12.016 -14.829 1.00 69.40  ? 11   ALA A C   1 
ATOM   67   O O   . ALA A 1 11  ? -10.167 -11.331 -13.801 1.00 69.16  ? 11   ALA A O   1 
ATOM   68   C CB  . ALA A 1 11  ? -8.649  -13.939 -15.007 1.00 69.31  ? 11   ALA A CB  1 
ATOM   69   N N   . GLN A 1 12  ? -10.447 -11.498 -16.037 1.00 68.74  ? 12   GLN A N   1 
ATOM   70   C CA  . GLN A 1 12  ? -10.688 -10.068 -16.243 1.00 68.84  ? 12   GLN A CA  1 
ATOM   71   C C   . GLN A 1 12  ? -12.087 -9.643  -15.784 1.00 69.03  ? 12   GLN A C   1 
ATOM   72   O O   . GLN A 1 12  ? -12.264 -8.556  -15.225 1.00 68.81  ? 12   GLN A O   1 
ATOM   73   C CB  . GLN A 1 12  ? -10.490 -9.705  -17.712 1.00 68.66  ? 12   GLN A CB  1 
ATOM   74   C CG  . GLN A 1 12  ? -9.048  -9.732  -18.152 1.00 69.18  ? 12   GLN A CG  1 
ATOM   75   C CD  . GLN A 1 12  ? -8.902  -9.778  -19.656 1.00 72.13  ? 12   GLN A CD  1 
ATOM   76   O OE1 . GLN A 1 12  ? -9.735  -10.354 -20.353 1.00 73.38  ? 12   GLN A OE1 1 
ATOM   77   N NE2 . GLN A 1 12  ? -7.829  -9.176  -20.167 1.00 71.65  ? 12   GLN A NE2 1 
ATOM   78   N N   . GLU A 1 13  ? -13.069 -10.512 -16.041 1.00 69.28  ? 13   GLU A N   1 
ATOM   79   C CA  . GLU A 1 13  ? -14.459 -10.311 -15.635 1.00 69.22  ? 13   GLU A CA  1 
ATOM   80   C C   . GLU A 1 13  ? -14.619 -10.368 -14.115 1.00 68.87  ? 13   GLU A C   1 
ATOM   81   O O   . GLU A 1 13  ? -15.454 -9.665  -13.554 1.00 69.31  ? 13   GLU A O   1 
ATOM   82   C CB  . GLU A 1 13  ? -15.354 -11.370 -16.291 1.00 69.47  ? 13   GLU A CB  1 
ATOM   83   C CG  . GLU A 1 13  ? -16.823 -10.991 -16.420 1.00 70.60  ? 13   GLU A CG  1 
ATOM   84   C CD  . GLU A 1 13  ? -17.124 -10.250 -17.711 1.00 75.30  ? 13   GLU A CD  1 
ATOM   85   O OE1 . GLU A 1 13  ? -17.973 -10.740 -18.493 1.00 77.51  ? 13   GLU A OE1 1 
ATOM   86   O OE2 . GLU A 1 13  ? -16.511 -9.188  -17.956 1.00 75.77  ? 13   GLU A OE2 1 
ATOM   87   N N   . THR A 1 14  ? -13.827 -11.217 -13.465 1.00 68.76  ? 14   THR A N   1 
ATOM   88   C CA  . THR A 1 14  ? -13.810 -11.336 -12.004 1.00 68.77  ? 14   THR A CA  1 
ATOM   89   C C   . THR A 1 14  ? -13.338 -10.040 -11.330 1.00 69.01  ? 14   THR A C   1 
ATOM   90   O O   . THR A 1 14  ? -13.939 -9.593  -10.343 1.00 69.27  ? 14   THR A O   1 
ATOM   91   C CB  . THR A 1 14  ? -12.945 -12.540 -11.543 1.00 68.56  ? 14   THR A CB  1 
ATOM   92   O OG1 . THR A 1 14  ? -13.536 -13.754 -12.014 1.00 68.02  ? 14   THR A OG1 1 
ATOM   93   C CG2 . THR A 1 14  ? -12.858 -12.605 -10.031 1.00 68.91  ? 14   THR A CG2 1 
ATOM   94   N N   . GLN A 1 15  ? -12.273 -9.447  -11.872 1.00 69.20  ? 15   GLN A N   1 
ATOM   95   C CA  . GLN A 1 15  ? -11.757 -8.168  -11.402 1.00 69.53  ? 15   GLN A CA  1 
ATOM   96   C C   . GLN A 1 15  ? -12.808 -7.077  -11.578 1.00 70.25  ? 15   GLN A C   1 
ATOM   97   O O   . GLN A 1 15  ? -13.054 -6.295  -10.654 1.00 70.11  ? 15   GLN A O   1 
ATOM   98   C CB  . GLN A 1 15  ? -10.484 -7.785  -12.159 1.00 69.69  ? 15   GLN A CB  1 
ATOM   99   C CG  . GLN A 1 15  ? -9.259  -8.615  -11.828 1.00 69.08  ? 15   GLN A CG  1 
ATOM   100  C CD  . GLN A 1 15  ? -8.184  -8.493  -12.896 1.00 69.33  ? 15   GLN A CD  1 
ATOM   101  O OE1 . GLN A 1 15  ? -7.553  -7.445  -13.056 1.00 68.45  ? 15   GLN A OE1 1 
ATOM   102  N NE2 . GLN A 1 15  ? -7.973  -9.570  -13.635 1.00 68.94  ? 15   GLN A NE2 1 
ATOM   103  N N   . MET A 1 16  ? -13.437 -7.051  -12.756 1.00 70.85  ? 16   MET A N   1 
ATOM   104  C CA  . MET A 1 16  ? -14.457 -6.050  -13.083 1.00 72.26  ? 16   MET A CA  1 
ATOM   105  C C   . MET A 1 16  ? -15.717 -6.191  -12.221 1.00 71.77  ? 16   MET A C   1 
ATOM   106  O O   . MET A 1 16  ? -16.354 -5.194  -11.873 1.00 71.60  ? 16   MET A O   1 
ATOM   107  C CB  . MET A 1 16  ? -14.803 -6.112  -14.574 1.00 72.04  ? 16   MET A CB  1 
ATOM   108  C CG  . MET A 1 16  ? -15.235 -4.781  -15.178 1.00 73.13  ? 16   MET A CG  1 
ATOM   109  S SD  . MET A 1 16  ? -15.281 -4.780  -16.994 1.00 75.32  ? 16   MET A SD  1 
ATOM   110  C CE  . MET A 1 16  ? -13.534 -4.867  -17.399 1.00 78.56  ? 16   MET A CE  1 
ATOM   111  N N   . GLN A 1 17  ? -16.061 -7.432  -11.876 1.00 71.91  ? 17   GLN A N   1 
ATOM   112  C CA  . GLN A 1 17  ? -17.191 -7.723  -10.984 1.00 71.79  ? 17   GLN A CA  1 
ATOM   113  C C   . GLN A 1 17  ? -16.918 -7.313  -9.542  1.00 71.37  ? 17   GLN A C   1 
ATOM   114  O O   . GLN A 1 17  ? -17.809 -6.841  -8.845  1.00 71.52  ? 17   GLN A O   1 
ATOM   115  C CB  . GLN A 1 17  ? -17.540 -9.213  -11.021 1.00 71.54  ? 17   GLN A CB  1 
ATOM   116  C CG  . GLN A 1 17  ? -18.447 -9.622  -12.176 1.00 72.26  ? 17   GLN A CG  1 
ATOM   117  C CD  . GLN A 1 17  ? -18.590 -11.135 -12.314 1.00 72.31  ? 17   GLN A CD  1 
ATOM   118  O OE1 . GLN A 1 17  ? -17.750 -11.906 -11.829 1.00 72.49  ? 17   GLN A OE1 1 
ATOM   119  N NE2 . GLN A 1 17  ? -19.657 -11.563 -12.988 1.00 71.54  ? 17   GLN A NE2 1 
ATOM   120  N N   . LEU A 1 18  ? -15.684 -7.513  -9.095  1.00 71.57  ? 18   LEU A N   1 
ATOM   121  C CA  . LEU A 1 18  ? -15.329 -7.251  -7.706  1.00 71.52  ? 18   LEU A CA  1 
ATOM   122  C C   . LEU A 1 18  ? -15.085 -5.770  -7.427  1.00 71.65  ? 18   LEU A C   1 
ATOM   123  O O   . LEU A 1 18  ? -15.352 -5.295  -6.319  1.00 71.82  ? 18   LEU A O   1 
ATOM   124  C CB  . LEU A 1 18  ? -14.142 -8.120  -7.272  1.00 71.15  ? 18   LEU A CB  1 
ATOM   125  C CG  . LEU A 1 18  ? -14.510 -9.586  -7.001  1.00 70.94  ? 18   LEU A CG  1 
ATOM   126  C CD1 . LEU A 1 18  ? -13.280 -10.471 -6.937  1.00 67.55  ? 18   LEU A CD1 1 
ATOM   127  C CD2 . LEU A 1 18  ? -15.348 -9.736  -5.733  1.00 69.27  ? 18   LEU A CD2 1 
ATOM   128  N N   . ILE A 1 19  ? -14.593 -5.049  -8.434  1.00 71.70  ? 19   ILE A N   1 
ATOM   129  C CA  . ILE A 1 19  ? -14.454 -3.592  -8.346  1.00 71.36  ? 19   ILE A CA  1 
ATOM   130  C C   . ILE A 1 19  ? -15.835 -2.934  -8.216  1.00 71.56  ? 19   ILE A C   1 
ATOM   131  O O   . ILE A 1 19  ? -16.046 -2.111  -7.315  1.00 71.99  ? 19   ILE A O   1 
ATOM   132  C CB  . ILE A 1 19  ? -13.637 -3.000  -9.538  1.00 71.67  ? 19   ILE A CB  1 
ATOM   133  C CG1 . ILE A 1 19  ? -12.163 -3.431  -9.454  1.00 70.83  ? 19   ILE A CG1 1 
ATOM   134  C CG2 . ILE A 1 19  ? -13.750 -1.467  -9.572  1.00 70.70  ? 19   ILE A CG2 1 
ATOM   135  C CD1 . ILE A 1 19  ? -11.369 -3.255  -10.759 1.00 70.72  ? 19   ILE A CD1 1 
ATOM   136  N N   . GLU A 1 20  ? -16.769 -3.311  -9.091  1.00 71.37  ? 20   GLU A N   1 
ATOM   137  C CA  . GLU A 1 20  ? -18.157 -2.825  -9.018  1.00 71.63  ? 20   GLU A CA  1 
ATOM   138  C C   . GLU A 1 20  ? -18.783 -3.087  -7.650  1.00 71.18  ? 20   GLU A C   1 
ATOM   139  O O   . GLU A 1 20  ? -19.362 -2.185  -7.046  1.00 71.21  ? 20   GLU A O   1 
ATOM   140  C CB  . GLU A 1 20  ? -19.027 -3.462  -10.106 1.00 71.50  ? 20   GLU A CB  1 
ATOM   141  C CG  . GLU A 1 20  ? -18.855 -2.863  -11.492 1.00 72.99  ? 20   GLU A CG  1 
ATOM   142  C CD  . GLU A 1 20  ? -19.853 -3.418  -12.501 1.00 72.75  ? 20   GLU A CD  1 
ATOM   143  O OE1 . GLU A 1 20  ? -21.069 -3.148  -12.359 1.00 74.24  ? 20   GLU A OE1 1 
ATOM   144  O OE2 . GLU A 1 20  ? -19.418 -4.115  -13.447 1.00 76.08  ? 20   GLU A OE2 1 
ATOM   145  N N   . LYS A 1 21  ? -18.656 -4.326  -7.176  1.00 71.00  ? 21   LYS A N   1 
ATOM   146  C CA  . LYS A 1 21  ? -19.158 -4.747  -5.866  1.00 70.58  ? 21   LYS A CA  1 
ATOM   147  C C   . LYS A 1 21  ? -18.579 -3.904  -4.732  1.00 70.57  ? 21   LYS A C   1 
ATOM   148  O O   . LYS A 1 21  ? -19.302 -3.519  -3.813  1.00 70.71  ? 21   LYS A O   1 
ATOM   149  C CB  . LYS A 1 21  ? -18.855 -6.236  -5.642  1.00 71.09  ? 21   LYS A CB  1 
ATOM   150  C CG  . LYS A 1 21  ? -18.834 -6.697  -4.185  1.00 70.74  ? 21   LYS A CG  1 
ATOM   151  C CD  . LYS A 1 21  ? -18.289 -8.108  -4.060  1.00 69.69  ? 21   LYS A CD  1 
ATOM   152  C CE  . LYS A 1 21  ? -19.393 -9.139  -4.054  1.00 66.69  ? 21   LYS A CE  1 
ATOM   153  N NZ  . LYS A 1 21  ? -19.966 -9.292  -2.690  1.00 66.15  ? 21   LYS A NZ  1 
ATOM   154  N N   . SER A 1 22  ? -17.280 -3.619  -4.816  1.00 70.54  ? 22   SER A N   1 
ATOM   155  C CA  . SER A 1 22  ? -16.546 -2.880  -3.780  1.00 70.60  ? 22   SER A CA  1 
ATOM   156  C C   . SER A 1 22  ? -16.809 -3.443  -2.380  1.00 70.18  ? 22   SER A C   1 
ATOM   157  O O   . SER A 1 22  ? -17.368 -2.771  -1.515  1.00 70.11  ? 22   SER A O   1 
ATOM   158  C CB  . SER A 1 22  ? -16.841 -1.376  -3.847  1.00 70.56  ? 22   SER A CB  1 
ATOM   159  O OG  . SER A 1 22  ? -15.923 -0.654  -3.044  1.00 70.95  ? 22   SER A OG  1 
ATOM   160  N N   . SER A 1 23  ? -16.399 -4.693  -2.188  1.00 70.19  ? 23   SER A N   1 
ATOM   161  C CA  . SER A 1 23  ? -16.641 -5.428  -0.953  1.00 69.56  ? 23   SER A CA  1 
ATOM   162  C C   . SER A 1 23  ? -15.749 -4.952  0.187   1.00 69.05  ? 23   SER A C   1 
ATOM   163  O O   . SER A 1 23  ? -14.664 -4.398  -0.031  1.00 68.50  ? 23   SER A O   1 
ATOM   164  C CB  . SER A 1 23  ? -16.426 -6.928  -1.186  1.00 69.71  ? 23   SER A CB  1 
ATOM   165  O OG  . SER A 1 23  ? -16.725 -7.683  -0.027  1.00 69.35  ? 23   SER A OG  1 
ATOM   166  N N   . ASP A 1 24  ? -16.230 -5.181  1.404   1.00 68.47  ? 24   ASP A N   1 
ATOM   167  C CA  . ASP A 1 24  ? -15.477 -4.888  2.611   1.00 68.18  ? 24   ASP A CA  1 
ATOM   168  C C   . ASP A 1 24  ? -15.050 -6.197  3.282   1.00 67.90  ? 24   ASP A C   1 
ATOM   169  O O   . ASP A 1 24  ? -14.581 -6.208  4.417   1.00 67.50  ? 24   ASP A O   1 
ATOM   170  C CB  . ASP A 1 24  ? -16.298 -3.985  3.548   1.00 68.29  ? 24   ASP A CB  1 
ATOM   171  C CG  . ASP A 1 24  ? -16.735 -2.683  2.873   1.00 68.50  ? 24   ASP A CG  1 
ATOM   172  O OD1 . ASP A 1 24  ? -15.877 -1.989  2.261   1.00 67.56  ? 24   ASP A OD1 1 
ATOM   173  O OD2 . ASP A 1 24  ? -17.944 -2.350  2.953   1.00 72.39  ? 24   ASP A OD2 1 
ATOM   174  N N   . LYS A 1 25  ? -15.201 -7.299  2.555   1.00 68.40  ? 25   LYS A N   1 
ATOM   175  C CA  . LYS A 1 25  ? -14.747 -8.608  3.032   1.00 68.90  ? 25   LYS A CA  1 
ATOM   176  C C   . LYS A 1 25  ? -13.399 -9.002  2.425   1.00 68.35  ? 25   LYS A C   1 
ATOM   177  O O   . LYS A 1 25  ? -13.212 -8.929  1.212   1.00 68.47  ? 25   LYS A O   1 
ATOM   178  C CB  . LYS A 1 25  ? -15.811 -9.691  2.787   1.00 68.81  ? 25   LYS A CB  1 
ATOM   179  C CG  . LYS A 1 25  ? -15.315 -11.132 2.963   1.00 70.78  ? 25   LYS A CG  1 
ATOM   180  C CD  . LYS A 1 25  ? -14.815 -11.427 4.385   1.00 71.18  ? 25   LYS A CD  1 
ATOM   181  C CE  . LYS A 1 25  ? -13.968 -12.694 4.424   1.00 67.65  ? 25   LYS A CE  1 
ATOM   182  N NZ  . LYS A 1 25  ? -14.819 -13.918 4.247   1.00 73.86  ? 25   LYS A NZ  1 
ATOM   183  N N   . LEU A 1 26  ? -12.478 -9.418  3.295   1.00 68.23  ? 26   LEU A N   1 
ATOM   184  C CA  . LEU A 1 26  ? -11.126 -9.823  2.916   1.00 68.32  ? 26   LEU A CA  1 
ATOM   185  C C   . LEU A 1 26  ? -11.069 -10.923 1.837   1.00 68.36  ? 26   LEU A C   1 
ATOM   186  O O   . LEU A 1 26  ? -10.194 -10.901 0.976   1.00 68.25  ? 26   LEU A O   1 
ATOM   187  C CB  . LEU A 1 26  ? -10.328 -10.241 4.166   1.00 68.34  ? 26   LEU A CB  1 
ATOM   188  C CG  . LEU A 1 26  ? -8.823  -10.582 4.072   1.00 69.28  ? 26   LEU A CG  1 
ATOM   189  C CD1 . LEU A 1 26  ? -8.005  -9.582  3.217   1.00 67.60  ? 26   LEU A CD1 1 
ATOM   190  C CD2 . LEU A 1 26  ? -8.219  -10.701 5.467   1.00 67.76  ? 26   LEU A CD2 1 
ATOM   191  N N   . GLN A 1 27  ? -12.010 -11.860 1.889   1.00 68.43  ? 27   GLN A N   1 
ATOM   192  C CA  . GLN A 1 27  ? -12.052 -12.988 0.966   1.00 69.46  ? 27   GLN A CA  1 
ATOM   193  C C   . GLN A 1 27  ? -12.316 -12.575 -0.481  1.00 68.99  ? 27   GLN A C   1 
ATOM   194  O O   . GLN A 1 27  ? -11.762 -13.158 -1.403  1.00 68.90  ? 27   GLN A O   1 
ATOM   195  C CB  . GLN A 1 27  ? -13.083 -14.022 1.423   1.00 69.34  ? 27   GLN A CB  1 
ATOM   196  C CG  . GLN A 1 27  ? -12.974 -15.369 0.720   1.00 73.54  ? 27   GLN A CG  1 
ATOM   197  C CD  . GLN A 1 27  ? -11.570 -15.949 0.770   1.00 82.63  ? 27   GLN A CD  1 
ATOM   198  O OE1 . GLN A 1 27  ? -11.009 -16.329 -0.258  1.00 82.70  ? 27   GLN A OE1 1 
ATOM   199  N NE2 . GLN A 1 27  ? -10.994 -16.015 1.972   1.00 88.01  ? 27   GLN A NE2 1 
ATOM   200  N N   . ASP A 1 28  ? -13.159 -11.568 -0.674  1.00 69.12  ? 28   ASP A N   1 
ATOM   201  C CA  . ASP A 1 28  ? -13.377 -11.010 -2.001  1.00 68.99  ? 28   ASP A CA  1 
ATOM   202  C C   . ASP A 1 28  ? -12.107 -10.384 -2.585  1.00 68.76  ? 28   ASP A C   1 
ATOM   203  O O   . ASP A 1 28  ? -11.905 -10.401 -3.800  1.00 68.89  ? 28   ASP A O   1 
ATOM   204  C CB  . ASP A 1 28  ? -14.504 -9.981  -1.963  1.00 69.23  ? 28   ASP A CB  1 
ATOM   205  C CG  . ASP A 1 28  ? -15.861 -10.617 -1.777  1.00 69.34  ? 28   ASP A CG  1 
ATOM   206  O OD1 . ASP A 1 28  ? -16.599 -10.187 -0.865  1.00 72.79  ? 28   ASP A OD1 1 
ATOM   207  O OD2 . ASP A 1 28  ? -16.189 -11.554 -2.537  1.00 71.20  ? 28   ASP A OD2 1 
ATOM   208  N N   . HIS A 1 29  ? -11.256 -9.841  -1.718  1.00 67.75  ? 29   HIS A N   1 
ATOM   209  C CA  . HIS A 1 29  ? -10.011 -9.216  -2.149  1.00 67.87  ? 29   HIS A CA  1 
ATOM   210  C C   . HIS A 1 29  ? -8.923  -10.249 -2.436  1.00 68.28  ? 29   HIS A C   1 
ATOM   211  O O   . HIS A 1 29  ? -8.143  -10.092 -3.363  1.00 69.09  ? 29   HIS A O   1 
ATOM   212  C CB  . HIS A 1 29  ? -9.560  -8.171  -1.124  1.00 67.23  ? 29   HIS A CB  1 
ATOM   213  C CG  . HIS A 1 29  ? -10.595 -7.123  -0.858  1.00 67.12  ? 29   HIS A CG  1 
ATOM   214  N ND1 . HIS A 1 29  ? -11.306 -6.511  -1.869  1.00 64.23  ? 29   HIS A ND1 1 
ATOM   215  C CD2 . HIS A 1 29  ? -11.059 -6.597  0.299   1.00 65.64  ? 29   HIS A CD2 1 
ATOM   216  C CE1 . HIS A 1 29  ? -12.158 -5.650  -1.346  1.00 65.61  ? 29   HIS A CE1 1 
ATOM   217  N NE2 . HIS A 1 29  ? -12.024 -5.678  -0.032  1.00 67.69  ? 29   HIS A NE2 1 
ATOM   218  N N   . ILE A 1 30  ? -8.882  -11.303 -1.632  1.00 68.49  ? 30   ILE A N   1 
ATOM   219  C CA  . ILE A 1 30  ? -8.084  -12.478 -1.946  1.00 68.63  ? 30   ILE A CA  1 
ATOM   220  C C   . ILE A 1 30  ? -8.442  -12.964 -3.351  1.00 69.49  ? 30   ILE A C   1 
ATOM   221  O O   . ILE A 1 30  ? -7.554  -13.170 -4.182  1.00 70.39  ? 30   ILE A O   1 
ATOM   222  C CB  . ILE A 1 30  ? -8.277  -13.602 -0.891  1.00 68.60  ? 30   ILE A CB  1 
ATOM   223  C CG1 . ILE A 1 30  ? -7.686  -13.153 0.457   1.00 65.84  ? 30   ILE A CG1 1 
ATOM   224  C CG2 . ILE A 1 30  ? -7.661  -14.940 -1.394  1.00 67.19  ? 30   ILE A CG2 1 
ATOM   225  C CD1 . ILE A 1 30  ? -7.961  -14.063 1.637   1.00 67.77  ? 30   ILE A CD1 1 
ATOM   226  N N   . LEU A 1 31  ? -9.745  -13.099 -3.606  1.00 69.08  ? 31   LEU A N   1 
ATOM   227  C CA  . LEU A 1 31  ? -10.289 -13.511 -4.900  1.00 69.03  ? 31   LEU A CA  1 
ATOM   228  C C   . LEU A 1 31  ? -9.896  -12.589 -6.040  1.00 68.87  ? 31   LEU A C   1 
ATOM   229  O O   . LEU A 1 31  ? -9.530  -13.055 -7.111  1.00 68.87  ? 31   LEU A O   1 
ATOM   230  C CB  . LEU A 1 31  ? -11.814 -13.600 -4.822  1.00 68.88  ? 31   LEU A CB  1 
ATOM   231  C CG  . LEU A 1 31  ? -12.554 -14.935 -4.764  1.00 71.10  ? 31   LEU A CG  1 
ATOM   232  C CD1 . LEU A 1 31  ? -11.693 -16.101 -4.277  1.00 76.52  ? 31   LEU A CD1 1 
ATOM   233  C CD2 . LEU A 1 31  ? -13.816 -14.774 -3.915  1.00 72.70  ? 31   LEU A CD2 1 
ATOM   234  N N   . TYR A 1 32  ? -9.990  -11.282 -5.798  1.00 69.59  ? 32   TYR A N   1 
ATOM   235  C CA  . TYR A 1 32  ? -9.598  -10.260 -6.764  1.00 69.16  ? 32   TYR A CA  1 
ATOM   236  C C   . TYR A 1 32  ? -8.125  -10.373 -7.143  1.00 69.37  ? 32   TYR A C   1 
ATOM   237  O O   . TYR A 1 32  ? -7.786  -10.287 -8.320  1.00 69.84  ? 32   TYR A O   1 
ATOM   238  C CB  . TYR A 1 32  ? -9.919  -8.847  -6.230  1.00 69.20  ? 32   TYR A CB  1 
ATOM   239  C CG  . TYR A 1 32  ? -9.269  -7.721  -7.011  1.00 67.27  ? 32   TYR A CG  1 
ATOM   240  C CD1 . TYR A 1 32  ? -9.879  -7.188  -8.151  1.00 68.76  ? 32   TYR A CD1 1 
ATOM   241  C CD2 . TYR A 1 32  ? -8.038  -7.200  -6.616  1.00 68.20  ? 32   TYR A CD2 1 
ATOM   242  C CE1 . TYR A 1 32  ? -9.275  -6.161  -8.881  1.00 69.02  ? 32   TYR A CE1 1 
ATOM   243  C CE2 . TYR A 1 32  ? -7.423  -6.174  -7.334  1.00 67.80  ? 32   TYR A CE2 1 
ATOM   244  C CZ  . TYR A 1 32  ? -8.044  -5.661  -8.460  1.00 69.93  ? 32   TYR A CZ  1 
ATOM   245  O OH  . TYR A 1 32  ? -7.428  -4.657  -9.166  1.00 70.05  ? 32   TYR A OH  1 
ATOM   246  N N   . TRP A 1 33  ? -7.249  -10.555 -6.157  1.00 69.27  ? 33   TRP A N   1 
ATOM   247  C CA  . TRP A 1 33  ? -5.813  -10.614 -6.450  1.00 69.53  ? 33   TRP A CA  1 
ATOM   248  C C   . TRP A 1 33  ? -5.390  -11.905 -7.119  1.00 69.20  ? 33   TRP A C   1 
ATOM   249  O O   . TRP A 1 33  ? -4.432  -11.916 -7.887  1.00 68.66  ? 33   TRP A O   1 
ATOM   250  C CB  . TRP A 1 33  ? -4.960  -10.328 -5.219  1.00 68.71  ? 33   TRP A CB  1 
ATOM   251  C CG  . TRP A 1 33  ? -4.926  -8.876  -4.932  1.00 70.48  ? 33   TRP A CG  1 
ATOM   252  C CD1 . TRP A 1 33  ? -5.556  -8.223  -3.906  1.00 70.80  ? 33   TRP A CD1 1 
ATOM   253  C CD2 . TRP A 1 33  ? -4.259  -7.867  -5.702  1.00 71.79  ? 33   TRP A CD2 1 
ATOM   254  N NE1 . TRP A 1 33  ? -5.312  -6.867  -3.981  1.00 70.95  ? 33   TRP A NE1 1 
ATOM   255  C CE2 . TRP A 1 33  ? -4.523  -6.619  -5.074  1.00 71.09  ? 33   TRP A CE2 1 
ATOM   256  C CE3 . TRP A 1 33  ? -3.463  -7.892  -6.857  1.00 68.25  ? 33   TRP A CE3 1 
ATOM   257  C CZ2 . TRP A 1 33  ? -4.014  -5.411  -5.563  1.00 67.25  ? 33   TRP A CZ2 1 
ATOM   258  C CZ3 . TRP A 1 33  ? -2.949  -6.684  -7.340  1.00 71.93  ? 33   TRP A CZ3 1 
ATOM   259  C CH2 . TRP A 1 33  ? -3.237  -5.461  -6.695  1.00 67.47  ? 33   TRP A CH2 1 
ATOM   260  N N   . THR A 1 34  ? -6.115  -12.981 -6.826  1.00 69.27  ? 34   THR A N   1 
ATOM   261  C CA  . THR A 1 34  ? -5.880  -14.267 -7.460  1.00 69.86  ? 34   THR A CA  1 
ATOM   262  C C   . THR A 1 34  ? -6.285  -14.223 -8.942  1.00 69.67  ? 34   THR A C   1 
ATOM   263  O O   . THR A 1 34  ? -5.704  -14.923 -9.769  1.00 69.60  ? 34   THR A O   1 
ATOM   264  C CB  . THR A 1 34  ? -6.651  -15.372 -6.731  1.00 70.60  ? 34   THR A CB  1 
ATOM   265  O OG1 . THR A 1 34  ? -8.051  -15.109 -6.837  1.00 76.30  ? 34   THR A OG1 1 
ATOM   266  C CG2 . THR A 1 34  ? -6.295  -15.365 -5.272  1.00 67.94  ? 34   THR A CG2 1 
ATOM   267  N N   . ALA A 1 35  ? -7.277  -13.388 -9.258  1.00 68.77  ? 35   ALA A N   1 
ATOM   268  C CA  . ALA A 1 35  ? -7.700  -13.162 -10.629 1.00 68.52  ? 35   ALA A CA  1 
ATOM   269  C C   . ALA A 1 35  ? -6.732  -12.246 -11.374 1.00 68.62  ? 35   ALA A C   1 
ATOM   270  O O   . ALA A 1 35  ? -6.526  -12.415 -12.575 1.00 68.56  ? 35   ALA A O   1 
ATOM   271  C CB  . ALA A 1 35  ? -9.106  -12.597 -10.662 1.00 68.82  ? 35   ALA A CB  1 
ATOM   272  N N   . VAL A 1 36  ? -6.139  -11.285 -10.664 1.00 68.63  ? 36   VAL A N   1 
ATOM   273  C CA  . VAL A 1 36  ? -5.083  -10.437 -11.245 1.00 68.27  ? 36   VAL A CA  1 
ATOM   274  C C   . VAL A 1 36  ? -3.870  -11.298 -11.587 1.00 68.47  ? 36   VAL A C   1 
ATOM   275  O O   . VAL A 1 36  ? -3.273  -11.145 -12.657 1.00 69.01  ? 36   VAL A O   1 
ATOM   276  C CB  . VAL A 1 36  ? -4.671  -9.242  -10.332 1.00 68.47  ? 36   VAL A CB  1 
ATOM   277  C CG1 . VAL A 1 36  ? -3.574  -8.398  -11.007 1.00 66.64  ? 36   VAL A CG1 1 
ATOM   278  C CG2 . VAL A 1 36  ? -5.877  -8.340  -10.006 1.00 67.12  ? 36   VAL A CG2 1 
ATOM   279  N N   . ARG A 1 37  ? -3.546  -12.222 -10.680 1.00 68.34  ? 37   ARG A N   1 
ATOM   280  C CA  . ARG A 1 37  ? -2.458  -13.180 -10.843 1.00 67.62  ? 37   ARG A CA  1 
ATOM   281  C C   . ARG A 1 37  ? -2.656  -14.055 -12.079 1.00 67.98  ? 37   ARG A C   1 
ATOM   282  O O   . ARG A 1 37  ? -1.760  -14.167 -12.919 1.00 68.89  ? 37   ARG A O   1 
ATOM   283  C CB  . ARG A 1 37  ? -2.370  -14.056 -9.599  1.00 67.04  ? 37   ARG A CB  1 
ATOM   284  C CG  . ARG A 1 37  ? -1.371  -15.187 -9.704  1.00 67.22  ? 37   ARG A CG  1 
ATOM   285  C CD  . ARG A 1 37  ? -1.311  -15.968 -8.413  1.00 67.56  ? 37   ARG A CD  1 
ATOM   286  N NE  . ARG A 1 37  ? -0.291  -17.014 -8.453  1.00 67.92  ? 37   ARG A NE  1 
ATOM   287  C CZ  . ARG A 1 37  ? 0.085   -17.728 -7.400  1.00 66.25  ? 37   ARG A CZ  1 
ATOM   288  N NH1 . ARG A 1 37  ? -0.481  -17.517 -6.222  1.00 66.69  ? 37   ARG A NH1 1 
ATOM   289  N NH2 . ARG A 1 37  ? 1.023   -18.663 -7.525  1.00 61.73  ? 37   ARG A NH2 1 
ATOM   290  N N   . THR A 1 38  ? -3.830  -14.679 -12.163 1.00 67.54  ? 38   THR A N   1 
ATOM   291  C CA  . THR A 1 38  ? -4.215  -15.509 -13.289 1.00 67.22  ? 38   THR A CA  1 
ATOM   292  C C   . THR A 1 38  ? -4.073  -14.735 -14.608 1.00 67.36  ? 38   THR A C   1 
ATOM   293  O O   . THR A 1 38  ? -3.349  -15.179 -15.484 1.00 67.62  ? 38   THR A O   1 
ATOM   294  C CB  . THR A 1 38  ? -5.645  -16.093 -13.085 1.00 67.84  ? 38   THR A CB  1 
ATOM   295  O OG1 . THR A 1 38  ? -5.691  -16.777 -11.826 1.00 66.50  ? 38   THR A OG1 1 
ATOM   296  C CG2 . THR A 1 38  ? -6.039  -17.070 -14.213 1.00 63.94  ? 38   THR A CG2 1 
ATOM   297  N N   . GLU A 1 39  ? -4.702  -13.560 -14.713 1.00 67.43  ? 39   GLU A N   1 
ATOM   298  C CA  . GLU A 1 39  ? -4.641  -12.743 -15.941 1.00 67.53  ? 39   GLU A CA  1 
ATOM   299  C C   . GLU A 1 39  ? -3.213  -12.471 -16.413 1.00 67.16  ? 39   GLU A C   1 
ATOM   300  O O   . GLU A 1 39  ? -2.875  -12.708 -17.570 1.00 67.59  ? 39   GLU A O   1 
ATOM   301  C CB  . GLU A 1 39  ? -5.393  -11.412 -15.774 1.00 67.23  ? 39   GLU A CB  1 
ATOM   302  C CG  . GLU A 1 39  ? -5.255  -10.470 -16.981 1.00 66.59  ? 39   GLU A CG  1 
ATOM   303  C CD  . GLU A 1 39  ? -5.936  -9.119  -16.786 1.00 68.15  ? 39   GLU A CD  1 
ATOM   304  O OE1 . GLU A 1 39  ? -6.269  -8.762  -15.638 1.00 71.82  ? 39   GLU A OE1 1 
ATOM   305  O OE2 . GLU A 1 39  ? -6.141  -8.407  -17.789 1.00 67.95  ? 39   GLU A OE2 1 
ATOM   306  N N   . ASN A 1 40  ? -2.375  -11.988 -15.513 1.00 66.50  ? 40   ASN A N   1 
ATOM   307  C CA  . ASN A 1 40  ? -1.021  -11.633 -15.878 1.00 66.67  ? 40   ASN A CA  1 
ATOM   308  C C   . ASN A 1 40  ? -0.093  -12.813 -16.052 1.00 67.31  ? 40   ASN A C   1 
ATOM   309  O O   . ASN A 1 40  ? 0.910   -12.702 -16.755 1.00 68.15  ? 40   ASN A O   1 
ATOM   310  C CB  . ASN A 1 40  ? -0.460  -10.606 -14.904 1.00 66.43  ? 40   ASN A CB  1 
ATOM   311  C CG  . ASN A 1 40  ? -1.167  -9.294  -15.022 1.00 66.07  ? 40   ASN A CG  1 
ATOM   312  O OD1 . ASN A 1 40  ? -0.916  -8.526  -15.947 1.00 65.17  ? 40   ASN A OD1 1 
ATOM   313  N ND2 . ASN A 1 40  ? -2.095  -9.043  -14.115 1.00 70.55  ? 40   ASN A ND2 1 
ATOM   314  N N   . THR A 1 41  ? -0.430  -13.940 -15.427 1.00 67.38  ? 41   THR A N   1 
ATOM   315  C CA  . THR A 1 41  ? 0.310   -15.179 -15.634 1.00 67.12  ? 41   THR A CA  1 
ATOM   316  C C   . THR A 1 41  ? 0.058   -15.695 -17.046 1.00 66.99  ? 41   THR A C   1 
ATOM   317  O O   . THR A 1 41  ? 1.009   -16.037 -17.746 1.00 66.92  ? 41   THR A O   1 
ATOM   318  C CB  . THR A 1 41  ? -0.053  -16.268 -14.578 1.00 67.39  ? 41   THR A CB  1 
ATOM   319  O OG1 . THR A 1 41  ? 0.276   -15.786 -13.266 1.00 67.40  ? 41   THR A OG1 1 
ATOM   320  C CG2 . THR A 1 41  ? 0.702   -17.557 -14.839 1.00 63.62  ? 41   THR A CG2 1 
ATOM   321  N N   . LEU A 1 42  ? -1.214  -15.736 -17.453 1.00 66.89  ? 42   LEU A N   1 
ATOM   322  C CA  . LEU A 1 42  ? -1.594  -16.238 -18.772 1.00 67.80  ? 42   LEU A CA  1 
ATOM   323  C C   . LEU A 1 42  ? -0.980  -15.352 -19.846 1.00 67.49  ? 42   LEU A C   1 
ATOM   324  O O   . LEU A 1 42  ? -0.416  -15.843 -20.821 1.00 67.47  ? 42   LEU A O   1 
ATOM   325  C CB  . LEU A 1 42  ? -3.120  -16.275 -18.945 1.00 68.18  ? 42   LEU A CB  1 
ATOM   326  C CG  . LEU A 1 42  ? -4.013  -17.039 -17.957 1.00 69.65  ? 42   LEU A CG  1 
ATOM   327  C CD1 . LEU A 1 42  ? -5.422  -16.474 -18.032 1.00 66.55  ? 42   LEU A CD1 1 
ATOM   328  C CD2 . LEU A 1 42  ? -4.016  -18.554 -18.206 1.00 68.30  ? 42   LEU A CD2 1 
ATOM   329  N N   . LEU A 1 43  ? -1.076  -14.047 -19.625 1.00 67.31  ? 43   LEU A N   1 
ATOM   330  C CA  . LEU A 1 43  ? -0.555  -13.040 -20.535 1.00 67.71  ? 43   LEU A CA  1 
ATOM   331  C C   . LEU A 1 43  ? 0.959   -13.143 -20.671 1.00 68.11  ? 43   LEU A C   1 
ATOM   332  O O   . LEU A 1 43  ? 1.498   -13.010 -21.775 1.00 68.58  ? 43   LEU A O   1 
ATOM   333  C CB  . LEU A 1 43  ? -0.966  -11.634 -20.062 1.00 67.48  ? 43   LEU A CB  1 
ATOM   334  C CG  . LEU A 1 43  ? -2.425  -11.191 -20.205 1.00 66.13  ? 43   LEU A CG  1 
ATOM   335  C CD1 . LEU A 1 43  ? -2.591  -9.793  -19.634 1.00 65.71  ? 43   LEU A CD1 1 
ATOM   336  C CD2 . LEU A 1 43  ? -2.900  -11.235 -21.662 1.00 67.44  ? 43   LEU A CD2 1 
ATOM   337  N N   . TYR A 1 44  ? 1.634   -13.397 -19.551 1.00 68.00  ? 44   TYR A N   1 
ATOM   338  C CA  . TYR A 1 44  ? 3.080   -13.587 -19.552 1.00 68.24  ? 44   TYR A CA  1 
ATOM   339  C C   . TYR A 1 44  ? 3.449   -14.857 -20.303 1.00 67.65  ? 44   TYR A C   1 
ATOM   340  O O   . TYR A 1 44  ? 4.377   -14.858 -21.113 1.00 67.80  ? 44   TYR A O   1 
ATOM   341  C CB  . TYR A 1 44  ? 3.630   -13.615 -18.116 1.00 68.96  ? 44   TYR A CB  1 
ATOM   342  C CG  . TYR A 1 44  ? 5.118   -13.877 -18.036 1.00 71.09  ? 44   TYR A CG  1 
ATOM   343  C CD1 . TYR A 1 44  ? 6.041   -12.889 -18.386 1.00 70.70  ? 44   TYR A CD1 1 
ATOM   344  C CD2 . TYR A 1 44  ? 5.606   -15.116 -17.603 1.00 73.60  ? 44   TYR A CD2 1 
ATOM   345  C CE1 . TYR A 1 44  ? 7.411   -13.132 -18.320 1.00 72.58  ? 44   TYR A CE1 1 
ATOM   346  C CE2 . TYR A 1 44  ? 6.974   -15.368 -17.526 1.00 73.96  ? 44   TYR A CE2 1 
ATOM   347  C CZ  . TYR A 1 44  ? 7.870   -14.372 -17.892 1.00 73.10  ? 44   TYR A CZ  1 
ATOM   348  O OH  . TYR A 1 44  ? 9.223   -14.612 -17.821 1.00 73.76  ? 44   TYR A OH  1 
ATOM   349  N N   . ALA A 1 45  ? 2.704   -15.931 -20.040 1.00 66.64  ? 45   ALA A N   1 
ATOM   350  C CA  . ALA A 1 45  ? 2.903   -17.200 -20.727 1.00 65.91  ? 45   ALA A CA  1 
ATOM   351  C C   . ALA A 1 45  ? 2.659   -17.069 -22.240 1.00 65.61  ? 45   ALA A C   1 
ATOM   352  O O   . ALA A 1 45  ? 3.348   -17.694 -23.037 1.00 65.22  ? 45   ALA A O   1 
ATOM   353  C CB  . ALA A 1 45  ? 2.004   -18.268 -20.132 1.00 65.86  ? 45   ALA A CB  1 
ATOM   354  N N   . ALA A 1 46  ? 1.676   -16.254 -22.613 1.00 65.34  ? 46   ALA A N   1 
ATOM   355  C CA  . ALA A 1 46  ? 1.387   -15.961 -24.009 1.00 65.79  ? 46   ALA A CA  1 
ATOM   356  C C   . ALA A 1 46  ? 2.562   -15.233 -24.670 1.00 65.83  ? 46   ALA A C   1 
ATOM   357  O O   . ALA A 1 46  ? 2.948   -15.569 -25.787 1.00 65.81  ? 46   ALA A O   1 
ATOM   358  C CB  . ALA A 1 46  ? 0.113   -15.135 -24.115 1.00 65.70  ? 46   ALA A CB  1 
ATOM   359  N N   . ARG A 1 47  ? 3.127   -14.256 -23.953 1.00 66.29  ? 47   ARG A N   1 
ATOM   360  C CA  . ARG A 1 47  ? 4.288   -13.479 -24.398 1.00 66.63  ? 47   ARG A CA  1 
ATOM   361  C C   . ARG A 1 47  ? 5.534   -14.338 -24.692 1.00 67.32  ? 47   ARG A C   1 
ATOM   362  O O   . ARG A 1 47  ? 6.204   -14.151 -25.733 1.00 67.10  ? 47   ARG A O   1 
ATOM   363  C CB  . ARG A 1 47  ? 4.587   -12.379 -23.374 1.00 67.01  ? 47   ARG A CB  1 
ATOM   364  C CG  . ARG A 1 47  ? 5.322   -11.162 -23.924 1.00 68.70  ? 47   ARG A CG  1 
ATOM   365  C CD  . ARG A 1 47  ? 4.653   -10.555 -25.171 1.00 68.35  ? 47   ARG A CD  1 
ATOM   366  N NE  . ARG A 1 47  ? 5.682   -10.056 -26.081 1.00 70.16  ? 47   ARG A NE  1 
ATOM   367  C CZ  . ARG A 1 47  ? 5.917   -10.536 -27.304 1.00 75.41  ? 47   ARG A CZ  1 
ATOM   368  N NH1 . ARG A 1 47  ? 5.181   -11.526 -27.813 1.00 74.10  ? 47   ARG A NH1 1 
ATOM   369  N NH2 . ARG A 1 47  ? 6.890   -10.007 -28.035 1.00 80.06  ? 47   ARG A NH2 1 
ATOM   370  N N   . LYS A 1 48  ? 5.817   -15.300 -23.809 1.00 67.71  ? 48   LYS A N   1 
ATOM   371  C CA  . LYS A 1 48  ? 6.928   -16.255 -24.002 1.00 68.51  ? 48   LYS A CA  1 
ATOM   372  C C   . LYS A 1 48  ? 6.782   -17.058 -25.279 1.00 68.53  ? 48   LYS A C   1 
ATOM   373  O O   . LYS A 1 48  ? 7.777   -17.474 -25.873 1.00 68.23  ? 48   LYS A O   1 
ATOM   374  C CB  . LYS A 1 48  ? 7.052   -17.229 -22.818 1.00 68.91  ? 48   LYS A CB  1 
ATOM   375  C CG  . LYS A 1 48  ? 7.412   -16.588 -21.450 1.00 72.66  ? 48   LYS A CG  1 
ATOM   376  C CD  . LYS A 1 48  ? 8.847   -16.035 -21.406 1.00 79.58  ? 48   LYS A CD  1 
ATOM   377  C CE  . LYS A 1 48  ? 8.890   -14.528 -21.679 1.00 82.80  ? 48   LYS A CE  1 
ATOM   378  N NZ  . LYS A 1 48  ? 10.262  -14.081 -22.060 1.00 86.14  ? 48   LYS A NZ  1 
ATOM   379  N N   . LYS A 1 49  ? 5.532   -17.271 -25.684 1.00 68.65  ? 49   LYS A N   1 
ATOM   380  C CA  . LYS A 1 49  ? 5.201   -18.063 -26.857 1.00 68.86  ? 49   LYS A CA  1 
ATOM   381  C C   . LYS A 1 49  ? 5.080   -17.186 -28.111 1.00 67.91  ? 49   LYS A C   1 
ATOM   382  O O   . LYS A 1 49  ? 4.760   -17.676 -29.210 1.00 67.57  ? 49   LYS A O   1 
ATOM   383  C CB  . LYS A 1 49  ? 3.928   -18.876 -26.586 1.00 69.84  ? 49   LYS A CB  1 
ATOM   384  C CG  . LYS A 1 49  ? 4.133   -19.915 -25.482 1.00 72.62  ? 49   LYS A CG  1 
ATOM   385  C CD  . LYS A 1 49  ? 2.827   -20.374 -24.847 1.00 78.72  ? 49   LYS A CD  1 
ATOM   386  C CE  . LYS A 1 49  ? 3.082   -21.185 -23.561 1.00 76.99  ? 49   LYS A CE  1 
ATOM   387  N NZ  . LYS A 1 49  ? 3.548   -20.340 -22.402 1.00 81.77  ? 49   LYS A NZ  1 
ATOM   388  N N   . GLY A 1 50  ? 5.356   -15.895 -27.938 1.00 66.51  ? 50   GLY A N   1 
ATOM   389  C CA  . GLY A 1 50  ? 5.387   -14.951 -29.052 1.00 64.73  ? 50   GLY A CA  1 
ATOM   390  C C   . GLY A 1 50  ? 4.040   -14.332 -29.381 1.00 63.60  ? 50   GLY A C   1 
ATOM   391  O O   . GLY A 1 50  ? 3.901   -13.646 -30.409 1.00 63.70  ? 50   GLY A O   1 
ATOM   392  N N   . VAL A 1 51  ? 3.048   -14.565 -28.512 1.00 62.68  ? 51   VAL A N   1 
ATOM   393  C CA  . VAL A 1 51  ? 1.704   -14.005 -28.724 1.00 62.26  ? 51   VAL A CA  1 
ATOM   394  C C   . VAL A 1 51  ? 1.684   -12.494 -28.416 1.00 61.69  ? 51   VAL A C   1 
ATOM   395  O O   . VAL A 1 51  ? 2.296   -12.048 -27.453 1.00 61.46  ? 51   VAL A O   1 
ATOM   396  C CB  . VAL A 1 51  ? 0.613   -14.754 -27.885 1.00 62.52  ? 51   VAL A CB  1 
ATOM   397  C CG1 . VAL A 1 51  ? -0.786  -14.250 -28.231 1.00 63.28  ? 51   VAL A CG1 1 
ATOM   398  C CG2 . VAL A 1 51  ? 0.679   -16.258 -28.110 1.00 59.02  ? 51   VAL A CG2 1 
ATOM   399  N N   . THR A 1 52  ? 0.991   -11.731 -29.263 1.00 61.47  ? 52   THR A N   1 
ATOM   400  C CA  . THR A 1 52  ? 0.885   -10.271 -29.158 1.00 60.73  ? 52   THR A CA  1 
ATOM   401  C C   . THR A 1 52  ? -0.572  -9.835  -29.003 1.00 61.65  ? 52   THR A C   1 
ATOM   402  O O   . THR A 1 52  ? -0.854  -8.747  -28.505 1.00 62.78  ? 52   THR A O   1 
ATOM   403  C CB  . THR A 1 52  ? 1.467   -9.551  -30.417 1.00 60.99  ? 52   THR A CB  1 
ATOM   404  O OG1 . THR A 1 52  ? 0.944   -10.149 -31.610 1.00 55.54  ? 52   THR A OG1 1 
ATOM   405  C CG2 . THR A 1 52  ? 2.984   -9.620  -30.445 1.00 59.54  ? 52   THR A CG2 1 
ATOM   406  N N   . VAL A 1 53  ? -1.487  -10.671 -29.482 1.00 62.40  ? 53   VAL A N   1 
ATOM   407  C CA  . VAL A 1 53  ? -2.921  -10.482 -29.293 1.00 63.33  ? 53   VAL A CA  1 
ATOM   408  C C   . VAL A 1 53  ? -3.530  -11.843 -28.976 1.00 64.07  ? 53   VAL A C   1 
ATOM   409  O O   . VAL A 1 53  ? -3.412  -12.797 -29.762 1.00 63.12  ? 53   VAL A O   1 
ATOM   410  C CB  . VAL A 1 53  ? -3.648  -9.895  -30.539 1.00 63.41  ? 53   VAL A CB  1 
ATOM   411  C CG1 . VAL A 1 53  ? -5.107  -9.591  -30.212 1.00 63.49  ? 53   VAL A CG1 1 
ATOM   412  C CG2 . VAL A 1 53  ? -2.950  -8.646  -31.085 1.00 64.23  ? 53   VAL A CG2 1 
ATOM   413  N N   . LEU A 1 54  ? -4.169  -11.917 -27.812 1.00 65.10  ? 54   LEU A N   1 
ATOM   414  C CA  . LEU A 1 54  ? -4.886  -13.102 -27.380 1.00 66.59  ? 54   LEU A CA  1 
ATOM   415  C C   . LEU A 1 54  ? -6.385  -12.803 -27.392 1.00 68.23  ? 54   LEU A C   1 
ATOM   416  O O   . LEU A 1 54  ? -6.908  -12.153 -26.492 1.00 68.52  ? 54   LEU A O   1 
ATOM   417  C CB  . LEU A 1 54  ? -4.403  -13.526 -25.991 1.00 66.65  ? 54   LEU A CB  1 
ATOM   418  C CG  . LEU A 1 54  ? -4.760  -14.902 -25.427 1.00 66.40  ? 54   LEU A CG  1 
ATOM   419  C CD1 . LEU A 1 54  ? -4.454  -16.056 -26.406 1.00 62.65  ? 54   LEU A CD1 1 
ATOM   420  C CD2 . LEU A 1 54  ? -4.018  -15.089 -24.129 1.00 66.06  ? 54   LEU A CD2 1 
ATOM   421  N N   . GLY A 1 55  ? -7.058  -13.254 -28.449 1.00 70.53  ? 55   GLY A N   1 
ATOM   422  C CA  . GLY A 1 55  ? -8.494  -13.044 -28.612 1.00 72.76  ? 55   GLY A CA  1 
ATOM   423  C C   . GLY A 1 55  ? -8.828  -11.650 -29.100 1.00 74.28  ? 55   GLY A C   1 
ATOM   424  O O   . GLY A 1 55  ? -8.732  -11.361 -30.295 1.00 74.56  ? 55   GLY A O   1 
ATOM   425  N N   . HIS A 1 56  ? -9.224  -10.786 -28.170 1.00 75.69  ? 56   HIS A N   1 
ATOM   426  C CA  . HIS A 1 56  ? -9.586  -9.412  -28.495 1.00 77.08  ? 56   HIS A CA  1 
ATOM   427  C C   . HIS A 1 56  ? -8.908  -8.436  -27.530 1.00 77.86  ? 56   HIS A C   1 
ATOM   428  O O   . HIS A 1 56  ? -9.426  -7.352  -27.247 1.00 77.99  ? 56   HIS A O   1 
ATOM   429  C CB  . HIS A 1 56  ? -11.109 -9.246  -28.474 1.00 77.31  ? 56   HIS A CB  1 
ATOM   430  C CG  . HIS A 1 56  ? -11.601 -8.035  -29.205 1.00 78.09  ? 56   HIS A CG  1 
ATOM   431  N ND1 . HIS A 1 56  ? -11.713 -6.799  -28.606 1.00 78.16  ? 56   HIS A ND1 1 
ATOM   432  C CD2 . HIS A 1 56  ? -12.017 -7.874  -30.484 1.00 79.34  ? 56   HIS A CD2 1 
ATOM   433  C CE1 . HIS A 1 56  ? -12.174 -5.926  -29.485 1.00 79.63  ? 56   HIS A CE1 1 
ATOM   434  N NE2 . HIS A 1 56  ? -12.366 -6.553  -30.632 1.00 79.52  ? 56   HIS A NE2 1 
ATOM   435  N N   . CYS A 1 57  ? -7.745  -8.834  -27.020 1.00 78.42  ? 57   CYS A N   1 
ATOM   436  C CA  . CYS A 1 57  ? -6.938  -7.946  -26.202 1.00 79.38  ? 57   CYS A CA  1 
ATOM   437  C C   . CYS A 1 57  ? -5.450  -8.158  -26.434 1.00 78.59  ? 57   CYS A C   1 
ATOM   438  O O   . CYS A 1 57  ? -4.987  -9.294  -26.569 1.00 78.50  ? 57   CYS A O   1 
ATOM   439  C CB  . CYS A 1 57  ? -7.295  -8.077  -24.718 1.00 79.81  ? 57   CYS A CB  1 
ATOM   440  S SG  . CYS A 1 57  ? -7.010  -9.694  -23.990 1.00 85.77  ? 57   CYS A SG  1 
ATOM   441  N N   . ARG A 1 58  ? -4.721  -7.044  -26.492 1.00 78.16  ? 58   ARG A N   1 
ATOM   442  C CA  . ARG A 1 58  ? -3.284  -7.039  -26.737 1.00 77.51  ? 58   ARG A CA  1 
ATOM   443  C C   . ARG A 1 58  ? -2.539  -7.516  -25.513 1.00 76.70  ? 58   ARG A C   1 
ATOM   444  O O   . ARG A 1 58  ? -2.915  -7.199  -24.387 1.00 76.81  ? 58   ARG A O   1 
ATOM   445  C CB  . ARG A 1 58  ? -2.801  -5.636  -27.110 1.00 77.50  ? 58   ARG A CB  1 
ATOM   446  C CG  . ARG A 1 58  ? -3.372  -5.098  -28.413 1.00 78.41  ? 58   ARG A CG  1 
ATOM   447  C CD  . ARG A 1 58  ? -2.794  -3.729  -28.742 1.00 78.08  ? 58   ARG A CD  1 
ATOM   448  N NE  . ARG A 1 58  ? -3.669  -2.959  -29.628 1.00 78.64  ? 58   ARG A NE  1 
ATOM   449  C CZ  . ARG A 1 58  ? -4.610  -2.115  -29.207 1.00 79.42  ? 58   ARG A CZ  1 
ATOM   450  N NH1 . ARG A 1 58  ? -4.810  -1.924  -27.905 1.00 78.33  ? 58   ARG A NH1 1 
ATOM   451  N NH2 . ARG A 1 58  ? -5.357  -1.461  -30.090 1.00 78.37  ? 58   ARG A NH2 1 
ATOM   452  N N   . VAL A 1 59  ? -1.478  -8.283  -25.741 1.00 75.98  ? 59   VAL A N   1 
ATOM   453  C CA  . VAL A 1 59  ? -0.628  -8.767  -24.661 1.00 74.79  ? 59   VAL A CA  1 
ATOM   454  C C   . VAL A 1 59  ? 0.441   -7.719  -24.340 1.00 74.37  ? 59   VAL A C   1 
ATOM   455  O O   . VAL A 1 59  ? 1.213   -7.339  -25.222 1.00 74.39  ? 59   VAL A O   1 
ATOM   456  C CB  . VAL A 1 59  ? 0.056   -10.099 -25.041 1.00 75.08  ? 59   VAL A CB  1 
ATOM   457  C CG1 . VAL A 1 59  ? 0.881   -10.623 -23.881 1.00 74.66  ? 59   VAL A CG1 1 
ATOM   458  C CG2 . VAL A 1 59  ? -0.982  -11.134 -25.495 1.00 73.23  ? 59   VAL A CG2 1 
ATOM   459  N N   . PRO A 1 60  ? 0.483   -7.237  -23.079 1.00 73.97  ? 60   PRO A N   1 
ATOM   460  C CA  . PRO A 1 60  ? 1.550   -6.321  -22.652 1.00 73.40  ? 60   PRO A CA  1 
ATOM   461  C C   . PRO A 1 60  ? 2.946   -6.940  -22.802 1.00 72.82  ? 60   PRO A C   1 
ATOM   462  O O   . PRO A 1 60  ? 3.080   -8.167  -22.879 1.00 72.40  ? 60   PRO A O   1 
ATOM   463  C CB  . PRO A 1 60  ? 1.260   -6.105  -21.158 1.00 73.66  ? 60   PRO A CB  1 
ATOM   464  C CG  . PRO A 1 60  ? -0.162  -6.481  -20.962 1.00 74.21  ? 60   PRO A CG  1 
ATOM   465  C CD  . PRO A 1 60  ? -0.472  -7.525  -21.992 1.00 73.95  ? 60   PRO A CD  1 
ATOM   466  N N   . HIS A 1 61  ? 3.971   -6.093  -22.839 1.00 71.83  ? 61   HIS A N   1 
ATOM   467  C CA  . HIS A 1 61  ? 5.356   -6.543  -22.716 1.00 72.13  ? 61   HIS A CA  1 
ATOM   468  C C   . HIS A 1 61  ? 5.506   -7.549  -21.572 1.00 72.42  ? 61   HIS A C   1 
ATOM   469  O O   . HIS A 1 61  ? 4.907   -7.379  -20.504 1.00 72.47  ? 61   HIS A O   1 
ATOM   470  C CB  . HIS A 1 61  ? 6.255   -5.338  -22.456 1.00 72.29  ? 61   HIS A CB  1 
ATOM   471  C CG  . HIS A 1 61  ? 7.708   -5.580  -22.734 1.00 72.87  ? 61   HIS A CG  1 
ATOM   472  N ND1 . HIS A 1 61  ? 8.461   -6.505  -22.040 1.00 72.43  ? 61   HIS A ND1 1 
ATOM   473  C CD2 . HIS A 1 61  ? 8.556   -4.982  -23.605 1.00 71.35  ? 61   HIS A CD2 1 
ATOM   474  C CE1 . HIS A 1 61  ? 9.705   -6.481  -22.486 1.00 73.08  ? 61   HIS A CE1 1 
ATOM   475  N NE2 . HIS A 1 61  ? 9.789   -5.565  -23.436 1.00 73.27  ? 61   HIS A NE2 1 
ATOM   476  N N   . SER A 1 62  ? 6.311   -8.586  -21.793 1.00 72.79  ? 62   SER A N   1 
ATOM   477  C CA  . SER A 1 62  ? 6.506   -9.655  -20.812 1.00 73.92  ? 62   SER A CA  1 
ATOM   478  C C   . SER A 1 62  ? 6.984   -9.158  -19.441 1.00 74.07  ? 62   SER A C   1 
ATOM   479  O O   . SER A 1 62  ? 6.534   -9.663  -18.418 1.00 74.49  ? 62   SER A O   1 
ATOM   480  C CB  . SER A 1 62  ? 7.443   -10.743 -21.356 1.00 74.13  ? 62   SER A CB  1 
ATOM   481  O OG  . SER A 1 62  ? 8.790   -10.318 -21.331 1.00 76.70  ? 62   SER A OG  1 
ATOM   482  N N   . VAL A 1 63  ? 7.876   -8.167  -19.430 1.00 73.51  ? 63   VAL A N   1 
ATOM   483  C CA  . VAL A 1 63  ? 8.354   -7.544  -18.188 1.00 73.08  ? 63   VAL A CA  1 
ATOM   484  C C   . VAL A 1 63  ? 7.189   -6.937  -17.373 1.00 72.72  ? 63   VAL A C   1 
ATOM   485  O O   . VAL A 1 63  ? 7.196   -6.963  -16.141 1.00 72.29  ? 63   VAL A O   1 
ATOM   486  C CB  . VAL A 1 63  ? 9.476   -6.483  -18.480 1.00 73.15  ? 63   VAL A CB  1 
ATOM   487  C CG1 . VAL A 1 63  ? 9.864   -5.705  -17.235 1.00 73.08  ? 63   VAL A CG1 1 
ATOM   488  C CG2 . VAL A 1 63  ? 10.716  -7.154  -19.070 1.00 72.31  ? 63   VAL A CG2 1 
ATOM   489  N N   . VAL A 1 64  ? 6.193   -6.414  -18.084 1.00 72.25  ? 64   VAL A N   1 
ATOM   490  C CA  . VAL A 1 64  ? 5.014   -5.802  -17.489 1.00 71.21  ? 64   VAL A CA  1 
ATOM   491  C C   . VAL A 1 64  ? 4.082   -6.863  -16.902 1.00 72.13  ? 64   VAL A C   1 
ATOM   492  O O   . VAL A 1 64  ? 3.680   -6.750  -15.734 1.00 72.28  ? 64   VAL A O   1 
ATOM   493  C CB  . VAL A 1 64  ? 4.274   -4.917  -18.521 1.00 71.20  ? 64   VAL A CB  1 
ATOM   494  C CG1 . VAL A 1 64  ? 2.876   -4.551  -18.051 1.00 71.07  ? 64   VAL A CG1 1 
ATOM   495  C CG2 . VAL A 1 64  ? 5.086   -3.669  -18.823 1.00 70.30  ? 64   VAL A CG2 1 
ATOM   496  N N   . CYS A 1 65  ? 3.745   -7.882  -17.705 1.00 72.14  ? 65   CYS A N   1 
ATOM   497  C CA  . CYS A 1 65  ? 2.918   -9.007  -17.252 1.00 72.31  ? 65   CYS A CA  1 
ATOM   498  C C   . CYS A 1 65  ? 3.569   -9.702  -16.056 1.00 71.51  ? 65   CYS A C   1 
ATOM   499  O O   . CYS A 1 65  ? 2.892   -10.072 -15.109 1.00 71.02  ? 65   CYS A O   1 
ATOM   500  C CB  . CYS A 1 65  ? 2.744   -10.057 -18.356 1.00 72.97  ? 65   CYS A CB  1 
ATOM   501  S SG  . CYS A 1 65  ? 1.893   -9.582  -19.863 1.00 76.67  ? 65   CYS A SG  1 
ATOM   502  N N   . GLN A 1 66  ? 4.881   -9.897  -16.143 1.00 71.43  ? 66   GLN A N   1 
ATOM   503  C CA  . GLN A 1 66  ? 5.678   -10.545 -15.115 1.00 72.99  ? 66   GLN A CA  1 
ATOM   504  C C   . GLN A 1 66  ? 5.604   -9.795  -13.779 1.00 73.29  ? 66   GLN A C   1 
ATOM   505  O O   . GLN A 1 66  ? 5.511   -10.410 -12.713 1.00 73.48  ? 66   GLN A O   1 
ATOM   506  C CB  . GLN A 1 66  ? 7.132   -10.657 -15.591 1.00 72.80  ? 66   GLN A CB  1 
ATOM   507  C CG  . GLN A 1 66  ? 8.064   -11.373 -14.640 1.00 74.47  ? 66   GLN A CG  1 
ATOM   508  C CD  . GLN A 1 66  ? 9.478   -11.492 -15.181 1.00 74.72  ? 66   GLN A CD  1 
ATOM   509  O OE1 . GLN A 1 66  ? 10.070  -10.512 -15.643 1.00 80.97  ? 66   GLN A OE1 1 
ATOM   510  N NE2 . GLN A 1 66  ? 10.034  -12.697 -15.110 1.00 78.98  ? 66   GLN A NE2 1 
ATOM   511  N N   . GLU A 1 67  ? 5.619   -8.468  -13.849 1.00 73.35  ? 67   GLU A N   1 
ATOM   512  C CA  . GLU A 1 67  ? 5.591   -7.630  -12.654 1.00 73.83  ? 67   GLU A CA  1 
ATOM   513  C C   . GLU A 1 67  ? 4.216   -7.605  -12.012 1.00 72.82  ? 67   GLU A C   1 
ATOM   514  O O   . GLU A 1 67  ? 4.095   -7.779  -10.785 1.00 71.65  ? 67   GLU A O   1 
ATOM   515  C CB  . GLU A 1 67  ? 6.064   -6.214  -12.975 1.00 73.36  ? 67   GLU A CB  1 
ATOM   516  C CG  . GLU A 1 67  ? 6.871   -5.578  -11.852 1.00 80.55  ? 67   GLU A CG  1 
ATOM   517  C CD  . GLU A 1 67  ? 7.846   -6.556  -11.184 1.00 92.79  ? 67   GLU A CD  1 
ATOM   518  O OE1 . GLU A 1 67  ? 8.563   -7.307  -11.901 1.00 93.26  ? 67   GLU A OE1 1 
ATOM   519  O OE2 . GLU A 1 67  ? 7.888   -6.571  -9.930  1.00 95.61  ? 67   GLU A OE2 1 
ATOM   520  N N   . ARG A 1 68  ? 3.189   -7.406  -12.846 1.00 71.76  ? 68   ARG A N   1 
ATOM   521  C CA  . ARG A 1 68  ? 1.790   -7.412  -12.391 1.00 70.71  ? 68   ARG A CA  1 
ATOM   522  C C   . ARG A 1 68  ? 1.374   -8.732  -11.756 1.00 69.92  ? 68   ARG A C   1 
ATOM   523  O O   . ARG A 1 68  ? 0.622   -8.742  -10.775 1.00 71.18  ? 68   ARG A O   1 
ATOM   524  C CB  . ARG A 1 68  ? 0.831   -7.006  -13.509 1.00 70.62  ? 68   ARG A CB  1 
ATOM   525  C CG  . ARG A 1 68  ? 0.870   -5.478  -13.835 1.00 73.27  ? 68   ARG A CG  1 
ATOM   526  C CD  . ARG A 1 68  ? 0.103   -5.141  -15.119 1.00 69.49  ? 68   ARG A CD  1 
ATOM   527  N NE  . ARG A 1 68  ? 0.231   -3.733  -15.493 1.00 71.38  ? 68   ARG A NE  1 
ATOM   528  C CZ  . ARG A 1 68  ? -0.037  -3.236  -16.706 1.00 71.49  ? 68   ARG A CZ  1 
ATOM   529  N NH1 . ARG A 1 68  ? -0.456  -4.030  -17.690 1.00 68.61  ? 68   ARG A NH1 1 
ATOM   530  N NH2 . ARG A 1 68  ? 0.122   -1.940  -16.943 1.00 68.18  ? 68   ARG A NH2 1 
ATOM   531  N N   . ALA A 1 69  ? 1.909   -9.832  -12.268 1.00 67.77  ? 69   ALA A N   1 
ATOM   532  C CA  . ALA A 1 69  ? 1.633   -11.149 -11.703 1.00 67.98  ? 69   ALA A CA  1 
ATOM   533  C C   . ALA A 1 69  ? 2.348   -11.351 -10.368 1.00 67.81  ? 69   ALA A C   1 
ATOM   534  O O   . ALA A 1 69  ? 1.795   -11.944 -9.436  1.00 67.88  ? 69   ALA A O   1 
ATOM   535  C CB  . ALA A 1 69  ? 2.030   -12.264 -12.697 1.00 66.58  ? 69   ALA A CB  1 
ATOM   536  N N   . LYS A 1 70  ? 3.592   -10.888 -10.304 1.00 68.14  ? 70   LYS A N   1 
ATOM   537  C CA  . LYS A 1 70  ? 4.396   -10.985 -9.095  1.00 68.86  ? 70   LYS A CA  1 
ATOM   538  C C   . LYS A 1 70  ? 3.805   -10.170 -7.949  1.00 68.02  ? 70   LYS A C   1 
ATOM   539  O O   . LYS A 1 70  ? 3.738   -10.646 -6.817  1.00 67.85  ? 70   LYS A O   1 
ATOM   540  C CB  . LYS A 1 70  ? 5.854   -10.606 -9.379  1.00 68.98  ? 70   LYS A CB  1 
ATOM   541  C CG  . LYS A 1 70  ? 6.650   -11.779 -9.961  1.00 72.10  ? 70   LYS A CG  1 
ATOM   542  C CD  . LYS A 1 70  ? 7.923   -11.352 -10.659 1.00 78.13  ? 70   LYS A CD  1 
ATOM   543  C CE  . LYS A 1 70  ? 8.962   -10.789 -9.707  1.00 83.35  ? 70   LYS A CE  1 
ATOM   544  N NZ  . LYS A 1 70  ? 9.967   -9.980  -10.474 1.00 88.75  ? 70   LYS A NZ  1 
ATOM   545  N N   . GLN A 1 71  ? 3.359   -8.954  -8.263  1.00 67.97  ? 71   GLN A N   1 
ATOM   546  C CA  . GLN A 1 71  ? 2.674   -8.082  -7.302  1.00 66.41  ? 71   GLN A CA  1 
ATOM   547  C C   . GLN A 1 71  ? 1.418   -8.762  -6.770  1.00 67.14  ? 71   GLN A C   1 
ATOM   548  O O   . GLN A 1 71  ? 1.154   -8.758  -5.574  1.00 67.67  ? 71   GLN A O   1 
ATOM   549  C CB  . GLN A 1 71  ? 2.307   -6.760  -7.965  1.00 65.53  ? 71   GLN A CB  1 
ATOM   550  C CG  . GLN A 1 71  ? 3.530   -5.921  -8.396  1.00 64.59  ? 71   GLN A CG  1 
ATOM   551  C CD  . GLN A 1 71  ? 3.152   -4.576  -9.011  1.00 67.39  ? 71   GLN A CD  1 
ATOM   552  O OE1 . GLN A 1 71  ? 3.958   -3.628  -9.008  1.00 71.52  ? 71   GLN A OE1 1 
ATOM   553  N NE2 . GLN A 1 71  ? 1.934   -4.481  -9.548  1.00 70.98  ? 71   GLN A NE2 1 
ATOM   554  N N   . ALA A 1 72  ? 0.667   -9.376  -7.680  1.00 67.50  ? 72   ALA A N   1 
ATOM   555  C CA  . ALA A 1 72  ? -0.581  -10.045 -7.356  1.00 67.04  ? 72   ALA A CA  1 
ATOM   556  C C   . ALA A 1 72  ? -0.349  -11.315 -6.541  1.00 67.18  ? 72   ALA A C   1 
ATOM   557  O O   . ALA A 1 72  ? -1.113  -11.601 -5.632  1.00 68.18  ? 72   ALA A O   1 
ATOM   558  C CB  . ALA A 1 72  ? -1.367  -10.330 -8.626  1.00 66.11  ? 72   ALA A CB  1 
ATOM   559  N N   . ILE A 1 73  ? 0.702   -12.068 -6.857  1.00 67.49  ? 73   ILE A N   1 
ATOM   560  C CA  . ILE A 1 73  ? 1.117   -13.214 -6.034  1.00 67.45  ? 73   ILE A CA  1 
ATOM   561  C C   . ILE A 1 73  ? 1.338   -12.744 -4.580  1.00 68.52  ? 73   ILE A C   1 
ATOM   562  O O   . ILE A 1 73  ? 0.752   -13.301 -3.638  1.00 67.92  ? 73   ILE A O   1 
ATOM   563  C CB  . ILE A 1 73  ? 2.392   -13.900 -6.614  1.00 66.89  ? 73   ILE A CB  1 
ATOM   564  C CG1 . ILE A 1 73  ? 2.052   -14.677 -7.894  1.00 68.52  ? 73   ILE A CG1 1 
ATOM   565  C CG2 . ILE A 1 73  ? 3.040   -14.833 -5.603  1.00 66.06  ? 73   ILE A CG2 1 
ATOM   566  C CD1 . ILE A 1 73  ? 3.257   -15.024 -8.804  1.00 66.83  ? 73   ILE A CD1 1 
ATOM   567  N N   . GLU A 1 74  ? 2.154   -11.695 -4.430  1.00 68.87  ? 74   GLU A N   1 
ATOM   568  C CA  . GLU A 1 74  ? 2.480   -11.111 -3.130  1.00 69.97  ? 74   GLU A CA  1 
ATOM   569  C C   . GLU A 1 74  ? 1.252   -10.647 -2.343  1.00 70.47  ? 74   GLU A C   1 
ATOM   570  O O   . GLU A 1 74  ? 1.180   -10.849 -1.121  1.00 70.35  ? 74   GLU A O   1 
ATOM   571  C CB  . GLU A 1 74  ? 3.466   -9.951  -3.282  1.00 69.41  ? 74   GLU A CB  1 
ATOM   572  C CG  . GLU A 1 74  ? 3.860   -9.336  -1.962  1.00 68.61  ? 74   GLU A CG  1 
ATOM   573  C CD  . GLU A 1 74  ? 5.048   -8.412  -2.062  1.00 72.56  ? 74   GLU A CD  1 
ATOM   574  O OE1 . GLU A 1 74  ? 5.537   -8.169  -3.190  1.00 74.40  ? 74   GLU A OE1 1 
ATOM   575  O OE2 . GLU A 1 74  ? 5.493   -7.921  -1.000  1.00 70.22  ? 74   GLU A OE2 1 
ATOM   576  N N   . MET A 1 75  ? 0.312   -10.016 -3.044  1.00 70.48  ? 75   MET A N   1 
ATOM   577  C CA  . MET A 1 75  ? -0.932  -9.565  -2.438  1.00 70.51  ? 75   MET A CA  1 
ATOM   578  C C   . MET A 1 75  ? -1.793  -10.756 -2.029  1.00 70.71  ? 75   MET A C   1 
ATOM   579  O O   . MET A 1 75  ? -2.236  -10.842 -0.885  1.00 72.02  ? 75   MET A O   1 
ATOM   580  C CB  . MET A 1 75  ? -1.703  -8.618  -3.375  1.00 70.45  ? 75   MET A CB  1 
ATOM   581  C CG  . MET A 1 75  ? -1.020  -7.278  -3.648  1.00 66.02  ? 75   MET A CG  1 
ATOM   582  S SD  . MET A 1 75  ? -0.605  -6.278  -2.189  1.00 68.86  ? 75   MET A SD  1 
ATOM   583  C CE  . MET A 1 75  ? -2.134  -5.363  -1.971  1.00 64.65  ? 75   MET A CE  1 
ATOM   584  N N   . GLN A 1 76  ? -1.997  -11.684 -2.953  1.00 71.08  ? 76   GLN A N   1 
ATOM   585  C CA  . GLN A 1 76  ? -2.773  -12.894 -2.684  1.00 71.45  ? 76   GLN A CA  1 
ATOM   586  C C   . GLN A 1 76  ? -2.307  -13.656 -1.439  1.00 71.24  ? 76   GLN A C   1 
ATOM   587  O O   . GLN A 1 76  ? -3.102  -13.906 -0.529  1.00 70.77  ? 76   GLN A O   1 
ATOM   588  C CB  . GLN A 1 76  ? -2.743  -13.833 -3.882  1.00 71.32  ? 76   GLN A CB  1 
ATOM   589  C CG  . GLN A 1 76  ? -3.490  -15.124 -3.624  1.00 70.89  ? 76   GLN A CG  1 
ATOM   590  C CD  . GLN A 1 76  ? -3.278  -16.180 -4.694  1.00 67.49  ? 76   GLN A CD  1 
ATOM   591  O OE1 . GLN A 1 76  ? -2.846  -15.887 -5.801  1.00 68.99  ? 76   GLN A OE1 1 
ATOM   592  N NE2 . GLN A 1 76  ? -3.621  -17.417 -4.370  1.00 64.05  ? 76   GLN A NE2 1 
ATOM   593  N N   . LEU A 1 77  ? -1.024  -14.029 -1.426  1.00 71.01  ? 77   LEU A N   1 
ATOM   594  C CA  . LEU A 1 77  ? -0.431  -14.805 -0.329  1.00 70.08  ? 77   LEU A CA  1 
ATOM   595  C C   . LEU A 1 77  ? -0.448  -14.038 0.983   1.00 69.55  ? 77   LEU A C   1 
ATOM   596  O O   . LEU A 1 77  ? -0.773  -14.606 2.021   1.00 69.10  ? 77   LEU A O   1 
ATOM   597  C CB  . LEU A 1 77  ? 0.997   -15.251 -0.672  1.00 69.27  ? 77   LEU A CB  1 
ATOM   598  C CG  . LEU A 1 77  ? 1.165   -16.104 -1.935  1.00 70.49  ? 77   LEU A CG  1 
ATOM   599  C CD1 . LEU A 1 77  ? 2.610   -16.544 -2.131  1.00 66.32  ? 77   LEU A CD1 1 
ATOM   600  C CD2 . LEU A 1 77  ? 0.220   -17.310 -1.945  1.00 67.91  ? 77   LEU A CD2 1 
ATOM   601  N N   . SER A 1 78  ? -0.120  -12.747 0.919   1.00 69.63  ? 78   SER A N   1 
ATOM   602  C CA  . SER A 1 78  ? -0.140  -11.872 2.092   1.00 69.05  ? 78   SER A CA  1 
ATOM   603  C C   . SER A 1 78  ? -1.533  -11.789 2.689   1.00 68.63  ? 78   SER A C   1 
ATOM   604  O O   . SER A 1 78  ? -1.708  -11.954 3.900   1.00 67.43  ? 78   SER A O   1 
ATOM   605  C CB  . SER A 1 78  ? 0.369   -10.467 1.751   1.00 68.72  ? 78   SER A CB  1 
ATOM   606  O OG  . SER A 1 78  ? 1.776   -10.466 1.564   1.00 68.60  ? 78   SER A OG  1 
ATOM   607  N N   . LEU A 1 79  ? -2.517  -11.549 1.828   1.00 68.73  ? 79   LEU A N   1 
ATOM   608  C CA  . LEU A 1 79  ? -3.904  -11.460 2.271   1.00 69.69  ? 79   LEU A CA  1 
ATOM   609  C C   . LEU A 1 79  ? -4.433  -12.779 2.813   1.00 69.73  ? 79   LEU A C   1 
ATOM   610  O O   . LEU A 1 79  ? -5.207  -12.779 3.777   1.00 70.16  ? 79   LEU A O   1 
ATOM   611  C CB  . LEU A 1 79  ? -4.815  -10.922 1.160   1.00 69.64  ? 79   LEU A CB  1 
ATOM   612  C CG  . LEU A 1 79  ? -4.524  -9.502  0.660   1.00 73.40  ? 79   LEU A CG  1 
ATOM   613  C CD1 . LEU A 1 79  ? -5.304  -9.209  -0.606  1.00 75.89  ? 79   LEU A CD1 1 
ATOM   614  C CD2 . LEU A 1 79  ? -4.817  -8.427  1.744   1.00 75.19  ? 79   LEU A CD2 1 
ATOM   615  N N   . GLN A 1 80  ? -4.006  -13.895 2.211   1.00 69.59  ? 80   GLN A N   1 
ATOM   616  C CA  . GLN A 1 80  ? -4.415  -15.222 2.669   1.00 69.37  ? 80   GLN A CA  1 
ATOM   617  C C   . GLN A 1 80  ? -3.892  -15.485 4.077   1.00 69.71  ? 80   GLN A C   1 
ATOM   618  O O   . GLN A 1 80  ? -4.589  -16.091 4.908   1.00 69.92  ? 80   GLN A O   1 
ATOM   619  C CB  . GLN A 1 80  ? -3.937  -16.316 1.717   1.00 69.51  ? 80   GLN A CB  1 
ATOM   620  C CG  . GLN A 1 80  ? -4.716  -16.433 0.414   1.00 68.99  ? 80   GLN A CG  1 
ATOM   621  C CD  . GLN A 1 80  ? -4.176  -17.541 -0.498  1.00 70.10  ? 80   GLN A CD  1 
ATOM   622  O OE1 . GLN A 1 80  ? -4.659  -17.740 -1.621  1.00 68.57  ? 80   GLN A OE1 1 
ATOM   623  N NE2 . GLN A 1 80  ? -3.172  -18.262 -0.016  1.00 72.60  ? 80   GLN A NE2 1 
ATOM   624  N N   . GLU A 1 81  ? -2.667  -15.032 4.343   1.00 69.56  ? 81   GLU A N   1 
ATOM   625  C CA  . GLU A 1 81  ? -2.097  -15.104 5.686   1.00 69.77  ? 81   GLU A CA  1 
ATOM   626  C C   . GLU A 1 81  ? -2.895  -14.252 6.670   1.00 69.27  ? 81   GLU A C   1 
ATOM   627  O O   . GLU A 1 81  ? -3.234  -14.713 7.757   1.00 69.09  ? 81   GLU A O   1 
ATOM   628  C CB  . GLU A 1 81  ? -0.632  -14.684 5.681   1.00 69.51  ? 81   GLU A CB  1 
ATOM   629  C CG  . GLU A 1 81  ? 0.285   -15.631 4.925   1.00 70.71  ? 81   GLU A CG  1 
ATOM   630  C CD  . GLU A 1 81  ? 1.756   -15.305 5.122   1.00 70.59  ? 81   GLU A CD  1 
ATOM   631  O OE1 . GLU A 1 81  ? 2.612   -16.143 4.767   1.00 69.27  ? 81   GLU A OE1 1 
ATOM   632  O OE2 . GLU A 1 81  ? 2.057   -14.210 5.644   1.00 75.85  ? 81   GLU A OE2 1 
ATOM   633  N N   . LEU A 1 82  ? -3.202  -13.019 6.268   1.00 69.63  ? 82   LEU A N   1 
ATOM   634  C CA  . LEU A 1 82  ? -4.003  -12.088 7.077   1.00 69.65  ? 82   LEU A CA  1 
ATOM   635  C C   . LEU A 1 82  ? -5.333  -12.650 7.573   1.00 69.66  ? 82   LEU A C   1 
ATOM   636  O O   . LEU A 1 82  ? -5.670  -12.493 8.740   1.00 69.88  ? 82   LEU A O   1 
ATOM   637  C CB  . LEU A 1 82  ? -4.294  -10.811 6.300   1.00 69.29  ? 82   LEU A CB  1 
ATOM   638  C CG  . LEU A 1 82  ? -3.666  -9.510  6.784   1.00 72.16  ? 82   LEU A CG  1 
ATOM   639  C CD1 . LEU A 1 82  ? -3.904  -8.421  5.746   1.00 77.97  ? 82   LEU A CD1 1 
ATOM   640  C CD2 . LEU A 1 82  ? -4.204  -9.088  8.155   1.00 67.98  ? 82   LEU A CD2 1 
ATOM   641  N N   . SER A 1 83  ? -6.079  -13.288 6.673   1.00 70.02  ? 83   SER A N   1 
ATOM   642  C CA  . SER A 1 83  ? -7.393  -13.852 6.971   1.00 70.49  ? 83   SER A CA  1 
ATOM   643  C C   . SER A 1 83  ? -7.335  -14.931 8.041   1.00 70.91  ? 83   SER A C   1 
ATOM   644  O O   . SER A 1 83  ? -8.322  -15.177 8.740   1.00 71.31  ? 83   SER A O   1 
ATOM   645  C CB  . SER A 1 83  ? -8.025  -14.415 5.708   1.00 69.33  ? 83   SER A CB  1 
ATOM   646  O OG  . SER A 1 83  ? -7.198  -15.422 5.159   1.00 72.62  ? 83   SER A OG  1 
ATOM   647  N N   . LYS A 1 84  ? -6.171  -15.565 8.165   1.00 71.64  ? 84   LYS A N   1 
ATOM   648  C CA  . LYS A 1 84  ? -5.941  -16.590 9.183   1.00 72.52  ? 84   LYS A CA  1 
ATOM   649  C C   . LYS A 1 84  ? -5.534  -15.986 10.539  1.00 72.78  ? 84   LYS A C   1 
ATOM   650  O O   . LYS A 1 84  ? -5.192  -16.717 11.467  1.00 73.50  ? 84   LYS A O   1 
ATOM   651  C CB  . LYS A 1 84  ? -4.889  -17.602 8.705   1.00 72.40  ? 84   LYS A CB  1 
ATOM   652  C CG  . LYS A 1 84  ? -5.188  -18.286 7.366   1.00 73.63  ? 84   LYS A CG  1 
ATOM   653  C CD  . LYS A 1 84  ? -6.581  -18.926 7.329   1.00 75.34  ? 84   LYS A CD  1 
ATOM   654  C CE  . LYS A 1 84  ? -6.667  -20.071 6.324   1.00 74.44  ? 84   LYS A CE  1 
ATOM   655  N NZ  . LYS A 1 84  ? -6.664  -21.408 7.006   1.00 78.16  ? 84   LYS A NZ  1 
ATOM   656  N N   . THR A 1 85  ? -5.568  -14.659 10.646  1.00 72.85  ? 85   THR A N   1 
ATOM   657  C CA  . THR A 1 85  ? -5.245  -13.965 11.898  1.00 72.99  ? 85   THR A CA  1 
ATOM   658  C C   . THR A 1 85  ? -6.485  -13.299 12.504  1.00 72.79  ? 85   THR A C   1 
ATOM   659  O O   . THR A 1 85  ? -7.575  -13.328 11.924  1.00 72.83  ? 85   THR A O   1 
ATOM   660  C CB  . THR A 1 85  ? -4.145  -12.876 11.712  1.00 73.28  ? 85   THR A CB  1 
ATOM   661  O OG1 . THR A 1 85  ? -4.703  -11.726 11.066  1.00 72.81  ? 85   THR A OG1 1 
ATOM   662  C CG2 . THR A 1 85  ? -2.965  -13.393 10.895  1.00 73.85  ? 85   THR A CG2 1 
ATOM   663  N N   . GLU A 1 86  ? -6.301  -12.693 13.672  1.00 72.65  ? 86   GLU A N   1 
ATOM   664  C CA  . GLU A 1 86  ? -7.351  -11.926 14.341  1.00 72.57  ? 86   GLU A CA  1 
ATOM   665  C C   . GLU A 1 86  ? -7.848  -10.757 13.483  1.00 72.38  ? 86   GLU A C   1 
ATOM   666  O O   . GLU A 1 86  ? -8.958  -10.258 13.683  1.00 72.41  ? 86   GLU A O   1 
ATOM   667  C CB  . GLU A 1 86  ? -6.843  -11.413 15.689  1.00 72.26  ? 86   GLU A CB  1 
ATOM   668  C CG  . GLU A 1 86  ? -5.530  -10.638 15.604  1.00 72.98  ? 86   GLU A CG  1 
ATOM   669  C CD  . GLU A 1 86  ? -5.011  -10.181 16.956  1.00 73.50  ? 86   GLU A CD  1 
ATOM   670  O OE1 . GLU A 1 86  ? -5.821  -9.783  17.823  1.00 70.79  ? 86   GLU A OE1 1 
ATOM   671  O OE2 . GLU A 1 86  ? -3.775  -10.211 17.141  1.00 79.58  ? 86   GLU A OE2 1 
ATOM   672  N N   . PHE A 1 87  ? -7.027  -10.343 12.517  1.00 72.22  ? 87   PHE A N   1 
ATOM   673  C CA  . PHE A 1 87  ? -7.315  -9.164  11.706  1.00 71.92  ? 87   PHE A CA  1 
ATOM   674  C C   . PHE A 1 87  ? -8.217  -9.458  10.516  1.00 72.53  ? 87   PHE A C   1 
ATOM   675  O O   . PHE A 1 87  ? -8.794  -8.534  9.931   1.00 72.69  ? 87   PHE A O   1 
ATOM   676  C CB  . PHE A 1 87  ? -6.020  -8.497  11.248  1.00 70.92  ? 87   PHE A CB  1 
ATOM   677  C CG  . PHE A 1 87  ? -5.049  -8.232  12.365  1.00 69.96  ? 87   PHE A CG  1 
ATOM   678  C CD1 . PHE A 1 87  ? -3.804  -8.855  12.382  1.00 66.95  ? 87   PHE A CD1 1 
ATOM   679  C CD2 . PHE A 1 87  ? -5.381  -7.368  13.408  1.00 62.93  ? 87   PHE A CD2 1 
ATOM   680  C CE1 . PHE A 1 87  ? -2.906  -8.614  13.410  1.00 67.66  ? 87   PHE A CE1 1 
ATOM   681  C CE2 . PHE A 1 87  ? -4.494  -7.129  14.430  1.00 63.96  ? 87   PHE A CE2 1 
ATOM   682  C CZ  . PHE A 1 87  ? -3.254  -7.750  14.436  1.00 66.03  ? 87   PHE A CZ  1 
ATOM   683  N N   . GLY A 1 88  ? -8.341  -10.739 10.173  1.00 72.92  ? 88   GLY A N   1 
ATOM   684  C CA  . GLY A 1 88  ? -9.130  -11.175 9.020   1.00 73.63  ? 88   GLY A CA  1 
ATOM   685  C C   . GLY A 1 88  ? -10.608 -10.830 9.099   1.00 74.23  ? 88   GLY A C   1 
ATOM   686  O O   . GLY A 1 88  ? -11.251 -10.621 8.065   1.00 74.41  ? 88   GLY A O   1 
ATOM   687  N N   . ASP A 1 89  ? -11.125 -10.767 10.332  1.00 74.13  ? 89   ASP A N   1 
ATOM   688  C CA  . ASP A 1 89  ? -12.533 -10.460 10.632  1.00 74.59  ? 89   ASP A CA  1 
ATOM   689  C C   . ASP A 1 89  ? -12.939 -9.027  10.274  1.00 74.71  ? 89   ASP A C   1 
ATOM   690  O O   . ASP A 1 89  ? -14.096 -8.767  9.923   1.00 74.98  ? 89   ASP A O   1 
ATOM   691  C CB  . ASP A 1 89  ? -12.814 -10.680 12.129  1.00 74.51  ? 89   ASP A CB  1 
ATOM   692  C CG  . ASP A 1 89  ? -13.147 -12.127 12.475  1.00 75.45  ? 89   ASP A CG  1 
ATOM   693  O OD1 . ASP A 1 89  ? -12.817 -13.043 11.687  1.00 74.46  ? 89   ASP A OD1 1 
ATOM   694  O OD2 . ASP A 1 89  ? -13.747 -12.343 13.556  1.00 74.95  ? 89   ASP A OD2 1 
ATOM   695  N N   . GLU A 1 90  ? -11.981 -8.109  10.397  1.00 74.43  ? 90   GLU A N   1 
ATOM   696  C CA  . GLU A 1 90  ? -12.183 -6.674  10.179  1.00 74.19  ? 90   GLU A CA  1 
ATOM   697  C C   . GLU A 1 90  ? -12.708 -6.357  8.772   1.00 73.64  ? 90   GLU A C   1 
ATOM   698  O O   . GLU A 1 90  ? -12.567 -7.175  7.862   1.00 74.02  ? 90   GLU A O   1 
ATOM   699  C CB  . GLU A 1 90  ? -10.857 -5.934  10.409  1.00 74.21  ? 90   GLU A CB  1 
ATOM   700  C CG  . GLU A 1 90  ? -10.208 -6.189  11.769  1.00 73.83  ? 90   GLU A CG  1 
ATOM   701  C CD  . GLU A 1 90  ? -8.882  -5.467  11.940  1.00 74.71  ? 90   GLU A CD  1 
ATOM   702  O OE1 . GLU A 1 90  ? -8.169  -5.762  12.931  1.00 77.10  ? 90   GLU A OE1 1 
ATOM   703  O OE2 . GLU A 1 90  ? -8.549  -4.605  11.090  1.00 76.70  ? 90   GLU A OE2 1 
ATOM   704  N N   . PRO A 1 91  ? -13.320 -5.170  8.587   1.00 73.21  ? 91   PRO A N   1 
ATOM   705  C CA  . PRO A 1 91  ? -13.713 -4.776  7.234   1.00 72.95  ? 91   PRO A CA  1 
ATOM   706  C C   . PRO A 1 91  ? -12.510 -4.304  6.418   1.00 72.65  ? 91   PRO A C   1 
ATOM   707  O O   . PRO A 1 91  ? -11.698 -3.524  6.911   1.00 73.32  ? 91   PRO A O   1 
ATOM   708  C CB  . PRO A 1 91  ? -14.689 -3.612  7.464   1.00 72.94  ? 91   PRO A CB  1 
ATOM   709  C CG  . PRO A 1 91  ? -14.861 -3.490  8.955   1.00 73.13  ? 91   PRO A CG  1 
ATOM   710  C CD  . PRO A 1 91  ? -13.683 -4.144  9.580   1.00 73.05  ? 91   PRO A CD  1 
ATOM   711  N N   . TRP A 1 92  ? -12.403 -4.788  5.186   1.00 71.83  ? 92   TRP A N   1 
ATOM   712  C CA  . TRP A 1 92  ? -11.319 -4.427  4.282   1.00 70.99  ? 92   TRP A CA  1 
ATOM   713  C C   . TRP A 1 92  ? -11.911 -4.019  2.954   1.00 70.10  ? 92   TRP A C   1 
ATOM   714  O O   . TRP A 1 92  ? -12.623 -4.792  2.327   1.00 70.17  ? 92   TRP A O   1 
ATOM   715  C CB  . TRP A 1 92  ? -10.366 -5.610  4.066   1.00 71.08  ? 92   TRP A CB  1 
ATOM   716  C CG  . TRP A 1 92  ? -9.549  -5.935  5.266   1.00 71.73  ? 92   TRP A CG  1 
ATOM   717  C CD1 . TRP A 1 92  ? -9.879  -6.793  6.280   1.00 72.16  ? 92   TRP A CD1 1 
ATOM   718  C CD2 . TRP A 1 92  ? -8.264  -5.402  5.593   1.00 73.45  ? 92   TRP A CD2 1 
ATOM   719  N NE1 . TRP A 1 92  ? -8.877  -6.828  7.216   1.00 70.80  ? 92   TRP A NE1 1 
ATOM   720  C CE2 . TRP A 1 92  ? -7.875  -5.978  6.825   1.00 75.25  ? 92   TRP A CE2 1 
ATOM   721  C CE3 . TRP A 1 92  ? -7.402  -4.484  4.970   1.00 74.12  ? 92   TRP A CE3 1 
ATOM   722  C CZ2 . TRP A 1 92  ? -6.656  -5.672  7.444   1.00 75.90  ? 92   TRP A CZ2 1 
ATOM   723  C CZ3 . TRP A 1 92  ? -6.187  -4.179  5.588   1.00 72.74  ? 92   TRP A CZ3 1 
ATOM   724  C CH2 . TRP A 1 92  ? -5.829  -4.774  6.811   1.00 74.26  ? 92   TRP A CH2 1 
ATOM   725  N N   . SER A 1 93  ? -11.613 -2.806  2.519   1.00 69.54  ? 93   SER A N   1 
ATOM   726  C CA  . SER A 1 93  ? -12.077 -2.346  1.221   1.00 68.93  ? 93   SER A CA  1 
ATOM   727  C C   . SER A 1 93  ? -11.065 -2.664  0.112   1.00 68.97  ? 93   SER A C   1 
ATOM   728  O O   . SER A 1 93  ? -9.976  -3.215  0.358   1.00 67.98  ? 93   SER A O   1 
ATOM   729  C CB  . SER A 1 93  ? -12.365 -0.850  1.269   1.00 68.62  ? 93   SER A CB  1 
ATOM   730  O OG  . SER A 1 93  ? -11.156 -0.143  1.431   1.00 68.33  ? 93   SER A OG  1 
ATOM   731  N N   . LEU A 1 94  ? -11.448 -2.322  -1.113  1.00 69.21  ? 94   LEU A N   1 
ATOM   732  C CA  . LEU A 1 94  ? -10.557 -2.420  -2.257  1.00 69.76  ? 94   LEU A CA  1 
ATOM   733  C C   . LEU A 1 94  ? -9.290  -1.589  -2.042  1.00 69.62  ? 94   LEU A C   1 
ATOM   734  O O   . LEU A 1 94  ? -8.184  -2.082  -2.243  1.00 70.53  ? 94   LEU A O   1 
ATOM   735  C CB  . LEU A 1 94  ? -11.287 -1.993  -3.535  1.00 70.11  ? 94   LEU A CB  1 
ATOM   736  C CG  . LEU A 1 94  ? -12.333 -2.976  -4.079  1.00 70.22  ? 94   LEU A CG  1 
ATOM   737  C CD1 . LEU A 1 94  ? -13.150 -2.309  -5.165  1.00 72.03  ? 94   LEU A CD1 1 
ATOM   738  C CD2 . LEU A 1 94  ? -11.679 -4.242  -4.609  1.00 72.64  ? 94   LEU A CD2 1 
ATOM   739  N N   . LEU A 1 95  ? -9.451  -0.349  -1.596  1.00 69.38  ? 95   LEU A N   1 
ATOM   740  C CA  . LEU A 1 95  ? -8.308  0.532   -1.389  1.00 69.50  ? 95   LEU A CA  1 
ATOM   741  C C   . LEU A 1 95  ? -7.386  0.105   -0.247  1.00 69.09  ? 95   LEU A C   1 
ATOM   742  O O   . LEU A 1 95  ? -6.166  0.276   -0.351  1.00 69.41  ? 95   LEU A O   1 
ATOM   743  C CB  . LEU A 1 95  ? -8.760  1.979   -1.211  1.00 69.72  ? 95   LEU A CB  1 
ATOM   744  C CG  . LEU A 1 95  ? -9.205  2.653   -2.517  1.00 71.82  ? 95   LEU A CG  1 
ATOM   745  C CD1 . LEU A 1 95  ? -9.699  4.053   -2.242  1.00 64.15  ? 95   LEU A CD1 1 
ATOM   746  C CD2 . LEU A 1 95  ? -8.088  2.663   -3.574  1.00 75.17  ? 95   LEU A CD2 1 
ATOM   747  N N   . ASP A 1 96  ? -7.955  -0.453  0.824   1.00 68.08  ? 96   ASP A N   1 
ATOM   748  C CA  . ASP A 1 96  ? -7.154  -0.948  1.949   1.00 67.26  ? 96   ASP A CA  1 
ATOM   749  C C   . ASP A 1 96  ? -6.229  -2.062  1.483   1.00 66.65  ? 96   ASP A C   1 
ATOM   750  O O   . ASP A 1 96  ? -5.141  -2.249  2.021   1.00 67.02  ? 96   ASP A O   1 
ATOM   751  C CB  . ASP A 1 96  ? -8.039  -1.483  3.082   1.00 67.43  ? 96   ASP A CB  1 
ATOM   752  C CG  . ASP A 1 96  ? -9.035  -0.462  3.595   1.00 67.43  ? 96   ASP A CG  1 
ATOM   753  O OD1 . ASP A 1 96  ? -8.666  0.724   3.748   1.00 68.14  ? 96   ASP A OD1 1 
ATOM   754  O OD2 . ASP A 1 96  ? -10.190 -0.855  3.858   1.00 67.24  ? 96   ASP A OD2 1 
ATOM   755  N N   . THR A 1 97  ? -6.676  -2.791  0.468   1.00 65.93  ? 97   THR A N   1 
ATOM   756  C CA  . THR A 1 97  ? -5.966  -3.962  -0.023  1.00 65.37  ? 97   THR A CA  1 
ATOM   757  C C   . THR A 1 97  ? -5.410  -3.729  -1.434  1.00 65.08  ? 97   THR A C   1 
ATOM   758  O O   . THR A 1 97  ? -5.246  -4.674  -2.215  1.00 64.77  ? 97   THR A O   1 
ATOM   759  C CB  . THR A 1 97  ? -6.883  -5.199  0.010   1.00 65.16  ? 97   THR A CB  1 
ATOM   760  O OG1 . THR A 1 97  ? -8.123  -4.888  -0.638  1.00 66.01  ? 97   THR A OG1 1 
ATOM   761  C CG2 . THR A 1 97  ? -7.171  -5.615  1.445   1.00 64.16  ? 97   THR A CG2 1 
ATOM   762  N N   . SER A 1 98  ? -5.124  -2.464  -1.749  1.00 64.68  ? 98   SER A N   1 
ATOM   763  C CA  . SER A 1 98  ? -4.528  -2.101  -3.032  1.00 65.07  ? 98   SER A CA  1 
ATOM   764  C C   . SER A 1 98  ? -3.000  -2.040  -2.941  1.00 65.08  ? 98   SER A C   1 
ATOM   765  O O   . SER A 1 98  ? -2.435  -1.810  -1.872  1.00 64.74  ? 98   SER A O   1 
ATOM   766  C CB  . SER A 1 98  ? -5.110  -0.785  -3.564  1.00 64.48  ? 98   SER A CB  1 
ATOM   767  O OG  . SER A 1 98  ? -4.759  0.306   -2.725  1.00 66.38  ? 98   SER A OG  1 
ATOM   768  N N   . TRP A 1 99  ? -2.347  -2.268  -4.074  1.00 66.54  ? 99   TRP A N   1 
ATOM   769  C CA  . TRP A 1 99  ? -0.885  -2.294  -4.158  1.00 68.03  ? 99   TRP A CA  1 
ATOM   770  C C   . TRP A 1 99  ? -0.234  -0.970  -3.756  1.00 67.84  ? 99   TRP A C   1 
ATOM   771  O O   . TRP A 1 99  ? 0.789   -0.963  -3.031  1.00 67.16  ? 99   TRP A O   1 
ATOM   772  C CB  . TRP A 1 99  ? -0.459  -2.688  -5.571  1.00 69.60  ? 99   TRP A CB  1 
ATOM   773  C CG  . TRP A 1 99  ? 1.031   -2.684  -5.755  1.00 72.26  ? 99   TRP A CG  1 
ATOM   774  C CD1 . TRP A 1 99  ? 1.790   -1.645  -6.296  1.00 68.69  ? 99   TRP A CD1 1 
ATOM   775  C CD2 . TRP A 1 99  ? 1.953   -3.773  -5.373  1.00 67.50  ? 99   TRP A CD2 1 
ATOM   776  N NE1 . TRP A 1 99  ? 3.126   -2.024  -6.299  1.00 66.38  ? 99   TRP A NE1 1 
ATOM   777  C CE2 . TRP A 1 99  ? 3.256   -3.321  -5.738  1.00 66.52  ? 99   TRP A CE2 1 
ATOM   778  C CE3 . TRP A 1 99  ? 1.797   -5.102  -4.780  1.00 67.97  ? 99   TRP A CE3 1 
ATOM   779  C CZ2 . TRP A 1 99  ? 4.414   -4.142  -5.524  1.00 69.18  ? 99   TRP A CZ2 1 
ATOM   780  C CZ3 . TRP A 1 99  ? 2.956   -5.898  -4.597  1.00 71.01  ? 99   TRP A CZ3 1 
ATOM   781  C CH2 . TRP A 1 99  ? 4.241   -5.426  -4.970  1.00 71.63  ? 99   TRP A CH2 1 
ATOM   782  N N   . ASP A 1 100 ? -0.839  0.146   -4.188  1.00 68.07  ? 100  ASP A N   1 
ATOM   783  C CA  . ASP A 1 100 ? -0.340  1.483   -3.833  1.00 68.77  ? 100  ASP A CA  1 
ATOM   784  C C   . ASP A 1 100 ? -0.428  1.739   -2.334  1.00 69.27  ? 100  ASP A C   1 
ATOM   785  O O   . ASP A 1 100 ? 0.476   2.343   -1.751  1.00 70.01  ? 100  ASP A O   1 
ATOM   786  C CB  . ASP A 1 100 ? -1.098  2.581   -4.588  1.00 68.96  ? 100  ASP A CB  1 
ATOM   787  C CG  . ASP A 1 100 ? -0.775  2.610   -6.076  1.00 72.38  ? 100  ASP A CG  1 
ATOM   788  O OD1 . ASP A 1 100 ? 0.311   2.120   -6.472  1.00 79.96  ? 100  ASP A OD1 1 
ATOM   789  O OD2 . ASP A 1 100 ? -1.613  3.129   -6.854  1.00 74.24  ? 100  ASP A OD2 1 
ATOM   790  N N   . ARG A 1 101 ? -1.508  1.290   -1.704  1.00 68.74  ? 101  ARG A N   1 
ATOM   791  C CA  . ARG A 1 101 ? -1.614  1.428   -0.258  1.00 68.78  ? 101  ARG A CA  1 
ATOM   792  C C   . ARG A 1 101 ? -0.500  0.611   0.409   1.00 68.17  ? 101  ARG A C   1 
ATOM   793  O O   . ARG A 1 101 ? 0.183   1.098   1.312   1.00 68.28  ? 101  ARG A O   1 
ATOM   794  C CB  . ARG A 1 101 ? -2.998  0.986   0.231   1.00 69.09  ? 101  ARG A CB  1 
ATOM   795  C CG  . ARG A 1 101 ? -3.225  1.130   1.745   1.00 71.35  ? 101  ARG A CG  1 
ATOM   796  C CD  . ARG A 1 101 ? -3.520  2.561   2.171   1.00 68.98  ? 101  ARG A CD  1 
ATOM   797  N NE  . ARG A 1 101 ? -4.772  3.065   1.604   1.00 72.66  ? 101  ARG A NE  1 
ATOM   798  C CZ  . ARG A 1 101 ? -5.964  2.995   2.195   1.00 76.87  ? 101  ARG A CZ  1 
ATOM   799  N NH1 . ARG A 1 101 ? -6.103  2.452   3.401   1.00 74.83  ? 101  ARG A NH1 1 
ATOM   800  N NH2 . ARG A 1 101 ? -7.031  3.480   1.575   1.00 78.06  ? 101  ARG A NH2 1 
ATOM   801  N N   . TYR A 1 102 ? -0.316  -0.620  -0.071  1.00 66.85  ? 102  TYR A N   1 
ATOM   802  C CA  . TYR A 1 102 ? 0.670   -1.564  0.463   1.00 65.28  ? 102  TYR A CA  1 
ATOM   803  C C   . TYR A 1 102 ? 2.093   -1.029  0.323   1.00 65.47  ? 102  TYR A C   1 
ATOM   804  O O   . TYR A 1 102 ? 2.970   -1.303  1.147   1.00 63.79  ? 102  TYR A O   1 
ATOM   805  C CB  . TYR A 1 102 ? 0.527   -2.891  -0.301  1.00 64.14  ? 102  TYR A CB  1 
ATOM   806  C CG  . TYR A 1 102 ? 1.453   -4.011  0.124   1.00 61.40  ? 102  TYR A CG  1 
ATOM   807  C CD1 . TYR A 1 102 ? 1.355   -4.594  1.395   1.00 55.32  ? 102  TYR A CD1 1 
ATOM   808  C CD2 . TYR A 1 102 ? 2.397   -4.522  -0.760  1.00 61.87  ? 102  TYR A CD2 1 
ATOM   809  C CE1 . TYR A 1 102 ? 2.196   -5.647  1.776   1.00 49.61  ? 102  TYR A CE1 1 
ATOM   810  C CE2 . TYR A 1 102 ? 3.240   -5.578  -0.389  1.00 62.36  ? 102  TYR A CE2 1 
ATOM   811  C CZ  . TYR A 1 102 ? 3.135   -6.127  0.884   1.00 57.50  ? 102  TYR A CZ  1 
ATOM   812  O OH  . TYR A 1 102 ? 3.970   -7.155  1.241   1.00 57.91  ? 102  TYR A OH  1 
ATOM   813  N N   . MET A 1 103 ? 2.305   -0.273  -0.751  1.00 67.72  ? 103  MET A N   1 
ATOM   814  C CA  . MET A 1 103 ? 3.637   0.184   -1.136  1.00 69.06  ? 103  MET A CA  1 
ATOM   815  C C   . MET A 1 103 ? 3.925   1.589   -0.672  1.00 69.88  ? 103  MET A C   1 
ATOM   816  O O   . MET A 1 103 ? 5.087   1.979   -0.585  1.00 70.60  ? 103  MET A O   1 
ATOM   817  C CB  . MET A 1 103 ? 3.851   0.037   -2.654  1.00 68.97  ? 103  MET A CB  1 
ATOM   818  C CG  . MET A 1 103 ? 4.193   -1.352  -3.063  1.00 68.69  ? 103  MET A CG  1 
ATOM   819  S SD  . MET A 1 103 ? 5.713   -2.007  -2.358  1.00 72.94  ? 103  MET A SD  1 
ATOM   820  C CE  . MET A 1 103 ? 5.067   -2.909  -0.988  1.00 66.28  ? 103  MET A CE  1 
ATOM   821  N N   . SER A 1 104 ? 2.864   2.335   -0.360  1.00 71.69  ? 104  SER A N   1 
ATOM   822  C CA  . SER A 1 104 ? 2.965   3.576   0.419   1.00 72.90  ? 104  SER A CA  1 
ATOM   823  C C   . SER A 1 104 ? 3.822   3.337   1.656   1.00 74.00  ? 104  SER A C   1 
ATOM   824  O O   . SER A 1 104 ? 3.995   2.188   2.084   1.00 74.04  ? 104  SER A O   1 
ATOM   825  C CB  . SER A 1 104 ? 1.577   4.041   0.891   1.00 73.29  ? 104  SER A CB  1 
ATOM   826  O OG  . SER A 1 104 ? 0.758   4.472   -0.187  1.00 74.92  ? 104  SER A OG  1 
ATOM   827  N N   . GLU A 1 105 ? 4.335   4.421   2.239   1.00 74.81  ? 105  GLU A N   1 
ATOM   828  C CA  . GLU A 1 105 ? 5.230   4.330   3.393   1.00 75.03  ? 105  GLU A CA  1 
ATOM   829  C C   . GLU A 1 105 ? 4.467   4.173   4.712   1.00 74.34  ? 105  GLU A C   1 
ATOM   830  O O   . GLU A 1 105 ? 3.454   4.849   4.938   1.00 73.79  ? 105  GLU A O   1 
ATOM   831  C CB  . GLU A 1 105 ? 6.183   5.526   3.443   1.00 75.50  ? 105  GLU A CB  1 
ATOM   832  C CG  . GLU A 1 105 ? 7.281   5.494   2.371   1.00 78.25  ? 105  GLU A CG  1 
ATOM   833  C CD  . GLU A 1 105 ? 8.557   4.774   2.814   1.00 87.32  ? 105  GLU A CD  1 
ATOM   834  O OE1 . GLU A 1 105 ? 9.650   5.182   2.358   1.00 89.67  ? 105  GLU A OE1 1 
ATOM   835  O OE2 . GLU A 1 105 ? 8.480   3.804   3.602   1.00 89.99  ? 105  GLU A OE2 1 
ATOM   836  N N   . PRO A 1 106 ? 4.935   3.250   5.580   1.00 74.14  ? 106  PRO A N   1 
ATOM   837  C CA  . PRO A 1 106 ? 6.093   2.379   5.354   1.00 73.68  ? 106  PRO A CA  1 
ATOM   838  C C   . PRO A 1 106 ? 5.758   1.176   4.464   1.00 73.77  ? 106  PRO A C   1 
ATOM   839  O O   . PRO A 1 106 ? 4.630   0.663   4.504   1.00 73.65  ? 106  PRO A O   1 
ATOM   840  C CB  . PRO A 1 106 ? 6.466   1.936   6.768   1.00 73.49  ? 106  PRO A CB  1 
ATOM   841  C CG  . PRO A 1 106 ? 5.163   1.912   7.498   1.00 72.77  ? 106  PRO A CG  1 
ATOM   842  C CD  . PRO A 1 106 ? 4.302   2.991   6.890   1.00 73.88  ? 106  PRO A CD  1 
ATOM   843  N N   . LYS A 1 107 ? 6.745   0.735   3.683   1.00 73.63  ? 107  LYS A N   1 
ATOM   844  C CA  . LYS A 1 107 ? 6.535   -0.206  2.579   1.00 73.47  ? 107  LYS A CA  1 
ATOM   845  C C   . LYS A 1 107 ? 6.268   -1.647  3.017   1.00 72.72  ? 107  LYS A C   1 
ATOM   846  O O   . LYS A 1 107 ? 6.790   -2.105  4.036   1.00 72.67  ? 107  LYS A O   1 
ATOM   847  C CB  . LYS A 1 107 ? 7.737   -0.189  1.625   1.00 73.59  ? 107  LYS A CB  1 
ATOM   848  C CG  . LYS A 1 107 ? 7.933   1.113   0.875   1.00 75.60  ? 107  LYS A CG  1 
ATOM   849  C CD  . LYS A 1 107 ? 9.023   0.978   -0.198  1.00 75.29  ? 107  LYS A CD  1 
ATOM   850  C CE  . LYS A 1 107 ? 9.361   2.352   -0.785  1.00 79.43  ? 107  LYS A CE  1 
ATOM   851  N NZ  . LYS A 1 107 ? 10.597  2.301   -1.620  1.00 79.85  ? 107  LYS A NZ  1 
ATOM   852  N N   . ARG A 1 108 ? 5.475   -2.355  2.208   1.00 71.39  ? 108  ARG A N   1 
ATOM   853  C CA  . ARG A 1 108 ? 5.125   -3.763  2.431   1.00 70.15  ? 108  ARG A CA  1 
ATOM   854  C C   . ARG A 1 108 ? 4.308   -4.023  3.705   1.00 68.99  ? 108  ARG A C   1 
ATOM   855  O O   . ARG A 1 108 ? 4.612   -4.937  4.471   1.00 68.98  ? 108  ARG A O   1 
ATOM   856  C CB  . ARG A 1 108 ? 6.364   -4.675  2.374   1.00 70.24  ? 108  ARG A CB  1 
ATOM   857  C CG  . ARG A 1 108 ? 7.044   -4.728  1.019   1.00 71.01  ? 108  ARG A CG  1 
ATOM   858  C CD  . ARG A 1 108 ? 7.746   -6.057  0.793   1.00 76.01  ? 108  ARG A CD  1 
ATOM   859  N NE  . ARG A 1 108 ? 7.719   -6.492  -0.608  1.00 82.00  ? 108  ARG A NE  1 
ATOM   860  C CZ  . ARG A 1 108 ? 7.875   -5.701  -1.674  1.00 84.33  ? 108  ARG A CZ  1 
ATOM   861  N NH1 . ARG A 1 108 ? 8.100   -4.396  -1.535  1.00 87.12  ? 108  ARG A NH1 1 
ATOM   862  N NH2 . ARG A 1 108 ? 7.823   -6.224  -2.890  1.00 82.46  ? 108  ARG A NH2 1 
ATOM   863  N N   . CYS A 1 109 ? 3.269   -3.218  3.911   1.00 67.70  ? 109  CYS A N   1 
ATOM   864  C CA  . CYS A 1 109 ? 2.276   -3.463  4.957   1.00 66.88  ? 109  CYS A CA  1 
ATOM   865  C C   . CYS A 1 109 ? 0.923   -2.873  4.564   1.00 66.70  ? 109  CYS A C   1 
ATOM   866  O O   . CYS A 1 109 ? 0.852   -1.862  3.858   1.00 66.03  ? 109  CYS A O   1 
ATOM   867  C CB  . CYS A 1 109 ? 2.738   -2.940  6.335   1.00 67.16  ? 109  CYS A CB  1 
ATOM   868  S SG  . CYS A 1 109 ? 2.772   -1.131  6.579   1.00 66.10  ? 109  CYS A SG  1 
ATOM   869  N N   . PHE A 1 110 ? -0.150  -3.514  5.020   1.00 66.12  ? 110  PHE A N   1 
ATOM   870  C CA  . PHE A 1 110 ? -1.491  -3.024  4.743   1.00 65.92  ? 110  PHE A CA  1 
ATOM   871  C C   . PHE A 1 110 ? -1.867  -1.937  5.747   1.00 66.08  ? 110  PHE A C   1 
ATOM   872  O O   . PHE A 1 110 ? -1.375  -1.923  6.881   1.00 66.24  ? 110  PHE A O   1 
ATOM   873  C CB  . PHE A 1 110 ? -2.499  -4.180  4.697   1.00 65.60  ? 110  PHE A CB  1 
ATOM   874  C CG  . PHE A 1 110 ? -2.141  -5.248  3.689   1.00 64.94  ? 110  PHE A CG  1 
ATOM   875  C CD1 . PHE A 1 110 ? -1.581  -6.457  4.102   1.00 62.52  ? 110  PHE A CD1 1 
ATOM   876  C CD2 . PHE A 1 110 ? -2.332  -5.033  2.323   1.00 62.44  ? 110  PHE A CD2 1 
ATOM   877  C CE1 . PHE A 1 110 ? -1.232  -7.437  3.177   1.00 64.75  ? 110  PHE A CE1 1 
ATOM   878  C CE2 . PHE A 1 110 ? -1.986  -6.016  1.384   1.00 65.27  ? 110  PHE A CE2 1 
ATOM   879  C CZ  . PHE A 1 110 ? -1.433  -7.218  1.807   1.00 62.98  ? 110  PHE A CZ  1 
ATOM   880  N N   . LYS A 1 111 ? -2.707  -1.000  5.311   1.00 65.98  ? 111  LYS A N   1 
ATOM   881  C CA  . LYS A 1 111 ? -2.932  0.230   6.071   1.00 65.60  ? 111  LYS A CA  1 
ATOM   882  C C   . LYS A 1 111 ? -4.375  0.705   6.012   1.00 65.46  ? 111  LYS A C   1 
ATOM   883  O O   . LYS A 1 111 ? -4.962  0.781   4.935   1.00 65.67  ? 111  LYS A O   1 
ATOM   884  C CB  . LYS A 1 111 ? -2.016  1.358   5.573   1.00 65.28  ? 111  LYS A CB  1 
ATOM   885  C CG  . LYS A 1 111 ? -0.594  0.951   5.232   1.00 64.69  ? 111  LYS A CG  1 
ATOM   886  C CD  . LYS A 1 111 ? 0.270   2.174   5.014   1.00 63.46  ? 111  LYS A CD  1 
ATOM   887  C CE  . LYS A 1 111 ? 1.402   1.941   4.047   1.00 65.18  ? 111  LYS A CE  1 
ATOM   888  N NZ  . LYS A 1 111 ? 2.008   0.577   4.068   1.00 73.44  ? 111  LYS A NZ  1 
ATOM   889  N N   . LYS A 1 112 ? -4.938  1.030   7.176   1.00 65.44  ? 112  LYS A N   1 
ATOM   890  C CA  . LYS A 1 112 ? -6.259  1.664   7.254   1.00 65.36  ? 112  LYS A CA  1 
ATOM   891  C C   . LYS A 1 112 ? -6.222  2.904   8.157   1.00 65.56  ? 112  LYS A C   1 
ATOM   892  O O   . LYS A 1 112 ? -5.365  3.013   9.040   1.00 65.39  ? 112  LYS A O   1 
ATOM   893  C CB  . LYS A 1 112 ? -7.320  0.670   7.736   1.00 65.56  ? 112  LYS A CB  1 
ATOM   894  C CG  . LYS A 1 112 ? -7.500  -0.560  6.829   1.00 66.15  ? 112  LYS A CG  1 
ATOM   895  C CD  . LYS A 1 112 ? -8.775  -1.329  7.134   1.00 65.25  ? 112  LYS A CD  1 
ATOM   896  C CE  . LYS A 1 112 ? -8.615  -2.177  8.381   1.00 66.35  ? 112  LYS A CE  1 
ATOM   897  N NZ  . LYS A 1 112 ? -9.625  -3.274  8.465   1.00 66.88  ? 112  LYS A NZ  1 
ATOM   898  N N   . GLY A 1 113 ? -7.148  3.832   7.925   1.00 65.58  ? 113  GLY A N   1 
ATOM   899  C CA  . GLY A 1 113 ? -7.261  5.040   8.743   1.00 66.21  ? 113  GLY A CA  1 
ATOM   900  C C   . GLY A 1 113 ? -6.317  6.140   8.286   1.00 66.23  ? 113  GLY A C   1 
ATOM   901  O O   . GLY A 1 113 ? -5.316  6.417   8.939   1.00 65.70  ? 113  GLY A O   1 
ATOM   902  N N   . ALA A 1 114 ? -6.642  6.755   7.153   1.00 66.56  ? 114  ALA A N   1 
ATOM   903  C CA  . ALA A 1 114 ? -5.789  7.777   6.551   1.00 67.19  ? 114  ALA A CA  1 
ATOM   904  C C   . ALA A 1 114 ? -6.067  9.142   7.154   1.00 67.47  ? 114  ALA A C   1 
ATOM   905  O O   . ALA A 1 114 ? -7.228  9.492   7.434   1.00 67.50  ? 114  ALA A O   1 
ATOM   906  C CB  . ALA A 1 114 ? -5.992  7.824   5.033   1.00 66.64  ? 114  ALA A CB  1 
ATOM   907  N N   . ARG A 1 115 ? -4.997  9.903   7.361   1.00 67.52  ? 115  ARG A N   1 
ATOM   908  C CA  . ARG A 1 115 ? -5.122  11.316  7.704   1.00 68.15  ? 115  ARG A CA  1 
ATOM   909  C C   . ARG A 1 115 ? -3.948  12.113  7.166   1.00 68.61  ? 115  ARG A C   1 
ATOM   910  O O   . ARG A 1 115 ? -2.888  11.559  6.873   1.00 68.63  ? 115  ARG A O   1 
ATOM   911  C CB  . ARG A 1 115 ? -5.278  11.522  9.214   1.00 68.12  ? 115  ARG A CB  1 
ATOM   912  C CG  . ARG A 1 115 ? -4.013  11.322  9.999   1.00 66.99  ? 115  ARG A CG  1 
ATOM   913  C CD  . ARG A 1 115 ? -4.333  11.262  11.464  1.00 59.86  ? 115  ARG A CD  1 
ATOM   914  N NE  . ARG A 1 115 ? -3.118  11.161  12.261  1.00 61.20  ? 115  ARG A NE  1 
ATOM   915  C CZ  . ARG A 1 115 ? -2.547  10.018  12.625  1.00 64.63  ? 115  ARG A CZ  1 
ATOM   916  N NH1 . ARG A 1 115 ? -3.066  8.848   12.254  1.00 68.96  ? 115  ARG A NH1 1 
ATOM   917  N NH2 . ARG A 1 115 ? -1.449  10.045  13.363  1.00 66.00  ? 115  ARG A NH2 1 
ATOM   918  N N   . VAL A 1 116 ? -4.144  13.420  7.039   1.00 69.19  ? 116  VAL A N   1 
ATOM   919  C CA  . VAL A 1 116 ? -3.110  14.279  6.483   1.00 69.37  ? 116  VAL A CA  1 
ATOM   920  C C   . VAL A 1 116 ? -2.309  14.968  7.587   1.00 69.33  ? 116  VAL A C   1 
ATOM   921  O O   . VAL A 1 116 ? -2.865  15.599  8.490   1.00 68.99  ? 116  VAL A O   1 
ATOM   922  C CB  . VAL A 1 116 ? -3.695  15.302  5.454   1.00 69.76  ? 116  VAL A CB  1 
ATOM   923  C CG1 . VAL A 1 116 ? -2.628  16.269  4.978   1.00 68.74  ? 116  VAL A CG1 1 
ATOM   924  C CG2 . VAL A 1 116 ? -4.317  14.562  4.248   1.00 69.88  ? 116  VAL A CG2 1 
ATOM   925  N N   . VAL A 1 117 ? -0.992  14.819  7.503   1.00 69.42  ? 117  VAL A N   1 
ATOM   926  C CA  . VAL A 1 117 ? -0.062  15.574  8.334   1.00 69.29  ? 117  VAL A CA  1 
ATOM   927  C C   . VAL A 1 117 ? 0.505   16.741  7.506   1.00 69.40  ? 117  VAL A C   1 
ATOM   928  O O   . VAL A 1 117 ? 0.923   16.559  6.358   1.00 68.71  ? 117  VAL A O   1 
ATOM   929  C CB  . VAL A 1 117 ? 1.041   14.639  8.907   1.00 69.25  ? 117  VAL A CB  1 
ATOM   930  C CG1 . VAL A 1 117 ? 2.152   15.421  9.571   1.00 69.90  ? 117  VAL A CG1 1 
ATOM   931  C CG2 . VAL A 1 117 ? 0.421   13.673  9.922   1.00 68.67  ? 117  VAL A CG2 1 
ATOM   932  N N   . GLU A 1 118 ? 0.474   17.940  8.078   1.00 69.70  ? 118  GLU A N   1 
ATOM   933  C CA  . GLU A 1 118 ? 0.966   19.135  7.392   1.00 71.28  ? 118  GLU A CA  1 
ATOM   934  C C   . GLU A 1 118 ? 2.245   19.668  8.028   1.00 69.83  ? 118  GLU A C   1 
ATOM   935  O O   . GLU A 1 118 ? 2.313   19.853  9.243   1.00 69.13  ? 118  GLU A O   1 
ATOM   936  C CB  . GLU A 1 118 ? -0.092  20.247  7.362   1.00 70.60  ? 118  GLU A CB  1 
ATOM   937  C CG  . GLU A 1 118 ? 0.369   21.471  6.557   1.00 73.70  ? 118  GLU A CG  1 
ATOM   938  C CD  . GLU A 1 118 ? -0.583  22.665  6.635   1.00 75.80  ? 118  GLU A CD  1 
ATOM   939  O OE1 . GLU A 1 118 ? -0.828  23.267  5.562   1.00 88.04  ? 118  GLU A OE1 1 
ATOM   940  O OE2 . GLU A 1 118 ? -1.073  23.005  7.747   1.00 80.71  ? 118  GLU A OE2 1 
ATOM   941  N N   . VAL A 1 119 ? 3.255   19.906  7.197   1.00 69.19  ? 119  VAL A N   1 
ATOM   942  C CA  . VAL A 1 119 ? 4.518   20.470  7.668   1.00 69.51  ? 119  VAL A CA  1 
ATOM   943  C C   . VAL A 1 119 ? 4.744   21.846  7.042   1.00 69.50  ? 119  VAL A C   1 
ATOM   944  O O   . VAL A 1 119 ? 4.662   22.008  5.823   1.00 69.57  ? 119  VAL A O   1 
ATOM   945  C CB  . VAL A 1 119 ? 5.732   19.533  7.410   1.00 68.92  ? 119  VAL A CB  1 
ATOM   946  C CG1 . VAL A 1 119 ? 7.008   20.132  8.007   1.00 69.08  ? 119  VAL A CG1 1 
ATOM   947  C CG2 . VAL A 1 119 ? 5.491   18.175  8.030   1.00 69.30  ? 119  VAL A CG2 1 
ATOM   948  N N   . GLU A 1 120 ? 5.013   22.825  7.893   1.00 69.15  ? 120  GLU A N   1 
ATOM   949  C CA  . GLU A 1 120 ? 5.282   24.192  7.466   1.00 69.74  ? 120  GLU A CA  1 
ATOM   950  C C   . GLU A 1 120 ? 6.757   24.477  7.705   1.00 70.10  ? 120  GLU A C   1 
ATOM   951  O O   . GLU A 1 120 ? 7.276   24.225  8.791   1.00 69.70  ? 120  GLU A O   1 
ATOM   952  C CB  . GLU A 1 120 ? 4.405   25.176  8.247   1.00 69.28  ? 120  GLU A CB  1 
ATOM   953  C CG  . GLU A 1 120 ? 4.594   26.638  7.871   1.00 68.99  ? 120  GLU A CG  1 
ATOM   954  C CD  . GLU A 1 120 ? 4.235   27.576  9.015   1.00 71.54  ? 120  GLU A CD  1 
ATOM   955  O OE1 . GLU A 1 120 ? 5.026   27.672  9.979   1.00 76.39  ? 120  GLU A OE1 1 
ATOM   956  O OE2 . GLU A 1 120 ? 3.171   28.224  8.954   1.00 69.96  ? 120  GLU A OE2 1 
ATOM   957  N N   . PHE A 1 121 ? 7.429   25.016  6.698   1.00 70.99  ? 121  PHE A N   1 
ATOM   958  C CA  . PHE A 1 121 ? 8.886   25.046  6.736   1.00 71.57  ? 121  PHE A CA  1 
ATOM   959  C C   . PHE A 1 121 ? 9.589   26.255  7.353   1.00 72.64  ? 121  PHE A C   1 
ATOM   960  O O   . PHE A 1 121 ? 10.289  26.105  8.354   1.00 74.72  ? 121  PHE A O   1 
ATOM   961  C CB  . PHE A 1 121 ? 9.482   24.601  5.393   1.00 70.92  ? 121  PHE A CB  1 
ATOM   962  C CG  . PHE A 1 121 ? 9.212   23.158  5.094   1.00 70.70  ? 121  PHE A CG  1 
ATOM   963  C CD1 . PHE A 1 121 ? 8.203   22.795  4.221   1.00 69.18  ? 121  PHE A CD1 1 
ATOM   964  C CD2 . PHE A 1 121 ? 9.923   22.152  5.758   1.00 71.88  ? 121  PHE A CD2 1 
ATOM   965  C CE1 . PHE A 1 121 ? 7.925   21.452  3.969   1.00 72.52  ? 121  PHE A CE1 1 
ATOM   966  C CE2 . PHE A 1 121 ? 9.655   20.804  5.515   1.00 69.56  ? 121  PHE A CE2 1 
ATOM   967  C CZ  . PHE A 1 121 ? 8.653   20.452  4.618   1.00 68.81  ? 121  PHE A CZ  1 
ATOM   968  N N   . ASP A 1 122 ? 9.435   27.454  6.824   1.00 72.42  ? 122  ASP A N   1 
ATOM   969  C CA  . ASP A 1 122 ? 10.319  28.509  7.375   1.00 72.05  ? 122  ASP A CA  1 
ATOM   970  C C   . ASP A 1 122 ? 9.607   29.526  8.265   1.00 71.32  ? 122  ASP A C   1 
ATOM   971  O O   . ASP A 1 122 ? 9.947   30.708  8.266   1.00 71.37  ? 122  ASP A O   1 
ATOM   972  C CB  . ASP A 1 122 ? 11.154  29.165  6.257   1.00 71.30  ? 122  ASP A CB  1 
ATOM   973  C CG  . ASP A 1 122 ? 12.289  28.260  5.778   1.00 69.99  ? 122  ASP A CG  1 
ATOM   974  O OD1 . ASP A 1 122 ? 13.018  27.734  6.639   1.00 69.84  ? 122  ASP A OD1 1 
ATOM   975  O OD2 . ASP A 1 122 ? 12.454  28.067  4.553   1.00 71.48  ? 122  ASP A OD2 1 
ATOM   976  N N   . GLY A 1 123 ? 8.634   29.039  9.040   1.00 70.93  ? 123  GLY A N   1 
ATOM   977  C CA  . GLY A 1 123 ? 7.627   29.897  9.674   1.00 69.87  ? 123  GLY A CA  1 
ATOM   978  C C   . GLY A 1 123 ? 6.790   30.562  8.586   1.00 69.32  ? 123  GLY A C   1 
ATOM   979  O O   . GLY A 1 123 ? 6.183   31.611  8.801   1.00 69.35  ? 123  GLY A O   1 
ATOM   980  N N   . ASN A 1 124 ? 6.763   29.934  7.416   1.00 68.58  ? 124  ASN A N   1 
ATOM   981  C CA  . ASN A 1 124 ? 6.207   30.524  6.205   1.00 68.67  ? 124  ASN A CA  1 
ATOM   982  C C   . ASN A 1 124 ? 5.003   29.699  5.734   1.00 68.32  ? 124  ASN A C   1 
ATOM   983  O O   . ASN A 1 124 ? 5.152   28.593  5.196   1.00 67.68  ? 124  ASN A O   1 
ATOM   984  C CB  . ASN A 1 124 ? 7.318   30.620  5.141   1.00 68.42  ? 124  ASN A CB  1 
ATOM   985  C CG  . ASN A 1 124 ? 6.875   31.274  3.827   1.00 70.88  ? 124  ASN A CG  1 
ATOM   986  O OD1 . ASN A 1 124 ? 7.678   31.362  2.890   1.00 71.74  ? 124  ASN A OD1 1 
ATOM   987  N ND2 . ASN A 1 124 ? 5.619   31.727  3.741   1.00 71.79  ? 124  ASN A ND2 1 
ATOM   988  N N   . ALA A 1 125 ? 3.812   30.262  5.952   1.00 67.62  ? 125  ALA A N   1 
ATOM   989  C CA  . ALA A 1 125 ? 2.541   29.590  5.691   1.00 67.22  ? 125  ALA A CA  1 
ATOM   990  C C   . ALA A 1 125 ? 2.387   29.116  4.245   1.00 67.02  ? 125  ALA A C   1 
ATOM   991  O O   . ALA A 1 125 ? 1.587   28.217  3.963   1.00 66.65  ? 125  ALA A O   1 
ATOM   992  C CB  . ALA A 1 125 ? 1.370   30.499  6.082   1.00 66.96  ? 125  ALA A CB  1 
ATOM   993  N N   . SER A 1 126 ? 3.149   29.734  3.345   1.00 67.28  ? 126  SER A N   1 
ATOM   994  C CA  . SER A 1 126 ? 3.158   29.367  1.929   1.00 67.64  ? 126  SER A CA  1 
ATOM   995  C C   . SER A 1 126 ? 4.254   28.343  1.631   1.00 67.74  ? 126  SER A C   1 
ATOM   996  O O   . SER A 1 126 ? 4.313   27.815  0.528   1.00 69.48  ? 126  SER A O   1 
ATOM   997  C CB  . SER A 1 126 ? 3.325   30.604  1.036   1.00 66.77  ? 126  SER A CB  1 
ATOM   998  O OG  . SER A 1 126 ? 4.631   31.154  1.175   1.00 70.10  ? 126  SER A OG  1 
ATOM   999  N N   . ASN A 1 127 ? 5.125   28.079  2.605   1.00 67.73  ? 127  ASN A N   1 
ATOM   1000 C CA  . ASN A 1 127 ? 6.151   27.032  2.473   1.00 67.90  ? 127  ASN A CA  1 
ATOM   1001 C C   . ASN A 1 127 ? 5.759   25.789  3.279   1.00 67.85  ? 127  ASN A C   1 
ATOM   1002 O O   . ASN A 1 127 ? 6.130   25.620  4.448   1.00 66.79  ? 127  ASN A O   1 
ATOM   1003 C CB  . ASN A 1 127 ? 7.543   27.553  2.862   1.00 67.59  ? 127  ASN A CB  1 
ATOM   1004 C CG  . ASN A 1 127 ? 8.675   26.598  2.473   1.00 68.43  ? 127  ASN A CG  1 
ATOM   1005 O OD1 . ASN A 1 127 ? 9.820   26.791  2.887   1.00 73.42  ? 127  ASN A OD1 1 
ATOM   1006 N ND2 . ASN A 1 127 ? 8.364   25.569  1.688   1.00 67.47  ? 127  ASN A ND2 1 
ATOM   1007 N N   . THR A 1 128 ? 5.035   24.912  2.592   1.00 68.30  ? 128  THR A N   1 
ATOM   1008 C CA  . THR A 1 128 ? 4.229   23.864  3.190   1.00 68.62  ? 128  THR A CA  1 
ATOM   1009 C C   . THR A 1 128 ? 4.375   22.549  2.411   1.00 68.67  ? 128  THR A C   1 
ATOM   1010 O O   . THR A 1 128 ? 4.711   22.554  1.221   1.00 67.84  ? 128  THR A O   1 
ATOM   1011 C CB  . THR A 1 128 ? 2.752   24.357  3.245   1.00 68.74  ? 128  THR A CB  1 
ATOM   1012 O OG1 . THR A 1 128 ? 2.518   25.012  4.505   1.00 72.38  ? 128  THR A OG1 1 
ATOM   1013 C CG2 . THR A 1 128 ? 1.772   23.257  3.082   1.00 69.11  ? 128  THR A CG2 1 
ATOM   1014 N N   . ASN A 1 129 ? 4.167   21.428  3.100   1.00 69.06  ? 129  ASN A N   1 
ATOM   1015 C CA  . ASN A 1 129 ? 4.034   20.128  2.456   1.00 69.36  ? 129  ASN A CA  1 
ATOM   1016 C C   . ASN A 1 129 ? 3.152   19.228  3.300   1.00 70.07  ? 129  ASN A C   1 
ATOM   1017 O O   . ASN A 1 129 ? 3.031   19.428  4.506   1.00 69.56  ? 129  ASN A O   1 
ATOM   1018 C CB  . ASN A 1 129 ? 5.395   19.475  2.224   1.00 69.62  ? 129  ASN A CB  1 
ATOM   1019 C CG  . ASN A 1 129 ? 5.429   18.606  0.960   1.00 71.57  ? 129  ASN A CG  1 
ATOM   1020 O OD1 . ASN A 1 129 ? 6.384   17.873  0.741   1.00 75.48  ? 129  ASN A OD1 1 
ATOM   1021 N ND2 . ASN A 1 129 ? 4.385   18.686  0.135   1.00 72.39  ? 129  ASN A ND2 1 
ATOM   1022 N N   . TRP A 1 130 ? 2.500   18.260  2.661   1.00 71.14  ? 130  TRP A N   1 
ATOM   1023 C CA  . TRP A 1 130 ? 1.584   17.392  3.379   1.00 71.94  ? 130  TRP A CA  1 
ATOM   1024 C C   . TRP A 1 130 ? 1.829   15.908  3.130   1.00 71.68  ? 130  TRP A C   1 
ATOM   1025 O O   . TRP A 1 130 ? 2.289   15.518  2.068   1.00 71.11  ? 130  TRP A O   1 
ATOM   1026 C CB  . TRP A 1 130 ? 0.113   17.814  3.180   1.00 73.26  ? 130  TRP A CB  1 
ATOM   1027 C CG  . TRP A 1 130 ? -0.328  18.109  1.769   1.00 76.30  ? 130  TRP A CG  1 
ATOM   1028 C CD1 . TRP A 1 130 ? -0.371  17.234  0.730   1.00 79.76  ? 130  TRP A CD1 1 
ATOM   1029 C CD2 . TRP A 1 130 ? -0.830  19.359  1.258   1.00 79.07  ? 130  TRP A CD2 1 
ATOM   1030 N NE1 . TRP A 1 130 ? -0.842  17.859  -0.401  1.00 81.81  ? 130  TRP A NE1 1 
ATOM   1031 C CE2 . TRP A 1 130 ? -1.128  19.164  -0.104  1.00 78.43  ? 130  TRP A CE2 1 
ATOM   1032 C CE3 . TRP A 1 130 ? -1.036  20.629  1.820   1.00 86.39  ? 130  TRP A CE3 1 
ATOM   1033 C CZ2 . TRP A 1 130 ? -1.643  20.186  -0.922  1.00 79.68  ? 130  TRP A CZ2 1 
ATOM   1034 C CZ3 . TRP A 1 130 ? -1.546  21.656  1.001   1.00 82.53  ? 130  TRP A CZ3 1 
ATOM   1035 C CH2 . TRP A 1 130 ? -1.846  21.419  -0.355  1.00 79.23  ? 130  TRP A CH2 1 
ATOM   1036 N N   . TYR A 1 131 ? 1.574   15.102  4.159   1.00 72.03  ? 131  TYR A N   1 
ATOM   1037 C CA  . TYR A 1 131 ? 1.895   13.669  4.182   1.00 71.54  ? 131  TYR A CA  1 
ATOM   1038 C C   . TYR A 1 131 ? 0.687   12.884  4.673   1.00 72.45  ? 131  TYR A C   1 
ATOM   1039 O O   . TYR A 1 131 ? 0.056   13.255  5.667   1.00 73.35  ? 131  TYR A O   1 
ATOM   1040 C CB  . TYR A 1 131 ? 3.101   13.408  5.100   1.00 70.89  ? 131  TYR A CB  1 
ATOM   1041 C CG  . TYR A 1 131 ? 4.289   14.307  4.794   1.00 69.32  ? 131  TYR A CG  1 
ATOM   1042 C CD1 . TYR A 1 131 ? 4.359   15.604  5.302   1.00 64.28  ? 131  TYR A CD1 1 
ATOM   1043 C CD2 . TYR A 1 131 ? 5.322   13.870  3.969   1.00 71.30  ? 131  TYR A CD2 1 
ATOM   1044 C CE1 . TYR A 1 131 ? 5.427   16.441  4.993   1.00 62.48  ? 131  TYR A CE1 1 
ATOM   1045 C CE2 . TYR A 1 131 ? 6.391   14.695  3.666   1.00 71.15  ? 131  TYR A CE2 1 
ATOM   1046 C CZ  . TYR A 1 131 ? 6.435   15.979  4.185   1.00 64.16  ? 131  TYR A CZ  1 
ATOM   1047 O OH  . TYR A 1 131 ? 7.497   16.794  3.885   1.00 67.25  ? 131  TYR A OH  1 
ATOM   1048 N N   . THR A 1 132 ? 0.362   11.801  3.973   1.00 74.13  ? 132  THR A N   1 
ATOM   1049 C CA  . THR A 1 132 ? -0.740  10.924  4.364   1.00 74.71  ? 132  THR A CA  1 
ATOM   1050 C C   . THR A 1 132 ? -0.213  9.863   5.315   1.00 75.21  ? 132  THR A C   1 
ATOM   1051 O O   . THR A 1 132 ? 0.699   9.109   4.969   1.00 75.36  ? 132  THR A O   1 
ATOM   1052 C CB  . THR A 1 132 ? -1.403  10.278  3.141   1.00 75.20  ? 132  THR A CB  1 
ATOM   1053 O OG1 . THR A 1 132 ? -1.861  11.312  2.262   1.00 75.48  ? 132  THR A OG1 1 
ATOM   1054 C CG2 . THR A 1 132 ? -2.593  9.398   3.550   1.00 74.73  ? 132  THR A CG2 1 
ATOM   1055 N N   . VAL A 1 133 ? -0.775  9.839   6.523   1.00 75.41  ? 133  VAL A N   1 
ATOM   1056 C CA  . VAL A 1 133 ? -0.386  8.885   7.562   1.00 75.82  ? 133  VAL A CA  1 
ATOM   1057 C C   . VAL A 1 133 ? -1.566  7.971   7.897   1.00 75.35  ? 133  VAL A C   1 
ATOM   1058 O O   . VAL A 1 133 ? -2.712  8.410   7.924   1.00 75.65  ? 133  VAL A O   1 
ATOM   1059 C CB  . VAL A 1 133 ? 0.137   9.611   8.829   1.00 75.98  ? 133  VAL A CB  1 
ATOM   1060 C CG1 . VAL A 1 133 ? 0.613   8.618   9.893   1.00 76.11  ? 133  VAL A CG1 1 
ATOM   1061 C CG2 . VAL A 1 133 ? 1.280   10.532  8.454   1.00 78.62  ? 133  VAL A CG2 1 
ATOM   1062 N N   . TYR A 1 134 ? -1.272  6.698   8.138   1.00 75.27  ? 134  TYR A N   1 
ATOM   1063 C CA  . TYR A 1 134 ? -2.298  5.699   8.443   1.00 74.91  ? 134  TYR A CA  1 
ATOM   1064 C C   . TYR A 1 134 ? -2.248  5.303   9.912   1.00 75.15  ? 134  TYR A C   1 
ATOM   1065 O O   . TYR A 1 134 ? -1.188  4.960   10.430  1.00 75.89  ? 134  TYR A O   1 
ATOM   1066 C CB  . TYR A 1 134 ? -2.170  4.485   7.503   1.00 74.00  ? 134  TYR A CB  1 
ATOM   1067 C CG  . TYR A 1 134 ? -2.488  4.848   6.066   1.00 72.53  ? 134  TYR A CG  1 
ATOM   1068 C CD1 . TYR A 1 134 ? -1.481  5.237   5.176   1.00 72.14  ? 134  TYR A CD1 1 
ATOM   1069 C CD2 . TYR A 1 134 ? -3.801  4.843   5.606   1.00 69.62  ? 134  TYR A CD2 1 
ATOM   1070 C CE1 . TYR A 1 134 ? -1.773  5.594   3.859   1.00 63.80  ? 134  TYR A CE1 1 
ATOM   1071 C CE2 . TYR A 1 134 ? -4.103  5.202   4.295   1.00 67.37  ? 134  TYR A CE2 1 
ATOM   1072 C CZ  . TYR A 1 134 ? -3.090  5.584   3.431   1.00 67.76  ? 134  TYR A CZ  1 
ATOM   1073 O OH  . TYR A 1 134 ? -3.406  5.941   2.135   1.00 69.65  ? 134  TYR A OH  1 
ATOM   1074 N N   . SER A 1 135 ? -3.394  5.372   10.586  1.00 75.01  ? 135  SER A N   1 
ATOM   1075 C CA  . SER A 1 135 ? -3.458  5.105   12.022  1.00 75.05  ? 135  SER A CA  1 
ATOM   1076 C C   . SER A 1 135 ? -3.300  3.620   12.338  1.00 75.05  ? 135  SER A C   1 
ATOM   1077 O O   . SER A 1 135 ? -2.926  3.256   13.460  1.00 74.61  ? 135  SER A O   1 
ATOM   1078 C CB  . SER A 1 135 ? -4.769  5.632   12.617  1.00 75.32  ? 135  SER A CB  1 
ATOM   1079 O OG  . SER A 1 135 ? -5.896  4.951   12.082  1.00 77.29  ? 135  SER A OG  1 
ATOM   1080 N N   . ASN A 1 136 ? -3.583  2.775   11.345  1.00 74.94  ? 136  ASN A N   1 
ATOM   1081 C CA  . ASN A 1 136 ? -3.562  1.326   11.530  1.00 75.05  ? 136  ASN A CA  1 
ATOM   1082 C C   . ASN A 1 136 ? -2.712  0.636   10.475  1.00 74.59  ? 136  ASN A C   1 
ATOM   1083 O O   . ASN A 1 136 ? -2.997  0.716   9.280   1.00 74.51  ? 136  ASN A O   1 
ATOM   1084 C CB  . ASN A 1 136 ? -4.992  0.756   11.573  1.00 74.91  ? 136  ASN A CB  1 
ATOM   1085 C CG  . ASN A 1 136 ? -5.846  1.384   12.685  1.00 76.38  ? 136  ASN A CG  1 
ATOM   1086 O OD1 . ASN A 1 136 ? -5.380  1.584   13.809  1.00 75.53  ? 136  ASN A OD1 1 
ATOM   1087 N ND2 . ASN A 1 136 ? -7.096  1.700   12.367  1.00 77.84  ? 136  ASN A ND2 1 
ATOM   1088 N N   . LEU A 1 137 ? -1.652  -0.022  10.938  1.00 74.37  ? 137  LEU A N   1 
ATOM   1089 C CA  . LEU A 1 137 ? -0.699  -0.691  10.063  1.00 74.55  ? 137  LEU A CA  1 
ATOM   1090 C C   . LEU A 1 137 ? -0.607  -2.158  10.433  1.00 74.52  ? 137  LEU A C   1 
ATOM   1091 O O   . LEU A 1 137 ? -0.457  -2.504  11.607  1.00 74.12  ? 137  LEU A O   1 
ATOM   1092 C CB  . LEU A 1 137 ? 0.692   -0.055  10.169  1.00 74.72  ? 137  LEU A CB  1 
ATOM   1093 C CG  . LEU A 1 137 ? 0.908   1.448   9.943   1.00 75.24  ? 137  LEU A CG  1 
ATOM   1094 C CD1 . LEU A 1 137 ? 2.376   1.816   10.151  1.00 73.25  ? 137  LEU A CD1 1 
ATOM   1095 C CD2 . LEU A 1 137 ? 0.454   1.862   8.559   1.00 75.25  ? 137  LEU A CD2 1 
ATOM   1096 N N   . TYR A 1 138 ? -0.693  -3.015  9.420   1.00 74.34  ? 138  TYR A N   1 
ATOM   1097 C CA  . TYR A 1 138 ? -0.648  -4.460  9.615   1.00 74.60  ? 138  TYR A CA  1 
ATOM   1098 C C   . TYR A 1 138 ? 0.592   -5.034  8.929   1.00 75.61  ? 138  TYR A C   1 
ATOM   1099 O O   . TYR A 1 138 ? 0.655   -5.112  7.697   1.00 74.95  ? 138  TYR A O   1 
ATOM   1100 C CB  . TYR A 1 138 ? -1.929  -5.108  9.082   1.00 74.03  ? 138  TYR A CB  1 
ATOM   1101 C CG  . TYR A 1 138 ? -3.198  -4.496  9.633   1.00 72.05  ? 138  TYR A CG  1 
ATOM   1102 C CD1 . TYR A 1 138 ? -3.722  -3.321  9.084   1.00 71.45  ? 138  TYR A CD1 1 
ATOM   1103 C CD2 . TYR A 1 138 ? -3.876  -5.087  10.701  1.00 69.63  ? 138  TYR A CD2 1 
ATOM   1104 C CE1 . TYR A 1 138 ? -4.883  -2.744  9.587   1.00 72.17  ? 138  TYR A CE1 1 
ATOM   1105 C CE2 . TYR A 1 138 ? -5.048  -4.519  11.212  1.00 69.96  ? 138  TYR A CE2 1 
ATOM   1106 C CZ  . TYR A 1 138 ? -5.540  -3.347  10.649  1.00 71.50  ? 138  TYR A CZ  1 
ATOM   1107 O OH  . TYR A 1 138 ? -6.687  -2.777  11.131  1.00 68.33  ? 138  TYR A OH  1 
ATOM   1108 N N   . MET A 1 139 ? 1.575   -5.424  9.738   1.00 76.94  ? 139  MET A N   1 
ATOM   1109 C CA  . MET A 1 139 ? 2.879   -5.849  9.234   1.00 78.97  ? 139  MET A CA  1 
ATOM   1110 C C   . MET A 1 139 ? 3.293   -7.238  9.699   1.00 79.71  ? 139  MET A C   1 
ATOM   1111 O O   . MET A 1 139 ? 3.057   -7.624  10.844  1.00 79.90  ? 139  MET A O   1 
ATOM   1112 C CB  . MET A 1 139 ? 3.966   -4.817  9.577   1.00 78.58  ? 139  MET A CB  1 
ATOM   1113 C CG  . MET A 1 139 ? 3.768   -4.079  10.895  1.00 79.68  ? 139  MET A CG  1 
ATOM   1114 S SD  . MET A 1 139 ? 4.762   -2.569  11.035  1.00 81.05  ? 139  MET A SD  1 
ATOM   1115 C CE  . MET A 1 139 ? 6.398   -3.280  11.272  1.00 84.17  ? 139  MET A CE  1 
ATOM   1116 N N   . ARG A 1 140 ? 3.908   -7.986  8.787   1.00 81.24  ? 140  ARG A N   1 
ATOM   1117 C CA  . ARG A 1 140 ? 4.416   -9.309  9.096   1.00 83.10  ? 140  ARG A CA  1 
ATOM   1118 C C   . ARG A 1 140 ? 5.741   -9.208  9.837   1.00 83.49  ? 140  ARG A C   1 
ATOM   1119 O O   . ARG A 1 140 ? 6.690   -8.582  9.359   1.00 83.67  ? 140  ARG A O   1 
ATOM   1120 C CB  . ARG A 1 140 ? 4.567   -10.163 7.829   1.00 82.90  ? 140  ARG A CB  1 
ATOM   1121 C CG  . ARG A 1 140 ? 4.805   -11.651 8.122   1.00 84.66  ? 140  ARG A CG  1 
ATOM   1122 C CD  . ARG A 1 140 ? 4.647   -12.531 6.886   1.00 85.10  ? 140  ARG A CD  1 
ATOM   1123 N NE  . ARG A 1 140 ? 5.758   -12.383 5.941   1.00 94.06  ? 140  ARG A NE  1 
ATOM   1124 C CZ  . ARG A 1 140 ? 5.817   -12.966 4.746   1.00 96.90  ? 140  ARG A CZ  1 
ATOM   1125 N NH1 . ARG A 1 140 ? 4.825   -13.746 4.326   1.00 99.68  ? 140  ARG A NH1 1 
ATOM   1126 N NH2 . ARG A 1 140 ? 6.873   -12.768 3.964   1.00 99.07  ? 140  ARG A NH2 1 
ATOM   1127 N N   . THR A 1 141 ? 5.768   -9.808  11.024  1.00 84.19  ? 141  THR A N   1 
ATOM   1128 C CA  . THR A 1 141 ? 6.991   -10.044 11.787  1.00 84.66  ? 141  THR A CA  1 
ATOM   1129 C C   . THR A 1 141 ? 7.322   -11.520 11.587  1.00 84.37  ? 141  THR A C   1 
ATOM   1130 O O   . THR A 1 141 ? 6.609   -12.223 10.863  1.00 84.44  ? 141  THR A O   1 
ATOM   1131 C CB  . THR A 1 141 ? 6.771   -9.754  13.297  1.00 84.79  ? 141  THR A CB  1 
ATOM   1132 O OG1 . THR A 1 141 ? 5.919   -8.610  13.454  1.00 86.62  ? 141  THR A OG1 1 
ATOM   1133 C CG2 . THR A 1 141 ? 8.096   -9.494  14.014  1.00 85.27  ? 141  THR A CG2 1 
ATOM   1134 N N   . GLU A 1 142 ? 8.398   -11.994 12.215  1.00 84.15  ? 142  GLU A N   1 
ATOM   1135 C CA  . GLU A 1 142 ? 8.669   -13.430 12.286  1.00 84.02  ? 142  GLU A CA  1 
ATOM   1136 C C   . GLU A 1 142 ? 7.610   -14.092 13.178  1.00 83.80  ? 142  GLU A C   1 
ATOM   1137 O O   . GLU A 1 142 ? 7.493   -15.318 13.227  1.00 83.79  ? 142  GLU A O   1 
ATOM   1138 C CB  . GLU A 1 142 ? 10.079  -13.688 12.819  1.00 84.01  ? 142  GLU A CB  1 
ATOM   1139 C CG  . GLU A 1 142 ? 10.694  -15.013 12.361  1.00 84.71  ? 142  GLU A CG  1 
ATOM   1140 C CD  . GLU A 1 142 ? 10.955  -15.065 10.859  1.00 85.29  ? 142  GLU A CD  1 
ATOM   1141 O OE1 . GLU A 1 142 ? 11.396  -14.045 10.283  1.00 85.75  ? 142  GLU A OE1 1 
ATOM   1142 O OE2 . GLU A 1 142 ? 10.725  -16.133 10.254  1.00 85.03  ? 142  GLU A OE2 1 
ATOM   1143 N N   . ASP A 1 143 ? 6.843   -13.249 13.870  1.00 83.65  ? 143  ASP A N   1 
ATOM   1144 C CA  . ASP A 1 143 ? 5.718   -13.663 14.709  1.00 83.08  ? 143  ASP A CA  1 
ATOM   1145 C C   . ASP A 1 143 ? 4.401   -13.216 14.048  1.00 82.51  ? 143  ASP A C   1 
ATOM   1146 O O   . ASP A 1 143 ? 3.658   -12.391 14.605  1.00 82.21  ? 143  ASP A O   1 
ATOM   1147 C CB  . ASP A 1 143 ? 5.840   -13.047 16.113  1.00 83.09  ? 143  ASP A CB  1 
ATOM   1148 C CG  . ASP A 1 143 ? 7.285   -12.833 16.539  1.00 82.87  ? 143  ASP A CG  1 
ATOM   1149 O OD1 . ASP A 1 143 ? 7.686   -11.659 16.695  1.00 82.58  ? 143  ASP A OD1 1 
ATOM   1150 O OD2 . ASP A 1 143 ? 8.018   -13.831 16.706  1.00 82.64  ? 143  ASP A OD2 1 
ATOM   1151 N N   . GLY A 1 144 ? 4.142   -13.755 12.853  1.00 81.58  ? 144  GLY A N   1 
ATOM   1152 C CA  . GLY A 1 144 ? 2.940   -13.448 12.064  1.00 80.19  ? 144  GLY A CA  1 
ATOM   1153 C C   . GLY A 1 144 ? 2.653   -11.971 11.834  1.00 79.12  ? 144  GLY A C   1 
ATOM   1154 O O   . GLY A 1 144 ? 3.534   -11.118 11.986  1.00 79.33  ? 144  GLY A O   1 
ATOM   1155 N N   . TRP A 1 145 ? 1.406   -11.674 11.478  1.00 77.69  ? 145  TRP A N   1 
ATOM   1156 C CA  . TRP A 1 145 ? 0.957   -10.294 11.286  1.00 76.50  ? 145  TRP A CA  1 
ATOM   1157 C C   . TRP A 1 145 ? 0.598   -9.619  12.614  1.00 76.00  ? 145  TRP A C   1 
ATOM   1158 O O   . TRP A 1 145 ? 0.095   -10.269 13.536  1.00 75.45  ? 145  TRP A O   1 
ATOM   1159 C CB  . TRP A 1 145 ? -0.220  -10.248 10.307  1.00 75.63  ? 145  TRP A CB  1 
ATOM   1160 C CG  . TRP A 1 145 ? 0.164   -10.724 8.945   1.00 74.97  ? 145  TRP A CG  1 
ATOM   1161 C CD1 . TRP A 1 145 ? 0.188   -12.018 8.502   1.00 71.83  ? 145  TRP A CD1 1 
ATOM   1162 C CD2 . TRP A 1 145 ? 0.610   -9.914  7.847   1.00 74.18  ? 145  TRP A CD2 1 
ATOM   1163 N NE1 . TRP A 1 145 ? 0.614   -12.063 7.196   1.00 71.47  ? 145  TRP A NE1 1 
ATOM   1164 C CE2 . TRP A 1 145 ? 0.877   -10.786 6.768   1.00 72.73  ? 145  TRP A CE2 1 
ATOM   1165 C CE3 . TRP A 1 145 ? 0.801   -8.535  7.667   1.00 70.71  ? 145  TRP A CE3 1 
ATOM   1166 C CZ2 . TRP A 1 145 ? 1.325   -10.324 5.524   1.00 73.55  ? 145  TRP A CZ2 1 
ATOM   1167 C CZ3 . TRP A 1 145 ? 1.253   -8.077  6.431   1.00 71.88  ? 145  TRP A CZ3 1 
ATOM   1168 C CH2 . TRP A 1 145 ? 1.508   -8.970  5.379   1.00 74.19  ? 145  TRP A CH2 1 
ATOM   1169 N N   . GLN A 1 146 ? 0.863   -8.315  12.699  1.00 75.67  ? 146  GLN A N   1 
ATOM   1170 C CA  . GLN A 1 146 ? 0.603   -7.544  13.920  1.00 75.47  ? 146  GLN A CA  1 
ATOM   1171 C C   . GLN A 1 146 ? 0.165   -6.109  13.634  1.00 74.94  ? 146  GLN A C   1 
ATOM   1172 O O   . GLN A 1 146 ? 0.582   -5.505  12.644  1.00 75.17  ? 146  GLN A O   1 
ATOM   1173 C CB  . GLN A 1 146 ? 1.831   -7.542  14.839  1.00 75.60  ? 146  GLN A CB  1 
ATOM   1174 C CG  . GLN A 1 146 ? 3.060   -6.863  14.245  1.00 77.07  ? 146  GLN A CG  1 
ATOM   1175 C CD  . GLN A 1 146 ? 4.130   -6.571  15.278  1.00 80.42  ? 146  GLN A CD  1 
ATOM   1176 O OE1 . GLN A 1 146 ? 4.426   -7.401  16.143  1.00 82.75  ? 146  GLN A OE1 1 
ATOM   1177 N NE2 . GLN A 1 146 ? 4.727   -5.387  15.187  1.00 79.77  ? 146  GLN A NE2 1 
ATOM   1178 N N   . LEU A 1 147 ? -0.676  -5.573  14.513  1.00 74.33  ? 147  LEU A N   1 
ATOM   1179 C CA  . LEU A 1 147 ? -1.173  -4.208  14.371  1.00 73.71  ? 147  LEU A CA  1 
ATOM   1180 C C   . LEU A 1 147 ? -0.180  -3.211  14.948  1.00 73.13  ? 147  LEU A C   1 
ATOM   1181 O O   . LEU A 1 147 ? 0.328   -3.394  16.049  1.00 72.93  ? 147  LEU A O   1 
ATOM   1182 C CB  . LEU A 1 147 ? -2.550  -4.046  15.025  1.00 73.49  ? 147  LEU A CB  1 
ATOM   1183 C CG  . LEU A 1 147 ? -3.194  -2.652  15.082  1.00 74.27  ? 147  LEU A CG  1 
ATOM   1184 C CD1 . LEU A 1 147 ? -3.427  -2.040  13.699  1.00 76.96  ? 147  LEU A CD1 1 
ATOM   1185 C CD2 . LEU A 1 147 ? -4.496  -2.706  15.878  1.00 72.72  ? 147  LEU A CD2 1 
ATOM   1186 N N   . ALA A 1 148 ? 0.101   -2.171  14.171  1.00 72.58  ? 148  ALA A N   1 
ATOM   1187 C CA  . ALA A 1 148 ? 0.953   -1.075  14.597  1.00 72.37  ? 148  ALA A CA  1 
ATOM   1188 C C   . ALA A 1 148 ? 0.235   0.244   14.334  1.00 72.32  ? 148  ALA A C   1 
ATOM   1189 O O   . ALA A 1 148 ? -0.610  0.334   13.446  1.00 71.46  ? 148  ALA A O   1 
ATOM   1190 C CB  . ALA A 1 148 ? 2.288   -1.121  13.868  1.00 72.10  ? 148  ALA A CB  1 
ATOM   1191 N N   . LYS A 1 149 ? 0.553   1.257   15.133  1.00 72.99  ? 149  LYS A N   1 
ATOM   1192 C CA  . LYS A 1 149 ? -0.031  2.579   14.953  1.00 73.63  ? 149  LYS A CA  1 
ATOM   1193 C C   . LYS A 1 149 ? 1.027   3.537   14.427  1.00 73.23  ? 149  LYS A C   1 
ATOM   1194 O O   . LYS A 1 149 ? 2.181   3.501   14.851  1.00 73.58  ? 149  LYS A O   1 
ATOM   1195 C CB  . LYS A 1 149 ? -0.629  3.098   16.273  1.00 74.82  ? 149  LYS A CB  1 
ATOM   1196 C CG  . LYS A 1 149 ? -2.038  2.569   16.613  1.00 77.82  ? 149  LYS A CG  1 
ATOM   1197 C CD  . LYS A 1 149 ? -2.018  1.104   17.071  1.00 85.22  ? 149  LYS A CD  1 
ATOM   1198 C CE  . LYS A 1 149 ? -3.341  0.695   17.710  1.00 87.69  ? 149  LYS A CE  1 
ATOM   1199 N NZ  . LYS A 1 149 ? -3.219  -0.618  18.415  1.00 90.19  ? 149  LYS A NZ  1 
ATOM   1200 N N   . ALA A 1 150 ? 0.634   4.383   13.489  1.00 72.99  ? 150  ALA A N   1 
ATOM   1201 C CA  . ALA A 1 150 ? 1.546   5.376   12.949  1.00 73.10  ? 150  ALA A CA  1 
ATOM   1202 C C   . ALA A 1 150 ? 1.134   6.780   13.363  1.00 73.00  ? 150  ALA A C   1 
ATOM   1203 O O   . ALA A 1 150 ? -0.053  7.069   13.547  1.00 72.87  ? 150  ALA A O   1 
ATOM   1204 C CB  . ALA A 1 150 ? 1.638   5.271   11.428  1.00 72.79  ? 150  ALA A CB  1 
ATOM   1205 N N   . GLY A 1 151 ? 2.132   7.644   13.513  1.00 72.83  ? 151  GLY A N   1 
ATOM   1206 C CA  . GLY A 1 151 ? 1.898   9.040   13.830  1.00 72.44  ? 151  GLY A CA  1 
ATOM   1207 C C   . GLY A 1 151 ? 3.079   9.873   13.399  1.00 71.70  ? 151  GLY A C   1 
ATOM   1208 O O   . GLY A 1 151 ? 4.031   9.344   12.830  1.00 72.10  ? 151  GLY A O   1 
ATOM   1209 N N   . ALA A 1 152 ? 2.999   11.171  13.679  1.00 71.20  ? 152  ALA A N   1 
ATOM   1210 C CA  . ALA A 1 152 ? 4.067   12.124  13.424  1.00 71.03  ? 152  ALA A CA  1 
ATOM   1211 C C   . ALA A 1 152 ? 4.393   12.942  14.675  1.00 71.13  ? 152  ALA A C   1 
ATOM   1212 O O   . ALA A 1 152 ? 3.510   13.241  15.493  1.00 71.75  ? 152  ALA A O   1 
ATOM   1213 C CB  . ALA A 1 152 ? 3.678   13.050  12.295  1.00 71.53  ? 152  ALA A CB  1 
ATOM   1214 N N   . ASP A 1 153 ? 5.667   13.290  14.822  1.00 69.85  ? 153  ASP A N   1 
ATOM   1215 C CA  . ASP A 1 153 ? 6.101   14.222  15.852  1.00 68.33  ? 153  ASP A CA  1 
ATOM   1216 C C   . ASP A 1 153 ? 7.111   15.193  15.239  1.00 68.16  ? 153  ASP A C   1 
ATOM   1217 O O   . ASP A 1 153 ? 7.117   15.378  14.024  1.00 69.05  ? 153  ASP A O   1 
ATOM   1218 C CB  . ASP A 1 153 ? 6.671   13.473  17.061  1.00 67.63  ? 153  ASP A CB  1 
ATOM   1219 C CG  . ASP A 1 153 ? 7.833   12.563  16.704  1.00 65.48  ? 153  ASP A CG  1 
ATOM   1220 O OD1 . ASP A 1 153 ? 8.133   11.662  17.510  1.00 59.62  ? 153  ASP A OD1 1 
ATOM   1221 O OD2 . ASP A 1 153 ? 8.450   12.739  15.629  1.00 64.16  ? 153  ASP A OD2 1 
ATOM   1222 N N   . GLY A 1 154 ? 7.954   15.807  16.067  1.00 67.96  ? 154  GLY A N   1 
ATOM   1223 C CA  . GLY A 1 154 ? 8.961   16.762  15.595  1.00 67.33  ? 154  GLY A CA  1 
ATOM   1224 C C   . GLY A 1 154 ? 10.086  16.148  14.778  1.00 67.01  ? 154  GLY A C   1 
ATOM   1225 O O   . GLY A 1 154 ? 10.769  16.845  14.032  1.00 68.75  ? 154  GLY A O   1 
ATOM   1226 N N   . THR A 1 155 ? 10.279  14.841  14.912  1.00 65.58  ? 155  THR A N   1 
ATOM   1227 C CA  . THR A 1 155 ? 11.370  14.148  14.241  1.00 64.28  ? 155  THR A CA  1 
ATOM   1228 C C   . THR A 1 155 ? 10.938  13.632  12.853  1.00 64.41  ? 155  THR A C   1 
ATOM   1229 O O   . THR A 1 155 ? 11.660  13.798  11.867  1.00 64.38  ? 155  THR A O   1 
ATOM   1230 C CB  . THR A 1 155 ? 11.921  13.013  15.145  1.00 63.63  ? 155  THR A CB  1 
ATOM   1231 O OG1 . THR A 1 155 ? 12.374  13.572  16.386  1.00 65.14  ? 155  THR A OG1 1 
ATOM   1232 C CG2 . THR A 1 155 ? 13.078  12.283  14.491  1.00 62.84  ? 155  THR A CG2 1 
ATOM   1233 N N   . GLY A 1 156 ? 9.758   13.028  12.781  1.00 63.54  ? 156  GLY A N   1 
ATOM   1234 C CA  . GLY A 1 156 ? 9.283   12.450  11.545  1.00 64.46  ? 156  GLY A CA  1 
ATOM   1235 C C   . GLY A 1 156 ? 8.036   11.614  11.707  1.00 64.72  ? 156  GLY A C   1 
ATOM   1236 O O   . GLY A 1 156 ? 7.305   11.724  12.694  1.00 65.16  ? 156  GLY A O   1 
ATOM   1237 N N   . LEU A 1 157 ? 7.792   10.784  10.707  1.00 65.32  ? 157  LEU A N   1 
ATOM   1238 C CA  . LEU A 1 157 ? 6.706   9.825   10.734  1.00 65.46  ? 157  LEU A CA  1 
ATOM   1239 C C   . LEU A 1 157 ? 7.282   8.512   11.234  1.00 65.59  ? 157  LEU A C   1 
ATOM   1240 O O   . LEU A 1 157 ? 8.411   8.152   10.900  1.00 65.62  ? 157  LEU A O   1 
ATOM   1241 C CB  . LEU A 1 157 ? 6.108   9.683   9.341   1.00 65.52  ? 157  LEU A CB  1 
ATOM   1242 C CG  . LEU A 1 157 ? 5.818   10.969  8.563   1.00 65.80  ? 157  LEU A CG  1 
ATOM   1243 C CD1 . LEU A 1 157 ? 5.567   10.647  7.081   1.00 71.44  ? 157  LEU A CD1 1 
ATOM   1244 C CD2 . LEU A 1 157 ? 4.631   11.671  9.137   1.00 68.62  ? 157  LEU A CD2 1 
ATOM   1245 N N   . TYR A 1 158 ? 6.507   7.816   12.054  1.00 66.25  ? 158  TYR A N   1 
ATOM   1246 C CA  . TYR A 1 158 ? 7.009   6.689   12.835  1.00 67.33  ? 158  TYR A CA  1 
ATOM   1247 C C   . TYR A 1 158 ? 5.873   5.717   13.101  1.00 68.77  ? 158  TYR A C   1 
ATOM   1248 O O   . TYR A 1 158 ? 4.695   6.086   13.035  1.00 68.45  ? 158  TYR A O   1 
ATOM   1249 C CB  . TYR A 1 158 ? 7.557   7.184   14.187  1.00 66.91  ? 158  TYR A CB  1 
ATOM   1250 C CG  . TYR A 1 158 ? 6.472   7.709   15.112  1.00 66.13  ? 158  TYR A CG  1 
ATOM   1251 C CD1 . TYR A 1 158 ? 5.706   6.834   15.888  1.00 64.84  ? 158  TYR A CD1 1 
ATOM   1252 C CD2 . TYR A 1 158 ? 6.195   9.074   15.195  1.00 70.18  ? 158  TYR A CD2 1 
ATOM   1253 C CE1 . TYR A 1 158 ? 4.698   7.298   16.714  1.00 66.32  ? 158  TYR A CE1 1 
ATOM   1254 C CE2 . TYR A 1 158 ? 5.186   9.558   16.042  1.00 65.95  ? 158  TYR A CE2 1 
ATOM   1255 C CZ  . TYR A 1 158 ? 4.445   8.662   16.793  1.00 66.09  ? 158  TYR A CZ  1 
ATOM   1256 O OH  . TYR A 1 158 ? 3.448   9.104   17.627  1.00 62.50  ? 158  TYR A OH  1 
ATOM   1257 N N   . TYR A 1 159 ? 6.238   4.484   13.427  1.00 70.92  ? 159  TYR A N   1 
ATOM   1258 C CA  . TYR A 1 159 ? 5.287   3.504   13.941  1.00 72.84  ? 159  TYR A CA  1 
ATOM   1259 C C   . TYR A 1 159 ? 5.862   2.904   15.210  1.00 73.87  ? 159  TYR A C   1 
ATOM   1260 O O   . TYR A 1 159 ? 7.082   2.871   15.383  1.00 73.85  ? 159  TYR A O   1 
ATOM   1261 C CB  . TYR A 1 159 ? 4.987   2.412   12.896  1.00 72.90  ? 159  TYR A CB  1 
ATOM   1262 C CG  . TYR A 1 159 ? 6.179   1.556   12.506  1.00 73.49  ? 159  TYR A CG  1 
ATOM   1263 C CD1 . TYR A 1 159 ? 6.968   1.889   11.401  1.00 74.74  ? 159  TYR A CD1 1 
ATOM   1264 C CD2 . TYR A 1 159 ? 6.509   0.409   13.229  1.00 73.88  ? 159  TYR A CD2 1 
ATOM   1265 C CE1 . TYR A 1 159 ? 8.060   1.117   11.033  1.00 71.16  ? 159  TYR A CE1 1 
ATOM   1266 C CE2 . TYR A 1 159 ? 7.604   -0.372  12.871  1.00 76.30  ? 159  TYR A CE2 1 
ATOM   1267 C CZ  . TYR A 1 159 ? 8.372   -0.011  11.765  1.00 74.56  ? 159  TYR A CZ  1 
ATOM   1268 O OH  . TYR A 1 159 ? 9.457   -0.778  11.399  1.00 75.25  ? 159  TYR A OH  1 
ATOM   1269 N N   . CYS A 1 160 ? 4.990   2.440   16.099  1.00 75.79  ? 160  CYS A N   1 
ATOM   1270 C CA  . CYS A 1 160 ? 5.441   1.759   17.313  1.00 77.75  ? 160  CYS A CA  1 
ATOM   1271 C C   . CYS A 1 160 ? 4.915   0.332   17.445  1.00 78.94  ? 160  CYS A C   1 
ATOM   1272 O O   . CYS A 1 160 ? 3.788   0.027   17.039  1.00 78.42  ? 160  CYS A O   1 
ATOM   1273 C CB  . CYS A 1 160 ? 5.155   2.579   18.581  1.00 77.82  ? 160  CYS A CB  1 
ATOM   1274 S SG  . CYS A 1 160 ? 3.823   3.795   18.464  1.00 80.34  ? 160  CYS A SG  1 
ATOM   1275 N N   . THR A 1 161 ? 5.766   -0.532  18.001  1.00 81.00  ? 161  THR A N   1 
ATOM   1276 C CA  . THR A 1 161 ? 5.461   -1.949  18.227  1.00 82.89  ? 161  THR A CA  1 
ATOM   1277 C C   . THR A 1 161 ? 5.962   -2.341  19.617  1.00 83.92  ? 161  THR A C   1 
ATOM   1278 O O   . THR A 1 161 ? 6.645   -1.552  20.280  1.00 84.46  ? 161  THR A O   1 
ATOM   1279 C CB  . THR A 1 161 ? 6.137   -2.864  17.170  1.00 83.04  ? 161  THR A CB  1 
ATOM   1280 O OG1 . THR A 1 161 ? 7.559   -2.854  17.360  1.00 84.87  ? 161  THR A OG1 1 
ATOM   1281 C CG2 . THR A 1 161 ? 5.810   -2.414  15.737  1.00 83.17  ? 161  THR A CG2 1 
ATOM   1282 N N   . MET A 1 162 ? 5.637   -3.551  20.059  1.00 84.75  ? 162  MET A N   1 
ATOM   1283 C CA  . MET A 1 162 ? 6.107   -4.011  21.367  1.00 85.58  ? 162  MET A CA  1 
ATOM   1284 C C   . MET A 1 162 ? 7.127   -5.153  21.270  1.00 85.72  ? 162  MET A C   1 
ATOM   1285 O O   . MET A 1 162 ? 7.263   -5.971  22.192  1.00 85.66  ? 162  MET A O   1 
ATOM   1286 C CB  . MET A 1 162 ? 4.931   -4.345  22.298  1.00 85.97  ? 162  MET A CB  1 
ATOM   1287 C CG  . MET A 1 162 ? 3.986   -3.164  22.546  1.00 87.05  ? 162  MET A CG  1 
ATOM   1288 S SD  . MET A 1 162 ? 4.836   -1.667  23.101  1.00 90.30  ? 162  MET A SD  1 
ATOM   1289 C CE  . MET A 1 162 ? 3.731   -0.387  22.501  1.00 88.46  ? 162  MET A CE  1 
ATOM   1290 N N   . ALA A 1 163 ? 7.845   -5.186  20.146  1.00 85.75  ? 163  ALA A N   1 
ATOM   1291 C CA  . ALA A 1 163 ? 9.012   -6.054  19.973  1.00 85.62  ? 163  ALA A CA  1 
ATOM   1292 C C   . ALA A 1 163 ? 10.266  -5.341  20.501  1.00 85.22  ? 163  ALA A C   1 
ATOM   1293 O O   . ALA A 1 163 ? 11.125  -5.952  21.144  1.00 85.10  ? 163  ALA A O   1 
ATOM   1294 C CB  . ALA A 1 163 ? 9.180   -6.440  18.502  1.00 85.77  ? 163  ALA A CB  1 
ATOM   1295 N N   . GLY A 1 164 ? 10.350  -4.043  20.212  1.00 84.68  ? 164  GLY A N   1 
ATOM   1296 C CA  . GLY A 1 164 ? 11.380  -3.160  20.751  1.00 83.99  ? 164  GLY A CA  1 
ATOM   1297 C C   . GLY A 1 164 ? 10.731  -1.819  21.039  1.00 83.37  ? 164  GLY A C   1 
ATOM   1298 O O   . GLY A 1 164 ? 10.727  -0.925  20.186  1.00 83.13  ? 164  GLY A O   1 
ATOM   1299 N N   . ALA A 1 165 ? 10.172  -1.699  22.245  1.00 82.71  ? 165  ALA A N   1 
ATOM   1300 C CA  . ALA A 1 165 ? 9.324   -0.566  22.630  1.00 81.78  ? 165  ALA A CA  1 
ATOM   1301 C C   . ALA A 1 165 ? 9.949   0.798   22.353  1.00 81.09  ? 165  ALA A C   1 
ATOM   1302 O O   . ALA A 1 165 ? 11.032  1.118   22.855  1.00 80.88  ? 165  ALA A O   1 
ATOM   1303 C CB  . ALA A 1 165 ? 8.908   -0.682  24.092  1.00 81.84  ? 165  ALA A CB  1 
ATOM   1304 N N   . GLY A 1 166 ? 9.243   1.586   21.545  1.00 80.26  ? 166  GLY A N   1 
ATOM   1305 C CA  . GLY A 1 166 ? 9.689   2.909   21.124  1.00 79.04  ? 166  GLY A CA  1 
ATOM   1306 C C   . GLY A 1 166 ? 9.149   3.235   19.742  1.00 78.39  ? 166  GLY A C   1 
ATOM   1307 O O   . GLY A 1 166 ? 8.652   2.351   19.034  1.00 78.55  ? 166  GLY A O   1 
ATOM   1308 N N   . ARG A 1 167 ? 9.240   4.507   19.365  1.00 77.09  ? 167  ARG A N   1 
ATOM   1309 C CA  . ARG A 1 167 ? 8.824   4.958   18.043  1.00 75.79  ? 167  ARG A CA  1 
ATOM   1310 C C   . ARG A 1 167 ? 9.892   4.602   17.018  1.00 75.36  ? 167  ARG A C   1 
ATOM   1311 O O   . ARG A 1 167 ? 11.073  4.902   17.216  1.00 75.78  ? 167  ARG A O   1 
ATOM   1312 C CB  . ARG A 1 167 ? 8.587   6.466   18.048  1.00 75.36  ? 167  ARG A CB  1 
ATOM   1313 C CG  . ARG A 1 167 ? 7.534   6.918   19.040  1.00 73.61  ? 167  ARG A CG  1 
ATOM   1314 C CD  . ARG A 1 167 ? 7.235   8.392   18.880  1.00 69.62  ? 167  ARG A CD  1 
ATOM   1315 N NE  . ARG A 1 167 ? 6.412   8.906   19.972  1.00 66.96  ? 167  ARG A NE  1 
ATOM   1316 C CZ  . ARG A 1 167 ? 5.840   10.107  19.988  1.00 67.34  ? 167  ARG A CZ  1 
ATOM   1317 N NH1 . ARG A 1 167 ? 5.980   10.930  18.954  1.00 60.48  ? 167  ARG A NH1 1 
ATOM   1318 N NH2 . ARG A 1 167 ? 5.122   10.488  21.048  1.00 67.82  ? 167  ARG A NH2 1 
ATOM   1319 N N   . ILE A 1 168 ? 9.479   3.949   15.934  1.00 74.40  ? 168  ILE A N   1 
ATOM   1320 C CA  . ILE A 1 168 ? 10.408  3.598   14.857  1.00 73.44  ? 168  ILE A CA  1 
ATOM   1321 C C   . ILE A 1 168 ? 10.114  4.431   13.610  1.00 72.94  ? 168  ILE A C   1 
ATOM   1322 O O   . ILE A 1 168 ? 9.068   4.289   12.973  1.00 72.76  ? 168  ILE A O   1 
ATOM   1323 C CB  . ILE A 1 168 ? 10.446  2.068   14.585  1.00 73.55  ? 168  ILE A CB  1 
ATOM   1324 C CG1 . ILE A 1 168 ? 11.019  1.347   15.812  1.00 72.98  ? 168  ILE A CG1 1 
ATOM   1325 C CG2 . ILE A 1 168 ? 11.315  1.750   13.364  1.00 72.81  ? 168  ILE A CG2 1 
ATOM   1326 C CD1 . ILE A 1 168 ? 10.432  -0.021  16.085  1.00 75.17  ? 168  ILE A CD1 1 
ATOM   1327 N N   . TYR A 1 169 ? 11.053  5.315   13.287  1.00 72.35  ? 169  TYR A N   1 
ATOM   1328 C CA  . TYR A 1 169 ? 10.859  6.316   12.248  1.00 72.05  ? 169  TYR A CA  1 
ATOM   1329 C C   . TYR A 1 169 ? 11.134  5.768   10.863  1.00 71.84  ? 169  TYR A C   1 
ATOM   1330 O O   . TYR A 1 169 ? 12.180  5.159   10.629  1.00 72.27  ? 169  TYR A O   1 
ATOM   1331 C CB  . TYR A 1 169 ? 11.732  7.547   12.521  1.00 72.05  ? 169  TYR A CB  1 
ATOM   1332 C CG  . TYR A 1 169 ? 11.338  8.282   13.786  1.00 71.75  ? 169  TYR A CG  1 
ATOM   1333 C CD1 . TYR A 1 169 ? 10.408  9.324   13.749  1.00 69.31  ? 169  TYR A CD1 1 
ATOM   1334 C CD2 . TYR A 1 169 ? 11.884  7.925   15.024  1.00 67.86  ? 169  TYR A CD2 1 
ATOM   1335 C CE1 . TYR A 1 169 ? 10.034  9.987   14.901  1.00 69.65  ? 169  TYR A CE1 1 
ATOM   1336 C CE2 . TYR A 1 169 ? 11.519  8.588   16.183  1.00 67.80  ? 169  TYR A CE2 1 
ATOM   1337 C CZ  . TYR A 1 169 ? 10.593  9.618   16.115  1.00 69.52  ? 169  TYR A CZ  1 
ATOM   1338 O OH  . TYR A 1 169 ? 10.230  10.281  17.259  1.00 71.34  ? 169  TYR A OH  1 
ATOM   1339 N N   . TYR A 1 170 ? 10.177  5.972   9.957   1.00 71.53  ? 170  TYR A N   1 
ATOM   1340 C CA  . TYR A 1 170 ? 10.342  5.603   8.549   1.00 71.06  ? 170  TYR A CA  1 
ATOM   1341 C C   . TYR A 1 170 ? 10.559  6.840   7.678   1.00 71.47  ? 170  TYR A C   1 
ATOM   1342 O O   . TYR A 1 170 ? 10.988  6.738   6.530   1.00 71.82  ? 170  TYR A O   1 
ATOM   1343 C CB  . TYR A 1 170 ? 9.175   4.740   8.048   1.00 70.35  ? 170  TYR A CB  1 
ATOM   1344 C CG  . TYR A 1 170 ? 7.796   5.380   8.059   1.00 69.60  ? 170  TYR A CG  1 
ATOM   1345 C CD1 . TYR A 1 170 ? 7.334   6.109   6.959   1.00 67.86  ? 170  TYR A CD1 1 
ATOM   1346 C CD2 . TYR A 1 170 ? 6.933   5.210   9.147   1.00 68.59  ? 170  TYR A CD2 1 
ATOM   1347 C CE1 . TYR A 1 170 ? 6.063   6.679   6.954   1.00 66.92  ? 170  TYR A CE1 1 
ATOM   1348 C CE2 . TYR A 1 170 ? 5.658   5.780   9.157   1.00 65.73  ? 170  TYR A CE2 1 
ATOM   1349 C CZ  . TYR A 1 170 ? 5.234   6.507   8.056   1.00 70.08  ? 170  TYR A CZ  1 
ATOM   1350 O OH  . TYR A 1 170 ? 3.982   7.067   8.048   1.00 71.70  ? 170  TYR A OH  1 
ATOM   1351 N N   . SER A 1 171 ? 10.266  8.004   8.246   1.00 71.67  ? 171  SER A N   1 
ATOM   1352 C CA  . SER A 1 171 ? 10.504  9.277   7.590   1.00 71.96  ? 171  SER A CA  1 
ATOM   1353 C C   . SER A 1 171 ? 11.132  10.229  8.599   1.00 72.00  ? 171  SER A C   1 
ATOM   1354 O O   . SER A 1 171 ? 10.856  10.150  9.806   1.00 72.98  ? 171  SER A O   1 
ATOM   1355 C CB  . SER A 1 171 ? 9.187   9.839   7.069   1.00 72.24  ? 171  SER A CB  1 
ATOM   1356 O OG  . SER A 1 171 ? 9.387   10.743  5.998   1.00 74.25  ? 171  SER A OG  1 
ATOM   1357 N N   . ALA A 1 172 ? 12.011  11.102  8.122   1.00 71.42  ? 172  ALA A N   1 
ATOM   1358 C CA  . ALA A 1 172 ? 12.619  12.114  8.975   1.00 70.89  ? 172  ALA A CA  1 
ATOM   1359 C C   . ALA A 1 172 ? 12.297  13.490  8.421   1.00 70.41  ? 172  ALA A C   1 
ATOM   1360 O O   . ALA A 1 172 ? 12.594  13.775  7.262   1.00 70.95  ? 172  ALA A O   1 
ATOM   1361 C CB  . ALA A 1 172 ? 14.124  11.908  9.048   1.00 70.82  ? 172  ALA A CB  1 
ATOM   1362 N N   . PHE A 1 173 ? 11.700  14.347  9.241   1.00 69.72  ? 173  PHE A N   1 
ATOM   1363 C CA  . PHE A 1 173 ? 11.354  15.693  8.779   1.00 69.78  ? 173  PHE A CA  1 
ATOM   1364 C C   . PHE A 1 173 ? 12.574  16.593  8.542   1.00 69.69  ? 173  PHE A C   1 
ATOM   1365 O O   . PHE A 1 173 ? 12.507  17.558  7.777   1.00 70.04  ? 173  PHE A O   1 
ATOM   1366 C CB  . PHE A 1 173 ? 10.332  16.366  9.706   1.00 69.44  ? 173  PHE A CB  1 
ATOM   1367 C CG  . PHE A 1 173 ? 8.954   15.768  9.636   1.00 68.30  ? 173  PHE A CG  1 
ATOM   1368 C CD1 . PHE A 1 173 ? 8.385   15.421  8.409   1.00 69.77  ? 173  PHE A CD1 1 
ATOM   1369 C CD2 . PHE A 1 173 ? 8.217   15.564  10.795  1.00 68.91  ? 173  PHE A CD2 1 
ATOM   1370 C CE1 . PHE A 1 173 ? 7.105   14.867  8.343   1.00 67.07  ? 173  PHE A CE1 1 
ATOM   1371 C CE2 . PHE A 1 173 ? 6.943   15.015  10.740  1.00 69.73  ? 173  PHE A CE2 1 
ATOM   1372 C CZ  . PHE A 1 173 ? 6.386   14.668  9.504   1.00 67.97  ? 173  PHE A CZ  1 
ATOM   1373 N N   . GLY A 1 174 ? 13.687  16.265  9.187   1.00 70.04  ? 174  GLY A N   1 
ATOM   1374 C CA  . GLY A 1 174 ? 14.934  16.978  8.972   1.00 69.48  ? 174  GLY A CA  1 
ATOM   1375 C C   . GLY A 1 174 ? 15.459  16.778  7.570   1.00 69.40  ? 174  GLY A C   1 
ATOM   1376 O O   . GLY A 1 174 ? 16.114  17.663  7.025   1.00 69.21  ? 174  GLY A O   1 
ATOM   1377 N N   . ASP A 1 175 ? 15.178  15.609  6.991   1.00 69.57  ? 175  ASP A N   1 
ATOM   1378 C CA  . ASP A 1 175 ? 15.496  15.340  5.588   1.00 70.04  ? 175  ASP A CA  1 
ATOM   1379 C C   . ASP A 1 175 ? 14.550  16.108  4.652   1.00 69.49  ? 175  ASP A C   1 
ATOM   1380 O O   . ASP A 1 175 ? 14.943  16.496  3.556   1.00 70.56  ? 175  ASP A O   1 
ATOM   1381 C CB  . ASP A 1 175 ? 15.457  13.831  5.279   1.00 70.52  ? 175  ASP A CB  1 
ATOM   1382 C CG  . ASP A 1 175 ? 16.607  13.038  5.945   1.00 74.52  ? 175  ASP A CG  1 
ATOM   1383 O OD1 . ASP A 1 175 ? 16.348  11.894  6.380   1.00 80.26  ? 175  ASP A OD1 1 
ATOM   1384 O OD2 . ASP A 1 175 ? 17.761  13.531  6.029   1.00 76.82  ? 175  ASP A OD2 1 
ATOM   1385 N N   . GLU A 1 176 ? 13.306  16.319  5.081   1.00 68.60  ? 176  GLU A N   1 
ATOM   1386 C CA  . GLU A 1 176 ? 12.340  17.116  4.313   1.00 67.67  ? 176  GLU A CA  1 
ATOM   1387 C C   . GLU A 1 176 ? 12.700  18.603  4.316   1.00 67.91  ? 176  GLU A C   1 
ATOM   1388 O O   . GLU A 1 176 ? 12.660  19.257  3.273   1.00 67.63  ? 176  GLU A O   1 
ATOM   1389 C CB  . GLU A 1 176 ? 10.919  16.898  4.828   1.00 67.25  ? 176  GLU A CB  1 
ATOM   1390 C CG  . GLU A 1 176 ? 10.405  15.463  4.654   1.00 68.74  ? 176  GLU A CG  1 
ATOM   1391 C CD  . GLU A 1 176 ? 10.421  14.977  3.199   1.00 70.63  ? 176  GLU A CD  1 
ATOM   1392 O OE1 . GLU A 1 176 ? 11.240  14.086  2.879   1.00 73.26  ? 176  GLU A OE1 1 
ATOM   1393 O OE2 . GLU A 1 176 ? 9.629   15.481  2.375   1.00 69.08  ? 176  GLU A OE2 1 
ATOM   1394 N N   . ALA A 1 177 ? 13.085  19.117  5.488   1.00 67.37  ? 177  ALA A N   1 
ATOM   1395 C CA  . ALA A 1 177 ? 13.487  20.511  5.640   1.00 67.09  ? 177  ALA A CA  1 
ATOM   1396 C C   . ALA A 1 177 ? 14.803  20.838  4.911   1.00 67.12  ? 177  ALA A C   1 
ATOM   1397 O O   . ALA A 1 177 ? 15.058  21.991  4.555   1.00 66.47  ? 177  ALA A O   1 
ATOM   1398 C CB  . ALA A 1 177 ? 13.584  20.873  7.123   1.00 67.42  ? 177  ALA A CB  1 
ATOM   1399 N N   . ALA A 1 178 ? 15.637  19.825  4.701   1.00 67.79  ? 178  ALA A N   1 
ATOM   1400 C CA  . ALA A 1 178 ? 16.884  19.978  3.947   1.00 67.99  ? 178  ALA A CA  1 
ATOM   1401 C C   . ALA A 1 178 ? 16.581  20.214  2.464   1.00 68.84  ? 178  ALA A C   1 
ATOM   1402 O O   . ALA A 1 178 ? 17.425  20.719  1.718   1.00 68.86  ? 178  ALA A O   1 
ATOM   1403 C CB  . ALA A 1 178 ? 17.744  18.751  4.113   1.00 67.34  ? 178  ALA A CB  1 
ATOM   1404 N N   . ARG A 1 179 ? 15.375  19.831  2.046   1.00 69.04  ? 179  ARG A N   1 
ATOM   1405 C CA  . ARG A 1 179 ? 14.923  20.043  0.676   1.00 69.42  ? 179  ARG A CA  1 
ATOM   1406 C C   . ARG A 1 179 ? 14.111  21.330  0.539   1.00 68.91  ? 179  ARG A C   1 
ATOM   1407 O O   . ARG A 1 179 ? 14.309  22.084  -0.423  1.00 70.11  ? 179  ARG A O   1 
ATOM   1408 C CB  . ARG A 1 179 ? 14.077  18.864  0.178   1.00 68.98  ? 179  ARG A CB  1 
ATOM   1409 C CG  . ARG A 1 179 ? 14.767  17.504  0.188   1.00 70.49  ? 179  ARG A CG  1 
ATOM   1410 C CD  . ARG A 1 179 ? 13.855  16.426  -0.407  1.00 70.47  ? 179  ARG A CD  1 
ATOM   1411 N NE  . ARG A 1 179 ? 13.685  16.601  -1.854  1.00 77.77  ? 179  ARG A NE  1 
ATOM   1412 C CZ  . ARG A 1 179 ? 12.809  15.944  -2.613  1.00 77.36  ? 179  ARG A CZ  1 
ATOM   1413 N NH1 . ARG A 1 179 ? 11.981  15.044  -2.083  1.00 71.33  ? 179  ARG A NH1 1 
ATOM   1414 N NH2 . ARG A 1 179 ? 12.761  16.197  -3.918  1.00 78.95  ? 179  ARG A NH2 1 
ATOM   1415 N N   . PHE A 1 180 ? 13.213  21.577  1.501   1.00 66.92  ? 180  PHE A N   1 
ATOM   1416 C CA  . PHE A 1 180 ? 12.123  22.544  1.315   1.00 65.11  ? 180  PHE A CA  1 
ATOM   1417 C C   . PHE A 1 180 ? 12.218  23.800  2.182   1.00 65.39  ? 180  PHE A C   1 
ATOM   1418 O O   . PHE A 1 180 ? 11.378  24.699  2.071   1.00 65.21  ? 180  PHE A O   1 
ATOM   1419 C CB  . PHE A 1 180 ? 10.766  21.858  1.524   1.00 63.97  ? 180  PHE A CB  1 
ATOM   1420 C CG  . PHE A 1 180 ? 10.583  20.590  0.720   1.00 62.44  ? 180  PHE A CG  1 
ATOM   1421 C CD1 . PHE A 1 180 ? 10.193  19.415  1.339   1.00 59.31  ? 180  PHE A CD1 1 
ATOM   1422 C CD2 . PHE A 1 180 ? 10.814  20.572  -0.657  1.00 62.58  ? 180  PHE A CD2 1 
ATOM   1423 C CE1 . PHE A 1 180 ? 10.015  18.251  0.615   1.00 61.44  ? 180  PHE A CE1 1 
ATOM   1424 C CE2 . PHE A 1 180 ? 10.644  19.412  -1.398  1.00 57.97  ? 180  PHE A CE2 1 
ATOM   1425 C CZ  . PHE A 1 180 ? 10.239  18.243  -0.758  1.00 62.87  ? 180  PHE A CZ  1 
ATOM   1426 N N   . SER A 1 181 ? 13.223  23.854  3.050   1.00 64.86  ? 181  SER A N   1 
ATOM   1427 C CA  . SER A 1 181 ? 13.435  25.019  3.894   1.00 66.06  ? 181  SER A CA  1 
ATOM   1428 C C   . SER A 1 181 ? 14.792  25.679  3.652   1.00 66.29  ? 181  SER A C   1 
ATOM   1429 O O   . SER A 1 181 ? 15.728  25.064  3.139   1.00 64.87  ? 181  SER A O   1 
ATOM   1430 C CB  . SER A 1 181 ? 13.284  24.682  5.386   1.00 66.09  ? 181  SER A CB  1 
ATOM   1431 O OG  . SER A 1 181 ? 14.508  24.223  5.937   1.00 65.60  ? 181  SER A OG  1 
ATOM   1432 N N   . THR A 1 182 ? 14.866  26.943  4.049   1.00 67.51  ? 182  THR A N   1 
ATOM   1433 C CA  . THR A 1 182 ? 16.072  27.750  3.928   1.00 69.13  ? 182  THR A CA  1 
ATOM   1434 C C   . THR A 1 182 ? 16.764  27.910  5.291   1.00 69.81  ? 182  THR A C   1 
ATOM   1435 O O   . THR A 1 182 ? 17.974  28.154  5.357   1.00 71.01  ? 182  THR A O   1 
ATOM   1436 C CB  . THR A 1 182 ? 15.749  29.126  3.280   1.00 69.46  ? 182  THR A CB  1 
ATOM   1437 O OG1 . THR A 1 182 ? 14.689  29.768  3.996   1.00 71.66  ? 182  THR A OG1 1 
ATOM   1438 C CG2 . THR A 1 182 ? 15.287  28.940  1.854   1.00 68.14  ? 182  THR A CG2 1 
ATOM   1439 N N   . THR A 1 183 ? 15.998  27.744  6.372   1.00 70.10  ? 183  THR A N   1 
ATOM   1440 C CA  . THR A 1 183 ? 16.501  27.887  7.750   1.00 69.95  ? 183  THR A CA  1 
ATOM   1441 C C   . THR A 1 183 ? 16.733  26.554  8.486   1.00 69.68  ? 183  THR A C   1 
ATOM   1442 O O   . THR A 1 183 ? 17.661  26.434  9.277   1.00 69.89  ? 183  THR A O   1 
ATOM   1443 C CB  . THR A 1 183 ? 15.549  28.753  8.609   1.00 70.35  ? 183  THR A CB  1 
ATOM   1444 O OG1 . THR A 1 183 ? 14.225  28.186  8.570   1.00 72.32  ? 183  THR A OG1 1 
ATOM   1445 C CG2 . THR A 1 183 ? 15.508  30.195  8.094   1.00 67.81  ? 183  THR A CG2 1 
ATOM   1446 N N   . GLY A 1 184 ? 15.883  25.560  8.247   1.00 69.26  ? 184  GLY A N   1 
ATOM   1447 C CA  . GLY A 1 184 ? 16.029  24.270  8.929   1.00 68.67  ? 184  GLY A CA  1 
ATOM   1448 C C   . GLY A 1 184 ? 14.945  23.991  9.957   1.00 68.00  ? 184  GLY A C   1 
ATOM   1449 O O   . GLY A 1 184 ? 14.759  22.847  10.388  1.00 67.60  ? 184  GLY A O   1 
ATOM   1450 N N   . HIS A 1 185 ? 14.223  25.040  10.337  1.00 67.49  ? 185  HIS A N   1 
ATOM   1451 C CA  . HIS A 1 185 ? 13.113  24.927  11.269  1.00 67.41  ? 185  HIS A CA  1 
ATOM   1452 C C   . HIS A 1 185 ? 11.827  24.580  10.528  1.00 67.67  ? 185  HIS A C   1 
ATOM   1453 O O   . HIS A 1 185 ? 11.690  24.836  9.340   1.00 66.68  ? 185  HIS A O   1 
ATOM   1454 C CB  . HIS A 1 185 ? 12.936  26.228  12.039  1.00 66.95  ? 185  HIS A CB  1 
ATOM   1455 C CG  . HIS A 1 185 ? 14.146  26.633  12.813  1.00 69.64  ? 185  HIS A CG  1 
ATOM   1456 N ND1 . HIS A 1 185 ? 15.211  27.291  12.237  1.00 73.03  ? 185  HIS A ND1 1 
ATOM   1457 C CD2 . HIS A 1 185 ? 14.463  26.472  14.120  1.00 72.32  ? 185  HIS A CD2 1 
ATOM   1458 C CE1 . HIS A 1 185 ? 16.131  27.525  13.156  1.00 73.14  ? 185  HIS A CE1 1 
ATOM   1459 N NE2 . HIS A 1 185 ? 15.700  27.039  14.308  1.00 73.79  ? 185  HIS A NE2 1 
ATOM   1460 N N   . TYR A 1 186 ? 10.893  23.974  11.243  1.00 67.99  ? 186  TYR A N   1 
ATOM   1461 C CA  . TYR A 1 186 ? 9.623   23.574  10.670  1.00 67.85  ? 186  TYR A CA  1 
ATOM   1462 C C   . TYR A 1 186 ? 8.671   23.282  11.820  1.00 68.40  ? 186  TYR A C   1 
ATOM   1463 O O   . TYR A 1 186 ? 9.095   23.162  12.971  1.00 67.85  ? 186  TYR A O   1 
ATOM   1464 C CB  . TYR A 1 186 ? 9.791   22.347  9.765   1.00 67.01  ? 186  TYR A CB  1 
ATOM   1465 C CG  . TYR A 1 186 ? 10.485  21.187  10.435  1.00 65.62  ? 186  TYR A CG  1 
ATOM   1466 C CD1 . TYR A 1 186 ? 9.756   20.220  11.128  1.00 63.64  ? 186  TYR A CD1 1 
ATOM   1467 C CD2 . TYR A 1 186 ? 11.868  21.060  10.386  1.00 63.50  ? 186  TYR A CD2 1 
ATOM   1468 C CE1 . TYR A 1 186 ? 10.382  19.151  11.748  1.00 66.93  ? 186  TYR A CE1 1 
ATOM   1469 C CE2 . TYR A 1 186 ? 12.516  19.993  11.017  1.00 67.85  ? 186  TYR A CE2 1 
ATOM   1470 C CZ  . TYR A 1 186 ? 11.768  19.043  11.698  1.00 68.99  ? 186  TYR A CZ  1 
ATOM   1471 O OH  . TYR A 1 186 ? 12.396  17.981  12.313  1.00 66.87  ? 186  TYR A OH  1 
ATOM   1472 N N   . SER A 1 187 ? 7.384   23.201  11.504  1.00 69.31  ? 187  SER A N   1 
ATOM   1473 C CA  . SER A 1 187 ? 6.377   22.855  12.490  1.00 70.23  ? 187  SER A CA  1 
ATOM   1474 C C   . SER A 1 187 ? 5.459   21.812  11.873  1.00 70.56  ? 187  SER A C   1 
ATOM   1475 O O   . SER A 1 187 ? 5.145   21.866  10.683  1.00 70.48  ? 187  SER A O   1 
ATOM   1476 C CB  . SER A 1 187 ? 5.598   24.093  12.954  1.00 70.02  ? 187  SER A CB  1 
ATOM   1477 O OG  . SER A 1 187 ? 4.791   24.609  11.905  1.00 74.93  ? 187  SER A OG  1 
ATOM   1478 N N   . VAL A 1 188 ? 5.048   20.854  12.698  1.00 71.10  ? 188  VAL A N   1 
ATOM   1479 C CA  . VAL A 1 188 ? 4.308   19.683  12.240  1.00 70.40  ? 188  VAL A CA  1 
ATOM   1480 C C   . VAL A 1 188 ? 2.937   19.672  12.907  1.00 71.03  ? 188  VAL A C   1 
ATOM   1481 O O   . VAL A 1 188 ? 2.839   19.704  14.142  1.00 70.34  ? 188  VAL A O   1 
ATOM   1482 C CB  . VAL A 1 188 ? 5.063   18.386  12.610  1.00 70.19  ? 188  VAL A CB  1 
ATOM   1483 C CG1 . VAL A 1 188 ? 4.323   17.165  12.094  1.00 72.74  ? 188  VAL A CG1 1 
ATOM   1484 C CG2 . VAL A 1 188 ? 6.490   18.423  12.087  1.00 67.41  ? 188  VAL A CG2 1 
ATOM   1485 N N   . ARG A 1 189 ? 1.890   19.657  12.090  1.00 71.37  ? 189  ARG A N   1 
ATOM   1486 C CA  . ARG A 1 189 ? 0.527   19.511  12.579  1.00 72.47  ? 189  ARG A CA  1 
ATOM   1487 C C   . ARG A 1 189 ? 0.028   18.125  12.185  1.00 73.55  ? 189  ARG A C   1 
ATOM   1488 O O   . ARG A 1 189 ? -0.033  17.792  10.992  1.00 73.61  ? 189  ARG A O   1 
ATOM   1489 C CB  . ARG A 1 189 ? -0.371  20.626  12.022  1.00 72.45  ? 189  ARG A CB  1 
ATOM   1490 C CG  . ARG A 1 189 ? -1.866  20.330  12.105  1.00 75.08  ? 189  ARG A CG  1 
ATOM   1491 C CD  . ARG A 1 189 ? -2.722  21.591  12.129  1.00 82.51  ? 189  ARG A CD  1 
ATOM   1492 N NE  . ARG A 1 189 ? -3.292  21.829  13.458  1.00 85.76  ? 189  ARG A NE  1 
ATOM   1493 C CZ  . ARG A 1 189 ? -3.098  22.922  14.191  1.00 87.63  ? 189  ARG A CZ  1 
ATOM   1494 N NH1 . ARG A 1 189 ? -2.349  23.922  13.740  1.00 90.90  ? 189  ARG A NH1 1 
ATOM   1495 N NH2 . ARG A 1 189 ? -3.667  23.021  15.381  1.00 89.38  ? 189  ARG A NH2 1 
ATOM   1496 N N   . ASP A 1 190 ? -0.302  17.311  13.187  1.00 74.48  ? 190  ASP A N   1 
ATOM   1497 C CA  . ASP A 1 190 ? -0.728  15.932  12.945  1.00 75.64  ? 190  ASP A CA  1 
ATOM   1498 C C   . ASP A 1 190 ? -2.251  15.776  12.995  1.00 76.59  ? 190  ASP A C   1 
ATOM   1499 O O   . ASP A 1 190 ? -2.856  15.231  12.038  1.00 77.76  ? 190  ASP A O   1 
ATOM   1500 C CB  . ASP A 1 190 ? -0.027  14.959  13.910  1.00 75.56  ? 190  ASP A CB  1 
ATOM   1501 C CG  . ASP A 1 190 ? -0.486  13.503  13.739  1.00 77.04  ? 190  ASP A CG  1 
ATOM   1502 O OD1 . ASP A 1 190 ? -1.172  13.174  12.746  1.00 77.37  ? 190  ASP A OD1 1 
ATOM   1503 O OD2 . ASP A 1 190 ? -0.158  12.677  14.620  1.00 81.74  ? 190  ASP A OD2 1 
ATOM   1504 N N   . GLN A 1 191 ? -2.850  16.219  14.105  1.00 75.71  ? 191  GLN A N   1 
ATOM   1505 C CA  . GLN A 1 191 ? -4.306  16.207  14.298  1.00 76.45  ? 191  GLN A CA  1 
ATOM   1506 C C   . GLN A 1 191 ? -4.713  17.419  15.139  1.00 75.99  ? 191  GLN A C   1 
ATOM   1507 O O   . GLN A 1 191 ? -5.226  18.411  14.613  1.00 76.23  ? 191  GLN A O   1 
ATOM   1508 C CB  . GLN A 1 191 ? -4.798  14.910  14.982  1.00 76.17  ? 191  GLN A CB  1 
ATOM   1509 C CG  . GLN A 1 191 ? -4.560  13.624  14.195  1.00 77.72  ? 191  GLN A CG  1 
ATOM   1510 C CD  . GLN A 1 191 ? -5.171  12.395  14.848  1.00 77.33  ? 191  GLN A CD  1 
ATOM   1511 O OE1 . GLN A 1 191 ? -4.495  11.660  15.571  1.00 79.30  ? 191  GLN A OE1 1 
ATOM   1512 N NE2 . GLN A 1 191 ? -6.454  12.158  14.584  1.00 77.17  ? 191  GLN A NE2 1 
ATOM   1513 N N   . ASP A 1 192 ? -4.479  17.325  16.446  1.00 75.36  ? 192  ASP A N   1 
ATOM   1514 C CA  . ASP A 1 192 ? -4.741  18.427  17.375  1.00 75.12  ? 192  ASP A CA  1 
ATOM   1515 C C   . ASP A 1 192 ? -3.469  18.881  18.091  1.00 74.28  ? 192  ASP A C   1 
ATOM   1516 O O   . ASP A 1 192 ? -3.522  19.709  18.997  1.00 74.65  ? 192  ASP A O   1 
ATOM   1517 C CB  . ASP A 1 192 ? -5.845  18.060  18.381  1.00 75.23  ? 192  ASP A CB  1 
ATOM   1518 C CG  . ASP A 1 192 ? -5.581  16.741  19.113  1.00 77.97  ? 192  ASP A CG  1 
ATOM   1519 O OD1 . ASP A 1 192 ? -4.952  15.819  18.532  1.00 80.91  ? 192  ASP A OD1 1 
ATOM   1520 O OD2 . ASP A 1 192 ? -6.034  16.623  20.275  1.00 81.24  ? 192  ASP A OD2 1 
ATOM   1521 N N   . ARG A 1 193 ? -2.329  18.347  17.661  1.00 73.34  ? 193  ARG A N   1 
ATOM   1522 C CA  . ARG A 1 193 ? -1.031  18.687  18.235  1.00 72.27  ? 193  ARG A CA  1 
ATOM   1523 C C   . ARG A 1 193 ? -0.137  19.358  17.198  1.00 71.54  ? 193  ARG A C   1 
ATOM   1524 O O   . ARG A 1 193 ? -0.137  18.987  16.023  1.00 71.31  ? 193  ARG A O   1 
ATOM   1525 C CB  . ARG A 1 193 ? -0.344  17.437  18.808  1.00 72.27  ? 193  ARG A CB  1 
ATOM   1526 C CG  . ARG A 1 193 ? -1.210  16.655  19.810  1.00 72.58  ? 193  ARG A CG  1 
ATOM   1527 C CD  . ARG A 1 193 ? -0.397  15.655  20.712  1.00 72.84  ? 193  ARG A CD  1 
ATOM   1528 N NE  . ARG A 1 193 ? -1.508  14.926  21.558  1.00 74.75  ? 193  ARG A NE  1 
ATOM   1529 C CZ  . ARG A 1 193 ? -1.299  13.953  22.467  1.00 75.41  ? 193  ARG A CZ  1 
ATOM   1530 N NH1 . ARG A 1 193 ? -0.009  13.557  22.676  1.00 75.41  ? 193  ARG A NH1 1 
ATOM   1531 N NH2 . ARG A 1 193 ? -2.356  13.452  23.265  1.00 76.03  ? 193  ARG A NH2 1 
ATOM   1532 N N   . VAL A 1 194 ? 0.605   20.369  17.640  1.00 71.04  ? 194  VAL A N   1 
ATOM   1533 C CA  . VAL A 1 194 ? 1.624   21.003  16.814  1.00 70.06  ? 194  VAL A CA  1 
ATOM   1534 C C   . VAL A 1 194 ? 2.988   20.768  17.448  1.00 70.07  ? 194  VAL A C   1 
ATOM   1535 O O   . VAL A 1 194 ? 3.179   20.973  18.652  1.00 70.12  ? 194  VAL A O   1 
ATOM   1536 C CB  . VAL A 1 194 ? 1.382   22.530  16.607  1.00 69.98  ? 194  VAL A CB  1 
ATOM   1537 C CG1 . VAL A 1 194 ? 2.378   23.109  15.596  1.00 68.18  ? 194  VAL A CG1 1 
ATOM   1538 C CG2 . VAL A 1 194 ? -0.043  22.803  16.150  1.00 69.63  ? 194  VAL A CG2 1 
ATOM   1539 N N   . TYR A 1 195 ? 3.922   20.327  16.616  1.00 70.37  ? 195  TYR A N   1 
ATOM   1540 C CA  . TYR A 1 195 ? 5.287   20.048  17.018  1.00 70.76  ? 195  TYR A CA  1 
ATOM   1541 C C   . TYR A 1 195 ? 6.222   21.047  16.351  1.00 71.57  ? 195  TYR A C   1 
ATOM   1542 O O   . TYR A 1 195 ? 5.919   21.550  15.267  1.00 72.37  ? 195  TYR A O   1 
ATOM   1543 C CB  . TYR A 1 195 ? 5.687   18.639  16.565  1.00 70.56  ? 195  TYR A CB  1 
ATOM   1544 C CG  . TYR A 1 195 ? 4.862   17.517  17.148  1.00 69.41  ? 195  TYR A CG  1 
ATOM   1545 C CD1 . TYR A 1 195 ? 3.703   17.082  16.510  1.00 67.89  ? 195  TYR A CD1 1 
ATOM   1546 C CD2 . TYR A 1 195 ? 5.245   16.881  18.338  1.00 71.51  ? 195  TYR A CD2 1 
ATOM   1547 C CE1 . TYR A 1 195 ? 2.942   16.044  17.029  1.00 68.35  ? 195  TYR A CE1 1 
ATOM   1548 C CE2 . TYR A 1 195 ? 4.488   15.838  18.866  1.00 70.21  ? 195  TYR A CE2 1 
ATOM   1549 C CZ  . TYR A 1 195 ? 3.339   15.427  18.202  1.00 68.90  ? 195  TYR A CZ  1 
ATOM   1550 O OH  . TYR A 1 195 ? 2.579   14.406  18.710  1.00 70.75  ? 195  TYR A OH  1 
ATOM   1551 N N   . ALA A 1 196 ? 7.356   21.317  16.991  1.00 71.54  ? 196  ALA A N   1 
ATOM   1552 C CA  . ALA A 1 196 ? 8.441   22.056  16.361  1.00 71.77  ? 196  ALA A CA  1 
ATOM   1553 C C   . ALA A 1 196 ? 9.619   21.117  16.116  1.00 72.17  ? 196  ALA A C   1 
ATOM   1554 O O   . ALA A 1 196 ? 9.750   20.082  16.781  1.00 72.19  ? 196  ALA A O   1 
ATOM   1555 C CB  . ALA A 1 196 ? 8.866   23.225  17.228  1.00 71.83  ? 196  ALA A CB  1 
ATOM   1556 N N   . GLY A 1 197 ? 10.466  21.483  15.155  1.00 72.86  ? 197  GLY A N   1 
ATOM   1557 C CA  . GLY A 1 197 ? 11.660  20.711  14.830  1.00 73.53  ? 197  GLY A CA  1 
ATOM   1558 C C   . GLY A 1 197 ? 12.701  21.539  14.109  1.00 74.13  ? 197  GLY A C   1 
ATOM   1559 O O   . GLY A 1 197 ? 12.396  22.600  13.566  1.00 73.53  ? 197  GLY A O   1 
ATOM   1560 N N   . VAL A 1 198 ? 13.936  21.043  14.119  1.00 75.55  ? 198  VAL A N   1 
ATOM   1561 C CA  . VAL A 1 198 ? 15.068  21.683  13.444  1.00 77.49  ? 198  VAL A CA  1 
ATOM   1562 C C   . VAL A 1 198 ? 15.972  20.604  12.836  1.00 79.02  ? 198  VAL A C   1 
ATOM   1563 O O   . VAL A 1 198 ? 15.927  19.445  13.253  1.00 79.84  ? 198  VAL A O   1 
ATOM   1564 C CB  . VAL A 1 198 ? 15.956  22.538  14.413  1.00 77.60  ? 198  VAL A CB  1 
ATOM   1565 C CG1 . VAL A 1 198 ? 16.709  23.609  13.635  1.00 77.61  ? 198  VAL A CG1 1 
ATOM   1566 C CG2 . VAL A 1 198 ? 15.149  23.172  15.546  1.00 77.04  ? 198  VAL A CG2 1 
ATOM   1567 N N   . SER A 1 199 ? 16.793  20.994  11.862  1.00 80.24  ? 199  SER A N   1 
ATOM   1568 C CA  . SER A 1 199 ? 17.856  20.135  11.343  1.00 81.31  ? 199  SER A CA  1 
ATOM   1569 C C   . SER A 1 199 ? 19.190  20.875  11.359  1.00 81.48  ? 199  SER A C   1 
ATOM   1570 O O   . SER A 1 199 ? 20.257  20.254  11.397  1.00 82.25  ? 199  SER A O   1 
ATOM   1571 C CB  . SER A 1 199 ? 17.531  19.692  9.925   1.00 81.32  ? 199  SER A CB  1 
ATOM   1572 O OG  . SER A 1 199 ? 16.140  19.759  9.718   1.00 84.54  ? 199  SER A OG  1 
HETATM 1573 O O   . HOH B 2 .   ? -20.909 -10.506 -8.629  1.00 81.88  ? 2001 HOH A O   1 
HETATM 1574 O O   . HOH B 2 .   ? -7.883  7.488   22.225  1.00 82.50  ? 2002 HOH A O   1 
HETATM 1575 O O   . HOH B 2 .   ? -6.768  -26.597 -18.218 1.00 72.09  ? 2003 HOH A O   1 
HETATM 1576 O O   . HOH B 2 .   ? -3.339  -4.964  -11.334 1.00 70.69  ? 2004 HOH A O   1 
HETATM 1577 O O   . HOH B 2 .   ? -18.622 -11.516 -6.330  1.00 86.18  ? 2005 HOH A O   1 
HETATM 1578 O O   . HOH B 2 .   ? -22.468 -7.948  -14.243 1.00 91.12  ? 2006 HOH A O   1 
HETATM 1579 O O   . HOH B 2 .   ? -17.334 -9.552  -23.126 1.00 81.53  ? 2007 HOH A O   1 
HETATM 1580 O O   . HOH B 2 .   ? -16.931 -14.602 -15.785 1.00 90.17  ? 2008 HOH A O   1 
HETATM 1581 O O   . HOH B 2 .   ? 1.334   5.634   25.479  1.00 83.50  ? 2009 HOH A O   1 
HETATM 1582 O O   . HOH B 2 .   ? -0.789  5.667   21.436  1.00 78.06  ? 2010 HOH A O   1 
HETATM 1583 O O   . HOH B 2 .   ? -4.072  6.803   23.979  1.00 72.93  ? 2011 HOH A O   1 
HETATM 1584 O O   . HOH B 2 .   ? -8.655  -6.307  -21.997 1.00 79.31  ? 2012 HOH A O   1 
HETATM 1585 O O   . HOH B 2 .   ? -9.257  -6.016  -16.660 1.00 81.16  ? 2013 HOH A O   1 
HETATM 1586 O O   . HOH B 2 .   ? -5.749  -4.667  -12.596 1.00 72.03  ? 2014 HOH A O   1 
HETATM 1587 O O   . HOH B 2 .   ? -9.801  8.706   12.331  1.00 80.55  ? 2015 HOH A O   1 
HETATM 1588 O O   . HOH B 2 .   ? -10.848 6.725   9.472   1.00 84.55  ? 2016 HOH A O   1 
HETATM 1589 O O   . HOH B 2 .   ? -17.072 -12.926 -8.543  1.00 80.52  ? 2017 HOH A O   1 
HETATM 1590 O O   . HOH B 2 .   ? -15.073 -6.556  -4.005  1.00 65.33  ? 2018 HOH A O   1 
HETATM 1591 O O   . HOH B 2 .   ? -14.599 0.619   -6.131  1.00 79.94  ? 2019 HOH A O   1 
HETATM 1592 O O   . HOH B 2 .   ? -19.246 -6.582  -14.423 1.00 76.31  ? 2020 HOH A O   1 
HETATM 1593 O O   . HOH B 2 .   ? -19.908 -1.202  -16.635 1.00 84.71  ? 2021 HOH A O   1 
HETATM 1594 O O   . HOH B 2 .   ? -22.270 -6.704  -2.007  1.00 70.31  ? 2022 HOH A O   1 
HETATM 1595 O O   . HOH B 2 .   ? -21.850 -2.051  -0.567  1.00 95.05  ? 2023 HOH A O   1 
HETATM 1596 O O   . HOH B 2 .   ? 12.396  -2.515  -23.895 1.00 84.64  ? 2024 HOH A O   1 
HETATM 1597 O O   . HOH B 2 .   ? -20.304 -7.469  0.646   1.00 74.79  ? 2025 HOH A O   1 
HETATM 1598 O O   . HOH B 2 .   ? 2.133   -2.824  -21.948 1.00 80.13  ? 2026 HOH A O   1 
HETATM 1599 O O   . HOH B 2 .   ? 3.142   0.293   -18.324 1.00 87.61  ? 2027 HOH A O   1 
HETATM 1600 O O   . HOH B 2 .   ? 1.814   6.689   21.581  1.00 68.47  ? 2028 HOH A O   1 
HETATM 1601 O O   . HOH B 2 .   ? 0.067   10.298  19.807  1.00 80.45  ? 2029 HOH A O   1 
HETATM 1602 O O   . HOH B 2 .   ? -1.953  7.219   23.365  1.00 82.19  ? 2030 HOH A O   1 
HETATM 1603 O O   . HOH B 2 .   ? -22.204 -3.027  3.617   1.00 89.15  ? 2031 HOH A O   1 
HETATM 1604 O O   . HOH B 2 .   ? -8.318  -17.899 1.339   1.00 67.84  ? 2032 HOH A O   1 
HETATM 1605 O O   . HOH B 2 .   ? -12.668 -7.642  -4.070  1.00 62.67  ? 2033 HOH A O   1 
HETATM 1606 O O   . HOH B 2 .   ? -15.084 -10.712 18.385  1.00 84.18  ? 2034 HOH A O   1 
HETATM 1607 O O   . HOH B 2 .   ? -19.843 -4.508  13.671  1.00 82.98  ? 2035 HOH A O   1 
HETATM 1608 O O   . HOH B 2 .   ? -10.417 -15.409 -8.052  1.00 62.77  ? 2036 HOH A O   1 
HETATM 1609 O O   . HOH B 2 .   ? -8.394  -17.396 -4.294  1.00 69.60  ? 2037 HOH A O   1 
HETATM 1610 O O   . HOH B 2 .   ? 1.119   -17.187 -10.917 1.00 51.52  ? 2038 HOH A O   1 
HETATM 1611 O O   . HOH B 2 .   ? -10.070 10.487  9.850   1.00 81.12  ? 2039 HOH A O   1 
HETATM 1612 O O   . HOH B 2 .   ? -2.327  -6.766  -17.368 1.00 59.10  ? 2040 HOH A O   1 
HETATM 1613 O O   . HOH B 2 .   ? -5.917  23.193  6.319   1.00 82.52  ? 2041 HOH A O   1 
HETATM 1614 O O   . HOH B 2 .   ? 4.766   9.120   3.703   1.00 75.66  ? 2042 HOH A O   1 
HETATM 1615 O O   . HOH B 2 .   ? 13.611  -17.788 -21.992 1.00 76.83  ? 2043 HOH A O   1 
HETATM 1616 O O   . HOH B 2 .   ? 6.106   -18.435 -31.474 1.00 72.17  ? 2044 HOH A O   1 
HETATM 1617 O O   . HOH B 2 .   ? -4.882  -7.980  -22.477 1.00 74.53  ? 2045 HOH A O   1 
HETATM 1618 O O   . HOH B 2 .   ? -3.814  -0.761  -25.616 1.00 77.86  ? 2046 HOH A O   1 
HETATM 1619 O O   . HOH B 2 .   ? 4.001   -7.108  -27.574 1.00 96.71  ? 2047 HOH A O   1 
HETATM 1620 O O   . HOH B 2 .   ? -0.496  -3.382  -24.452 1.00 82.94  ? 2048 HOH A O   1 
HETATM 1621 O O   . HOH B 2 .   ? 11.538  -3.888  -21.241 1.00 90.51  ? 2049 HOH A O   1 
HETATM 1622 O O   . HOH B 2 .   ? 14.998  7.970   7.790   1.00 75.12  ? 2050 HOH A O   1 
HETATM 1623 O O   . HOH B 2 .   ? 17.258  8.777   -2.176  1.00 99.37  ? 2051 HOH A O   1 
HETATM 1624 O O   . HOH B 2 .   ? 15.898  11.309  -2.827  1.00 94.29  ? 2052 HOH A O   1 
HETATM 1625 O O   . HOH B 2 .   ? 4.552   -2.743  -13.599 1.00 80.29  ? 2053 HOH A O   1 
HETATM 1626 O O   . HOH B 2 .   ? 11.199  -3.629  -9.936  1.00 80.84  ? 2054 HOH A O   1 
HETATM 1627 O O   . HOH B 2 .   ? 0.652   -0.029  -19.172 1.00 87.18  ? 2055 HOH A O   1 
HETATM 1628 O O   . HOH B 2 .   ? -0.277  -2.379  -20.007 1.00 71.57  ? 2056 HOH A O   1 
HETATM 1629 O O   . HOH B 2 .   ? -0.536  -6.608  -10.192 1.00 56.53  ? 2057 HOH A O   1 
HETATM 1630 O O   . HOH B 2 .   ? 0.898   9.340   23.103  1.00 74.94  ? 2058 HOH A O   1 
HETATM 1631 O O   . HOH B 2 .   ? -1.556  10.099  26.085  1.00 78.26  ? 2059 HOH A O   1 
HETATM 1632 O O   . HOH B 2 .   ? -8.063  -15.643 14.058  1.00 75.10  ? 2060 HOH A O   1 
HETATM 1633 O O   . HOH B 2 .   ? -9.091  -7.715  15.113  1.00 75.76  ? 2061 HOH A O   1 
HETATM 1634 O O   . HOH B 2 .   ? -6.586  -8.638  21.983  1.00 71.94  ? 2062 HOH A O   1 
HETATM 1635 O O   . HOH B 2 .   ? -16.112 -12.172 14.745  1.00 96.91  ? 2063 HOH A O   1 
HETATM 1636 O O   . HOH B 2 .   ? -14.006 -12.806 8.673   1.00 80.40  ? 2064 HOH A O   1 
HETATM 1637 O O   . HOH B 2 .   ? -12.644 -17.017 11.951  1.00 85.96  ? 2065 HOH A O   1 
HETATM 1638 O O   . HOH B 2 .   ? -15.546 -6.837  13.435  1.00 84.91  ? 2066 HOH A O   1 
HETATM 1639 O O   . HOH B 2 .   ? -12.911 -9.226  6.110   1.00 62.47  ? 2067 HOH A O   1 
HETATM 1640 O O   . HOH B 2 .   ? -12.797 -7.275  14.211  1.00 80.35  ? 2068 HOH A O   1 
HETATM 1641 O O   . HOH B 2 .   ? -11.279 2.525   1.731   1.00 64.77  ? 2069 HOH A O   1 
HETATM 1642 O O   . HOH B 2 .   ? -8.433  -5.955  -3.311  1.00 75.87  ? 2070 HOH A O   1 
HETATM 1643 O O   . HOH B 2 .   ? -4.572  3.018   -3.686  1.00 67.92  ? 2071 HOH A O   1 
HETATM 1644 O O   . HOH B 2 .   ? -4.173  -2.211  -6.496  1.00 70.84  ? 2072 HOH A O   1 
HETATM 1645 O O   . HOH B 2 .   ? 6.931   -1.079  -6.648  1.00 69.34  ? 2073 HOH A O   1 
HETATM 1646 O O   . HOH B 2 .   ? 1.924   4.121   -3.287  1.00 80.57  ? 2074 HOH A O   1 
HETATM 1647 O O   . HOH B 2 .   ? 3.652   1.895   -5.723  1.00 83.00  ? 2075 HOH A O   1 
HETATM 1648 O O   . HOH B 2 .   ? -0.369  0.213   -8.994  1.00 66.03  ? 2076 HOH A O   1 
HETATM 1649 O O   . HOH B 2 .   ? 2.354   2.804   -9.205  1.00 80.33  ? 2077 HOH A O   1 
HETATM 1650 O O   . HOH B 2 .   ? -3.428  0.289   -6.372  1.00 61.41  ? 2078 HOH A O   1 
HETATM 1651 O O   . HOH B 2 .   ? 3.996   -9.243  2.889   1.00 70.34  ? 2079 HOH A O   1 
HETATM 1652 O O   . HOH B 2 .   ? 7.632   -2.007  7.468   1.00 72.99  ? 2080 HOH A O   1 
HETATM 1653 O O   . HOH B 2 .   ? 10.617  -4.176  2.893   1.00 77.72  ? 2081 HOH A O   1 
HETATM 1654 O O   . HOH B 2 .   ? -11.381 -1.456  10.255  1.00 70.95  ? 2082 HOH A O   1 
HETATM 1655 O O   . HOH B 2 .   ? -5.877  8.249   11.231  1.00 81.20  ? 2083 HOH A O   1 
HETATM 1656 O O   . HOH B 2 .   ? -8.437  5.512   4.346   1.00 79.51  ? 2084 HOH A O   1 
HETATM 1657 O O   . HOH B 2 .   ? -9.538  12.127  7.784   1.00 88.82  ? 2085 HOH A O   1 
HETATM 1658 O O   . HOH B 2 .   ? -6.832  14.258  7.572   1.00 66.50  ? 2086 HOH A O   1 
HETATM 1659 O O   . HOH B 2 .   ? 2.117   22.851  10.346  1.00 74.83  ? 2087 HOH A O   1 
HETATM 1660 O O   . HOH B 2 .   ? -3.177  20.425  3.913   1.00 83.88  ? 2088 HOH A O   1 
HETATM 1661 O O   . HOH B 2 .   ? 7.429   26.547  10.022  1.00 68.52  ? 2089 HOH A O   1 
HETATM 1662 O O   . HOH B 2 .   ? 9.069   33.170  6.937   1.00 74.72  ? 2090 HOH A O   1 
HETATM 1663 O O   . HOH B 2 .   ? 8.103   33.672  0.231   1.00 67.88  ? 2091 HOH A O   1 
HETATM 1664 O O   . HOH B 2 .   ? 3.285   34.054  3.465   1.00 78.22  ? 2092 HOH A O   1 
HETATM 1665 O O   . HOH B 2 .   ? 10.875  29.874  -0.234  1.00 62.98  ? 2093 HOH A O   1 
HETATM 1666 O O   . HOH B 2 .   ? 3.603   33.105  7.261   1.00 92.18  ? 2094 HOH A O   1 
HETATM 1667 O O   . HOH B 2 .   ? 5.113   29.568  -1.529  1.00 65.96  ? 2095 HOH A O   1 
HETATM 1668 O O   . HOH B 2 .   ? 2.474   10.800  1.905   1.00 53.58  ? 2096 HOH A O   1 
HETATM 1669 O O   . HOH B 2 .   ? 14.988  -12.388 9.794   1.00 84.58  ? 2097 HOH A O   1 
HETATM 1670 O O   . HOH B 2 .   ? 8.576   -15.100 20.013  1.00 109.63 ? 2098 HOH A O   1 
HETATM 1671 O O   . HOH B 2 .   ? 2.983   -16.770 11.967  1.00 96.82  ? 2099 HOH A O   1 
HETATM 1672 O O   . HOH B 2 .   ? 14.317  14.559  11.740  1.00 56.40  ? 2100 HOH A O   1 
HETATM 1673 O O   . HOH B 2 .   ? 2.582   -1.162  19.386  1.00 84.48  ? 2101 HOH A O   1 
HETATM 1674 O O   . HOH B 2 .   ? 9.436   0.399   27.021  1.00 83.02  ? 2102 HOH A O   1 
HETATM 1675 O O   . HOH B 2 .   ? 3.287   8.226   5.823   1.00 57.39  ? 2103 HOH A O   1 
HETATM 1676 O O   . HOH B 2 .   ? 13.886  10.668  5.474   1.00 72.85  ? 2104 HOH A O   1 
HETATM 1677 O O   . HOH B 2 .   ? 8.603   14.461  0.277   1.00 58.13  ? 2105 HOH A O   1 
HETATM 1678 O O   . HOH B 2 .   ? 14.392  16.610  -5.718  1.00 63.41  ? 2106 HOH A O   1 
HETATM 1679 O O   . HOH B 2 .   ? 13.708  11.284  -1.020  1.00 73.61  ? 2107 HOH A O   1 
HETATM 1680 O O   . HOH B 2 .   ? 10.335  11.352  -3.711  1.00 62.29  ? 2108 HOH A O   1 
HETATM 1681 O O   . HOH B 2 .   ? 13.064  29.671  10.633  1.00 72.98  ? 2109 HOH A O   1 
HETATM 1682 O O   . HOH B 2 .   ? 17.204  25.333  17.787  1.00 69.61  ? 2110 HOH A O   1 
HETATM 1683 O O   . HOH B 2 .   ? 10.568  25.611  14.687  1.00 68.91  ? 2111 HOH A O   1 
HETATM 1684 O O   . HOH B 2 .   ? -5.671  23.383  17.107  1.00 81.30  ? 2112 HOH A O   1 
HETATM 1685 O O   . HOH B 2 .   ? -3.263  22.061  17.878  1.00 89.70  ? 2113 HOH A O   1 
HETATM 1686 O O   . HOH B 2 .   ? -0.526  11.663  24.510  1.00 79.17  ? 2114 HOH A O   1 
HETATM 1687 O O   . HOH B 2 .   ? 20.935  17.884  12.538  1.00 80.01  ? 2115 HOH A O   1 
# 
loop_
_pdbx_poly_seq_scheme.asym_id 
_pdbx_poly_seq_scheme.entity_id 
_pdbx_poly_seq_scheme.seq_id 
_pdbx_poly_seq_scheme.mon_id 
_pdbx_poly_seq_scheme.ndb_seq_num 
_pdbx_poly_seq_scheme.pdb_seq_num 
_pdbx_poly_seq_scheme.auth_seq_num 
_pdbx_poly_seq_scheme.pdb_mon_id 
_pdbx_poly_seq_scheme.auth_mon_id 
_pdbx_poly_seq_scheme.pdb_strand_id 
_pdbx_poly_seq_scheme.pdb_ins_code 
_pdbx_poly_seq_scheme.hetero 
A 1 1   MET 1   1   ?   ?   ?   A . n 
A 1 2   GLU 2   2   ?   ?   ?   A . n 
A 1 3   THR 3   3   3   THR THR A . n 
A 1 4   ALA 4   4   4   ALA ALA A . n 
A 1 5   CYS 5   5   5   CYS CYS A . n 
A 1 6   GLU 6   6   6   GLU GLU A . n 
A 1 7   ARG 7   7   7   ARG ARG A . n 
A 1 8   LEU 8   8   8   LEU LEU A . n 
A 1 9   HIS 9   9   9   HIS HIS A . n 
A 1 10  VAL 10  10  10  VAL VAL A . n 
A 1 11  ALA 11  11  11  ALA ALA A . n 
A 1 12  GLN 12  12  12  GLN GLN A . n 
A 1 13  GLU 13  13  13  GLU GLU A . n 
A 1 14  THR 14  14  14  THR THR A . n 
A 1 15  GLN 15  15  15  GLN GLN A . n 
A 1 16  MET 16  16  16  MET MET A . n 
A 1 17  GLN 17  17  17  GLN GLN A . n 
A 1 18  LEU 18  18  18  LEU LEU A . n 
A 1 19  ILE 19  19  19  ILE ILE A . n 
A 1 20  GLU 20  20  20  GLU GLU A . n 
A 1 21  LYS 21  21  21  LYS LYS A . n 
A 1 22  SER 22  22  22  SER SER A . n 
A 1 23  SER 23  23  23  SER SER A . n 
A 1 24  ASP 24  24  24  ASP ASP A . n 
A 1 25  LYS 25  25  25  LYS LYS A . n 
A 1 26  LEU 26  26  26  LEU LEU A . n 
A 1 27  GLN 27  27  27  GLN GLN A . n 
A 1 28  ASP 28  28  28  ASP ASP A . n 
A 1 29  HIS 29  29  29  HIS HIS A . n 
A 1 30  ILE 30  30  30  ILE ILE A . n 
A 1 31  LEU 31  31  31  LEU LEU A . n 
A 1 32  TYR 32  32  32  TYR TYR A . n 
A 1 33  TRP 33  33  33  TRP TRP A . n 
A 1 34  THR 34  34  34  THR THR A . n 
A 1 35  ALA 35  35  35  ALA ALA A . n 
A 1 36  VAL 36  36  36  VAL VAL A . n 
A 1 37  ARG 37  37  37  ARG ARG A . n 
A 1 38  THR 38  38  38  THR THR A . n 
A 1 39  GLU 39  39  39  GLU GLU A . n 
A 1 40  ASN 40  40  40  ASN ASN A . n 
A 1 41  THR 41  41  41  THR THR A . n 
A 1 42  LEU 42  42  42  LEU LEU A . n 
A 1 43  LEU 43  43  43  LEU LEU A . n 
A 1 44  TYR 44  44  44  TYR TYR A . n 
A 1 45  ALA 45  45  45  ALA ALA A . n 
A 1 46  ALA 46  46  46  ALA ALA A . n 
A 1 47  ARG 47  47  47  ARG ARG A . n 
A 1 48  LYS 48  48  48  LYS LYS A . n 
A 1 49  LYS 49  49  49  LYS LYS A . n 
A 1 50  GLY 50  50  50  GLY GLY A . n 
A 1 51  VAL 51  51  51  VAL VAL A . n 
A 1 52  THR 52  52  52  THR THR A . n 
A 1 53  VAL 53  53  53  VAL VAL A . n 
A 1 54  LEU 54  54  54  LEU LEU A . n 
A 1 55  GLY 55  55  55  GLY GLY A . n 
A 1 56  HIS 56  56  56  HIS HIS A . n 
A 1 57  CYS 57  57  57  CYS CYS A . n 
A 1 58  ARG 58  58  58  ARG ARG A . n 
A 1 59  VAL 59  59  59  VAL VAL A . n 
A 1 60  PRO 60  60  60  PRO PRO A . n 
A 1 61  HIS 61  61  61  HIS HIS A . n 
A 1 62  SER 62  62  62  SER SER A . n 
A 1 63  VAL 63  63  63  VAL VAL A . n 
A 1 64  VAL 64  64  64  VAL VAL A . n 
A 1 65  CYS 65  65  65  CYS CYS A . n 
A 1 66  GLN 66  66  66  GLN GLN A . n 
A 1 67  GLU 67  67  67  GLU GLU A . n 
A 1 68  ARG 68  68  68  ARG ARG A . n 
A 1 69  ALA 69  69  69  ALA ALA A . n 
A 1 70  LYS 70  70  70  LYS LYS A . n 
A 1 71  GLN 71  71  71  GLN GLN A . n 
A 1 72  ALA 72  72  72  ALA ALA A . n 
A 1 73  ILE 73  73  73  ILE ILE A . n 
A 1 74  GLU 74  74  74  GLU GLU A . n 
A 1 75  MET 75  75  75  MET MET A . n 
A 1 76  GLN 76  76  76  GLN GLN A . n 
A 1 77  LEU 77  77  77  LEU LEU A . n 
A 1 78  SER 78  78  78  SER SER A . n 
A 1 79  LEU 79  79  79  LEU LEU A . n 
A 1 80  GLN 80  80  80  GLN GLN A . n 
A 1 81  GLU 81  81  81  GLU GLU A . n 
A 1 82  LEU 82  82  82  LEU LEU A . n 
A 1 83  SER 83  83  83  SER SER A . n 
A 1 84  LYS 84  84  84  LYS LYS A . n 
A 1 85  THR 85  85  85  THR THR A . n 
A 1 86  GLU 86  86  86  GLU GLU A . n 
A 1 87  PHE 87  87  87  PHE PHE A . n 
A 1 88  GLY 88  88  88  GLY GLY A . n 
A 1 89  ASP 89  89  89  ASP ASP A . n 
A 1 90  GLU 90  90  90  GLU GLU A . n 
A 1 91  PRO 91  91  91  PRO PRO A . n 
A 1 92  TRP 92  92  92  TRP TRP A . n 
A 1 93  SER 93  93  93  SER SER A . n 
A 1 94  LEU 94  94  94  LEU LEU A . n 
A 1 95  LEU 95  95  95  LEU LEU A . n 
A 1 96  ASP 96  96  96  ASP ASP A . n 
A 1 97  THR 97  97  97  THR THR A . n 
A 1 98  SER 98  98  98  SER SER A . n 
A 1 99  TRP 99  99  99  TRP TRP A . n 
A 1 100 ASP 100 100 100 ASP ASP A . n 
A 1 101 ARG 101 101 101 ARG ARG A . n 
A 1 102 TYR 102 102 102 TYR TYR A . n 
A 1 103 MET 103 103 103 MET MET A . n 
A 1 104 SER 104 104 104 SER SER A . n 
A 1 105 GLU 105 105 105 GLU GLU A . n 
A 1 106 PRO 106 106 106 PRO PRO A . n 
A 1 107 LYS 107 107 107 LYS LYS A . n 
A 1 108 ARG 108 108 108 ARG ARG A . n 
A 1 109 CYS 109 109 109 CYS CYS A . n 
A 1 110 PHE 110 110 110 PHE PHE A . n 
A 1 111 LYS 111 111 111 LYS LYS A . n 
A 1 112 LYS 112 112 112 LYS LYS A . n 
A 1 113 GLY 113 113 113 GLY GLY A . n 
A 1 114 ALA 114 114 114 ALA ALA A . n 
A 1 115 ARG 115 115 115 ARG ARG A . n 
A 1 116 VAL 116 116 116 VAL VAL A . n 
A 1 117 VAL 117 117 117 VAL VAL A . n 
A 1 118 GLU 118 118 118 GLU GLU A . n 
A 1 119 VAL 119 119 119 VAL VAL A . n 
A 1 120 GLU 120 120 120 GLU GLU A . n 
A 1 121 PHE 121 121 121 PHE PHE A . n 
A 1 122 ASP 122 122 122 ASP ASP A . n 
A 1 123 GLY 123 123 123 GLY GLY A . n 
A 1 124 ASN 124 124 124 ASN ASN A . n 
A 1 125 ALA 125 125 125 ALA ALA A . n 
A 1 126 SER 126 126 126 SER SER A . n 
A 1 127 ASN 127 127 127 ASN ASN A . n 
A 1 128 THR 128 128 128 THR THR A . n 
A 1 129 ASN 129 129 129 ASN ASN A . n 
A 1 130 TRP 130 130 130 TRP TRP A . n 
A 1 131 TYR 131 131 131 TYR TYR A . n 
A 1 132 THR 132 132 132 THR THR A . n 
A 1 133 VAL 133 133 133 VAL VAL A . n 
A 1 134 TYR 134 134 134 TYR TYR A . n 
A 1 135 SER 135 135 135 SER SER A . n 
A 1 136 ASN 136 136 136 ASN ASN A . n 
A 1 137 LEU 137 137 137 LEU LEU A . n 
A 1 138 TYR 138 138 138 TYR TYR A . n 
A 1 139 MET 139 139 139 MET MET A . n 
A 1 140 ARG 140 140 140 ARG ARG A . n 
A 1 141 THR 141 141 141 THR THR A . n 
A 1 142 GLU 142 142 142 GLU GLU A . n 
A 1 143 ASP 143 143 143 ASP ASP A . n 
A 1 144 GLY 144 144 144 GLY GLY A . n 
A 1 145 TRP 145 145 145 TRP TRP A . n 
A 1 146 GLN 146 146 146 GLN GLN A . n 
A 1 147 LEU 147 147 147 LEU LEU A . n 
A 1 148 ALA 148 148 148 ALA ALA A . n 
A 1 149 LYS 149 149 149 LYS LYS A . n 
A 1 150 ALA 150 150 150 ALA ALA A . n 
A 1 151 GLY 151 151 151 GLY GLY A . n 
A 1 152 ALA 152 152 152 ALA ALA A . n 
A 1 153 ASP 153 153 153 ASP ASP A . n 
A 1 154 GLY 154 154 154 GLY GLY A . n 
A 1 155 THR 155 155 155 THR THR A . n 
A 1 156 GLY 156 156 156 GLY GLY A . n 
A 1 157 LEU 157 157 157 LEU LEU A . n 
A 1 158 TYR 158 158 158 TYR TYR A . n 
A 1 159 TYR 159 159 159 TYR TYR A . n 
A 1 160 CYS 160 160 160 CYS CYS A . n 
A 1 161 THR 161 161 161 THR THR A . n 
A 1 162 MET 162 162 162 MET MET A . n 
A 1 163 ALA 163 163 163 ALA ALA A . n 
A 1 164 GLY 164 164 164 GLY GLY A . n 
A 1 165 ALA 165 165 165 ALA ALA A . n 
A 1 166 GLY 166 166 166 GLY GLY A . n 
A 1 167 ARG 167 167 167 ARG ARG A . n 
A 1 168 ILE 168 168 168 ILE ILE A . n 
A 1 169 TYR 169 169 169 TYR TYR A . n 
A 1 170 TYR 170 170 170 TYR TYR A . n 
A 1 171 SER 171 171 171 SER SER A . n 
A 1 172 ALA 172 172 172 ALA ALA A . n 
A 1 173 PHE 173 173 173 PHE PHE A . n 
A 1 174 GLY 174 174 174 GLY GLY A . n 
A 1 175 ASP 175 175 175 ASP ASP A . n 
A 1 176 GLU 176 176 176 GLU GLU A . n 
A 1 177 ALA 177 177 177 ALA ALA A . n 
A 1 178 ALA 178 178 178 ALA ALA A . n 
A 1 179 ARG 179 179 179 ARG ARG A . n 
A 1 180 PHE 180 180 180 PHE PHE A . n 
A 1 181 SER 181 181 181 SER SER A . n 
A 1 182 THR 182 182 182 THR THR A . n 
A 1 183 THR 183 183 183 THR THR A . n 
A 1 184 GLY 184 184 184 GLY GLY A . n 
A 1 185 HIS 185 185 185 HIS HIS A . n 
A 1 186 TYR 186 186 186 TYR TYR A . n 
A 1 187 SER 187 187 187 SER SER A . n 
A 1 188 VAL 188 188 188 VAL VAL A . n 
A 1 189 ARG 189 189 189 ARG ARG A . n 
A 1 190 ASP 190 190 190 ASP ASP A . n 
A 1 191 GLN 191 191 191 GLN GLN A . n 
A 1 192 ASP 192 192 192 ASP ASP A . n 
A 1 193 ARG 193 193 193 ARG ARG A . n 
A 1 194 VAL 194 194 194 VAL VAL A . n 
A 1 195 TYR 195 195 195 TYR TYR A . n 
A 1 196 ALA 196 196 196 ALA ALA A . n 
A 1 197 GLY 197 197 197 GLY GLY A . n 
A 1 198 VAL 198 198 198 VAL VAL A . n 
A 1 199 SER 199 199 199 SER SER A . n 
A 1 200 SER 200 200 ?   ?   ?   A . n 
A 1 201 THR 201 201 ?   ?   ?   A . n 
A 1 202 SER 202 202 ?   ?   ?   A . n 
A 1 203 SER 203 203 ?   ?   ?   A . n 
A 1 204 ASP 204 204 ?   ?   ?   A . n 
A 1 205 PHE 205 205 ?   ?   ?   A . n 
A 1 206 ARG 206 206 ?   ?   ?   A . n 
A 1 207 ASP 207 207 ?   ?   ?   A . n 
A 1 208 ARG 208 208 ?   ?   ?   A . n 
A 1 209 PRO 209 209 ?   ?   ?   A . n 
# 
loop_
_pdbx_nonpoly_scheme.asym_id 
_pdbx_nonpoly_scheme.entity_id 
_pdbx_nonpoly_scheme.mon_id 
_pdbx_nonpoly_scheme.ndb_seq_num 
_pdbx_nonpoly_scheme.pdb_seq_num 
_pdbx_nonpoly_scheme.auth_seq_num 
_pdbx_nonpoly_scheme.pdb_mon_id 
_pdbx_nonpoly_scheme.auth_mon_id 
_pdbx_nonpoly_scheme.pdb_strand_id 
_pdbx_nonpoly_scheme.pdb_ins_code 
B 2 HOH 1   2001 2001 HOH HOH A . 
B 2 HOH 2   2002 2002 HOH HOH A . 
B 2 HOH 3   2003 2003 HOH HOH A . 
B 2 HOH 4   2004 2004 HOH HOH A . 
B 2 HOH 5   2005 2005 HOH HOH A . 
B 2 HOH 6   2006 2006 HOH HOH A . 
B 2 HOH 7   2007 2007 HOH HOH A . 
B 2 HOH 8   2008 2008 HOH HOH A . 
B 2 HOH 9   2009 2009 HOH HOH A . 
B 2 HOH 10  2010 2010 HOH HOH A . 
B 2 HOH 11  2011 2011 HOH HOH A . 
B 2 HOH 12  2012 2012 HOH HOH A . 
B 2 HOH 13  2013 2013 HOH HOH A . 
B 2 HOH 14  2014 2014 HOH HOH A . 
B 2 HOH 15  2015 2015 HOH HOH A . 
B 2 HOH 16  2016 2016 HOH HOH A . 
B 2 HOH 17  2017 2017 HOH HOH A . 
B 2 HOH 18  2018 2018 HOH HOH A . 
B 2 HOH 19  2019 2019 HOH HOH A . 
B 2 HOH 20  2020 2020 HOH HOH A . 
B 2 HOH 21  2021 2021 HOH HOH A . 
B 2 HOH 22  2022 2022 HOH HOH A . 
B 2 HOH 23  2023 2023 HOH HOH A . 
B 2 HOH 24  2024 2024 HOH HOH A . 
B 2 HOH 25  2025 2025 HOH HOH A . 
B 2 HOH 26  2026 2026 HOH HOH A . 
B 2 HOH 27  2027 2027 HOH HOH A . 
B 2 HOH 28  2028 2028 HOH HOH A . 
B 2 HOH 29  2029 2029 HOH HOH A . 
B 2 HOH 30  2030 2030 HOH HOH A . 
B 2 HOH 31  2031 2031 HOH HOH A . 
B 2 HOH 32  2032 2032 HOH HOH A . 
B 2 HOH 33  2033 2033 HOH HOH A . 
B 2 HOH 34  2034 2034 HOH HOH A . 
B 2 HOH 35  2035 2035 HOH HOH A . 
B 2 HOH 36  2036 2036 HOH HOH A . 
B 2 HOH 37  2037 2037 HOH HOH A . 
B 2 HOH 38  2038 2038 HOH HOH A . 
B 2 HOH 39  2039 2039 HOH HOH A . 
B 2 HOH 40  2040 2040 HOH HOH A . 
B 2 HOH 41  2041 2041 HOH HOH A . 
B 2 HOH 42  2042 2042 HOH HOH A . 
B 2 HOH 43  2043 2043 HOH HOH A . 
B 2 HOH 44  2044 2044 HOH HOH A . 
B 2 HOH 45  2045 2045 HOH HOH A . 
B 2 HOH 46  2046 2046 HOH HOH A . 
B 2 HOH 47  2047 2047 HOH HOH A . 
B 2 HOH 48  2048 2048 HOH HOH A . 
B 2 HOH 49  2049 2049 HOH HOH A . 
B 2 HOH 50  2050 2050 HOH HOH A . 
B 2 HOH 51  2051 2051 HOH HOH A . 
B 2 HOH 52  2052 2052 HOH HOH A . 
B 2 HOH 53  2053 2053 HOH HOH A . 
B 2 HOH 54  2054 2054 HOH HOH A . 
B 2 HOH 55  2055 2055 HOH HOH A . 
B 2 HOH 56  2056 2056 HOH HOH A . 
B 2 HOH 57  2057 2057 HOH HOH A . 
B 2 HOH 58  2058 2058 HOH HOH A . 
B 2 HOH 59  2059 2059 HOH HOH A . 
B 2 HOH 60  2060 2060 HOH HOH A . 
B 2 HOH 61  2061 2061 HOH HOH A . 
B 2 HOH 62  2062 2062 HOH HOH A . 
B 2 HOH 63  2063 2063 HOH HOH A . 
B 2 HOH 64  2064 2064 HOH HOH A . 
B 2 HOH 65  2065 2065 HOH HOH A . 
B 2 HOH 66  2066 2066 HOH HOH A . 
B 2 HOH 67  2067 2067 HOH HOH A . 
B 2 HOH 68  2068 2068 HOH HOH A . 
B 2 HOH 69  2069 2069 HOH HOH A . 
B 2 HOH 70  2070 2070 HOH HOH A . 
B 2 HOH 71  2071 2071 HOH HOH A . 
B 2 HOH 72  2072 2072 HOH HOH A . 
B 2 HOH 73  2073 2073 HOH HOH A . 
B 2 HOH 74  2074 2074 HOH HOH A . 
B 2 HOH 75  2075 2075 HOH HOH A . 
B 2 HOH 76  2076 2076 HOH HOH A . 
B 2 HOH 77  2077 2077 HOH HOH A . 
B 2 HOH 78  2078 2078 HOH HOH A . 
B 2 HOH 79  2079 2079 HOH HOH A . 
B 2 HOH 80  2080 2080 HOH HOH A . 
B 2 HOH 81  2081 2081 HOH HOH A . 
B 2 HOH 82  2082 2082 HOH HOH A . 
B 2 HOH 83  2083 2083 HOH HOH A . 
B 2 HOH 84  2084 2084 HOH HOH A . 
B 2 HOH 85  2085 2085 HOH HOH A . 
B 2 HOH 86  2086 2086 HOH HOH A . 
B 2 HOH 87  2087 2087 HOH HOH A . 
B 2 HOH 88  2088 2088 HOH HOH A . 
B 2 HOH 89  2089 2089 HOH HOH A . 
B 2 HOH 90  2090 2090 HOH HOH A . 
B 2 HOH 91  2091 2091 HOH HOH A . 
B 2 HOH 92  2092 2092 HOH HOH A . 
B 2 HOH 93  2093 2093 HOH HOH A . 
B 2 HOH 94  2094 2094 HOH HOH A . 
B 2 HOH 95  2095 2095 HOH HOH A . 
B 2 HOH 96  2096 2096 HOH HOH A . 
B 2 HOH 97  2097 2097 HOH HOH A . 
B 2 HOH 98  2098 2098 HOH HOH A . 
B 2 HOH 99  2099 2099 HOH HOH A . 
B 2 HOH 100 2100 2100 HOH HOH A . 
B 2 HOH 101 2101 2101 HOH HOH A . 
B 2 HOH 102 2102 2102 HOH HOH A . 
B 2 HOH 103 2103 2103 HOH HOH A . 
B 2 HOH 104 2104 2104 HOH HOH A . 
B 2 HOH 105 2105 2105 HOH HOH A . 
B 2 HOH 106 2106 2106 HOH HOH A . 
B 2 HOH 107 2107 2107 HOH HOH A . 
B 2 HOH 108 2108 2108 HOH HOH A . 
B 2 HOH 109 2109 2109 HOH HOH A . 
B 2 HOH 110 2110 2110 HOH HOH A . 
B 2 HOH 111 2111 2111 HOH HOH A . 
B 2 HOH 112 2112 2112 HOH HOH A . 
B 2 HOH 113 2113 2113 HOH HOH A . 
B 2 HOH 114 2114 2114 HOH HOH A . 
B 2 HOH 115 2115 2115 HOH HOH A . 
# 
_pdbx_struct_assembly.id                   1 
_pdbx_struct_assembly.details              author_and_software_defined_assembly 
_pdbx_struct_assembly.method_details       PQS 
_pdbx_struct_assembly.oligomeric_details   monomeric 
_pdbx_struct_assembly.oligomeric_count     1 
# 
_pdbx_struct_assembly_gen.assembly_id       1 
_pdbx_struct_assembly_gen.oper_expression   1 
_pdbx_struct_assembly_gen.asym_id_list      A,B 
# 
_pdbx_struct_oper_list.id                   1 
_pdbx_struct_oper_list.type                 'identity operation' 
_pdbx_struct_oper_list.name                 1_555 
_pdbx_struct_oper_list.symmetry_operation   x,y,z 
_pdbx_struct_oper_list.matrix[1][1]         1.0000000000 
_pdbx_struct_oper_list.matrix[1][2]         0.0000000000 
_pdbx_struct_oper_list.matrix[1][3]         0.0000000000 
_pdbx_struct_oper_list.vector[1]            0.0000000000 
_pdbx_struct_oper_list.matrix[2][1]         0.0000000000 
_pdbx_struct_oper_list.matrix[2][2]         1.0000000000 
_pdbx_struct_oper_list.matrix[2][3]         0.0000000000 
_pdbx_struct_oper_list.vector[2]            0.0000000000 
_pdbx_struct_oper_list.matrix[3][1]         0.0000000000 
_pdbx_struct_oper_list.matrix[3][2]         0.0000000000 
_pdbx_struct_oper_list.matrix[3][3]         1.0000000000 
_pdbx_struct_oper_list.vector[3]            0.0000000000 
# 
loop_
_pdbx_audit_revision_history.ordinal 
_pdbx_audit_revision_history.data_content_type 
_pdbx_audit_revision_history.major_revision 
_pdbx_audit_revision_history.minor_revision 
_pdbx_audit_revision_history.revision_date 
1 'Structure model' 1 0 2007-05-15 
2 'Structure model' 1 1 2011-07-13 
3 'Structure model' 1 2 2019-05-08 
4 'Structure model' 1 3 2023-12-13 
# 
_pdbx_audit_revision_details.ordinal             1 
_pdbx_audit_revision_details.revision_ordinal    1 
_pdbx_audit_revision_details.data_content_type   'Structure model' 
_pdbx_audit_revision_details.provider            repository 
_pdbx_audit_revision_details.type                'Initial release' 
_pdbx_audit_revision_details.description         ? 
_pdbx_audit_revision_details.details             ? 
# 
loop_
_pdbx_audit_revision_group.ordinal 
_pdbx_audit_revision_group.revision_ordinal 
_pdbx_audit_revision_group.data_content_type 
_pdbx_audit_revision_group.group 
1 2 'Structure model' Advisory                    
2 2 'Structure model' 'Version format compliance' 
3 3 'Structure model' 'Data collection'           
4 3 'Structure model' 'Experimental preparation'  
5 3 'Structure model' Other                       
6 4 'Structure model' 'Data collection'           
7 4 'Structure model' 'Database references'       
8 4 'Structure model' Other                       
9 4 'Structure model' 'Refinement description'    
# 
loop_
_pdbx_audit_revision_category.ordinal 
_pdbx_audit_revision_category.revision_ordinal 
_pdbx_audit_revision_category.data_content_type 
_pdbx_audit_revision_category.category 
1  3 'Structure model' database_PDB_rev              
2  3 'Structure model' database_PDB_rev_record       
3  3 'Structure model' exptl_crystal_grow            
4  3 'Structure model' pdbx_database_proc            
5  3 'Structure model' pdbx_database_status          
6  4 'Structure model' chem_comp_atom                
7  4 'Structure model' chem_comp_bond                
8  4 'Structure model' database_2                    
9  4 'Structure model' pdbx_database_status          
10 4 'Structure model' pdbx_initial_refinement_model 
# 
loop_
_pdbx_audit_revision_item.ordinal 
_pdbx_audit_revision_item.revision_ordinal 
_pdbx_audit_revision_item.data_content_type 
_pdbx_audit_revision_item.item 
1 3 'Structure model' '_exptl_crystal_grow.method'                  
2 3 'Structure model' '_pdbx_database_status.recvd_author_approval' 
3 4 'Structure model' '_database_2.pdbx_DOI'                        
4 4 'Structure model' '_database_2.pdbx_database_accession'         
5 4 'Structure model' '_pdbx_database_status.status_code_sf'        
# 
loop_
_pdbx_refine_tls.pdbx_refine_id 
_pdbx_refine_tls.id 
_pdbx_refine_tls.details 
_pdbx_refine_tls.method 
_pdbx_refine_tls.origin_x 
_pdbx_refine_tls.origin_y 
_pdbx_refine_tls.origin_z 
_pdbx_refine_tls.T[1][1] 
_pdbx_refine_tls.T[2][2] 
_pdbx_refine_tls.T[3][3] 
_pdbx_refine_tls.T[1][2] 
_pdbx_refine_tls.T[1][3] 
_pdbx_refine_tls.T[2][3] 
_pdbx_refine_tls.L[1][1] 
_pdbx_refine_tls.L[2][2] 
_pdbx_refine_tls.L[3][3] 
_pdbx_refine_tls.L[1][2] 
_pdbx_refine_tls.L[1][3] 
_pdbx_refine_tls.L[2][3] 
_pdbx_refine_tls.S[1][1] 
_pdbx_refine_tls.S[1][2] 
_pdbx_refine_tls.S[1][3] 
_pdbx_refine_tls.S[2][1] 
_pdbx_refine_tls.S[2][2] 
_pdbx_refine_tls.S[2][3] 
_pdbx_refine_tls.S[3][1] 
_pdbx_refine_tls.S[3][2] 
_pdbx_refine_tls.S[3][3] 
'X-RAY DIFFRACTION' 1 ? refined -5.3397 -10.7452 -10.0027 -0.0638 -0.3947 -0.1968 0.0125  0.0051  -0.0480 4.5385 5.3716 11.7265 0.3427 -2.4643 2.2484  0.0901 0.3699  -0.0162 -0.2348 -0.1644 0.6709  -0.3500 -0.5646 0.0743 
'X-RAY DIFFRACTION' 2 ? refined 4.5127  9.2010   8.7938   0.1060  -0.1277 -0.2711 -0.0321 -0.0174 -0.0953 3.0431 8.3079 2.2511  3.5342 -0.3809 -0.9421 0.0660 -0.1516 -0.1945 0.9835  -0.1708 -0.1143 0.4391  0.1262  0.1048  
# 
loop_
_pdbx_refine_tls_group.pdbx_refine_id 
_pdbx_refine_tls_group.id 
_pdbx_refine_tls_group.refine_tls_id 
_pdbx_refine_tls_group.beg_auth_asym_id 
_pdbx_refine_tls_group.beg_auth_seq_id 
_pdbx_refine_tls_group.beg_label_asym_id 
_pdbx_refine_tls_group.beg_label_seq_id 
_pdbx_refine_tls_group.end_auth_asym_id 
_pdbx_refine_tls_group.end_auth_seq_id 
_pdbx_refine_tls_group.end_label_asym_id 
_pdbx_refine_tls_group.end_label_seq_id 
_pdbx_refine_tls_group.selection 
_pdbx_refine_tls_group.selection_details 
'X-RAY DIFFRACTION' 1 1 A 3  ? ? A 95  ? ? ? ? 
'X-RAY DIFFRACTION' 2 2 A 96 ? ? A 199 ? ? ? ? 
# 
loop_
_software.name 
_software.classification 
_software.version 
_software.citation_id 
_software.pdbx_ordinal 
REFMAC    refinement       5.2.0019 ? 1 
DENZO     'data reduction' .        ? 2 
SCALEPACK 'data scaling'   .        ? 3 
MOLREP    phasing          .        ? 4 
# 
_pdbx_entry_details.entry_id                 2JEX 
_pdbx_entry_details.compound_details         'ENGINEERED RESIDUE IN CHAIN A, ARG 172 TO ALA' 
_pdbx_entry_details.source_details           ? 
_pdbx_entry_details.nonpolymer_details       ? 
_pdbx_entry_details.sequence_details         ? 
_pdbx_entry_details.has_ligand_of_interest   ? 
# 
_pdbx_validate_close_contact.id               1 
_pdbx_validate_close_contact.PDB_model_num    1 
_pdbx_validate_close_contact.auth_atom_id_1   O 
_pdbx_validate_close_contact.auth_asym_id_1   A 
_pdbx_validate_close_contact.auth_comp_id_1   PHE 
_pdbx_validate_close_contact.auth_seq_id_1    121 
_pdbx_validate_close_contact.PDB_ins_code_1   ? 
_pdbx_validate_close_contact.label_alt_id_1   ? 
_pdbx_validate_close_contact.auth_atom_id_2   O 
_pdbx_validate_close_contact.auth_asym_id_2   A 
_pdbx_validate_close_contact.auth_comp_id_2   HIS 
_pdbx_validate_close_contact.auth_seq_id_2    185 
_pdbx_validate_close_contact.PDB_ins_code_2   ? 
_pdbx_validate_close_contact.label_alt_id_2   ? 
_pdbx_validate_close_contact.dist             2.13 
# 
loop_
_pdbx_validate_rmsd_bond.id 
_pdbx_validate_rmsd_bond.PDB_model_num 
_pdbx_validate_rmsd_bond.auth_atom_id_1 
_pdbx_validate_rmsd_bond.auth_asym_id_1 
_pdbx_validate_rmsd_bond.auth_comp_id_1 
_pdbx_validate_rmsd_bond.auth_seq_id_1 
_pdbx_validate_rmsd_bond.PDB_ins_code_1 
_pdbx_validate_rmsd_bond.label_alt_id_1 
_pdbx_validate_rmsd_bond.auth_atom_id_2 
_pdbx_validate_rmsd_bond.auth_asym_id_2 
_pdbx_validate_rmsd_bond.auth_comp_id_2 
_pdbx_validate_rmsd_bond.auth_seq_id_2 
_pdbx_validate_rmsd_bond.PDB_ins_code_2 
_pdbx_validate_rmsd_bond.label_alt_id_2 
_pdbx_validate_rmsd_bond.bond_value 
_pdbx_validate_rmsd_bond.bond_target_value 
_pdbx_validate_rmsd_bond.bond_deviation 
_pdbx_validate_rmsd_bond.bond_standard_deviation 
_pdbx_validate_rmsd_bond.linker_flag 
1 1 CD A ARG 193 ? ? NE  A ARG 193 ? ? 1.576 1.460 0.116 0.017 N 
2 1 CZ A ARG 193 ? ? NH2 A ARG 193 ? ? 1.417 1.326 0.091 0.013 N 
# 
loop_
_pdbx_validate_torsion.id 
_pdbx_validate_torsion.PDB_model_num 
_pdbx_validate_torsion.auth_comp_id 
_pdbx_validate_torsion.auth_asym_id 
_pdbx_validate_torsion.auth_seq_id 
_pdbx_validate_torsion.PDB_ins_code 
_pdbx_validate_torsion.label_alt_id 
_pdbx_validate_torsion.phi 
_pdbx_validate_torsion.psi 
1 1 SER A 104 ? ? -48.17  160.56  
2 1 PHE A 121 ? ? -90.55  -62.12  
3 1 ASP A 143 ? ? -110.03 62.56   
4 1 ASP A 153 ? ? -136.83 -157.48 
5 1 GLN A 191 ? ? -146.37 -77.19  
# 
loop_
_pdbx_distant_solvent_atoms.id 
_pdbx_distant_solvent_atoms.PDB_model_num 
_pdbx_distant_solvent_atoms.auth_atom_id 
_pdbx_distant_solvent_atoms.label_alt_id 
_pdbx_distant_solvent_atoms.auth_asym_id 
_pdbx_distant_solvent_atoms.auth_comp_id 
_pdbx_distant_solvent_atoms.auth_seq_id 
_pdbx_distant_solvent_atoms.PDB_ins_code 
_pdbx_distant_solvent_atoms.neighbor_macromolecule_distance 
_pdbx_distant_solvent_atoms.neighbor_ligand_distance 
1 1 O ? A HOH 2002 ? 8.20 . 
2 1 O ? A HOH 2009 ? 7.59 . 
3 1 O ? A HOH 2010 ? 6.65 . 
4 1 O ? A HOH 2011 ? 6.90 . 
5 1 O ? A HOH 2030 ? 6.25 . 
6 1 O ? A HOH 2035 ? 8.08 . 
7 1 O ? A HOH 2051 ? 8.19 . 
# 
loop_
_pdbx_unobs_or_zero_occ_residues.id 
_pdbx_unobs_or_zero_occ_residues.PDB_model_num 
_pdbx_unobs_or_zero_occ_residues.polymer_flag 
_pdbx_unobs_or_zero_occ_residues.occupancy_flag 
_pdbx_unobs_or_zero_occ_residues.auth_asym_id 
_pdbx_unobs_or_zero_occ_residues.auth_comp_id 
_pdbx_unobs_or_zero_occ_residues.auth_seq_id 
_pdbx_unobs_or_zero_occ_residues.PDB_ins_code 
_pdbx_unobs_or_zero_occ_residues.label_asym_id 
_pdbx_unobs_or_zero_occ_residues.label_comp_id 
_pdbx_unobs_or_zero_occ_residues.label_seq_id 
1  1 Y 1 A MET 1   ? A MET 1   
2  1 Y 1 A GLU 2   ? A GLU 2   
3  1 Y 1 A SER 200 ? A SER 200 
4  1 Y 1 A THR 201 ? A THR 201 
5  1 Y 1 A SER 202 ? A SER 202 
6  1 Y 1 A SER 203 ? A SER 203 
7  1 Y 1 A ASP 204 ? A ASP 204 
8  1 Y 1 A PHE 205 ? A PHE 205 
9  1 Y 1 A ARG 206 ? A ARG 206 
10 1 Y 1 A ASP 207 ? A ASP 207 
11 1 Y 1 A ARG 208 ? A ARG 208 
12 1 Y 1 A PRO 209 ? A PRO 209 
# 
loop_
_chem_comp_atom.comp_id 
_chem_comp_atom.atom_id 
_chem_comp_atom.type_symbol 
_chem_comp_atom.pdbx_aromatic_flag 
_chem_comp_atom.pdbx_stereo_config 
_chem_comp_atom.pdbx_ordinal 
ALA N    N N N 1   
ALA CA   C N S 2   
ALA C    C N N 3   
ALA O    O N N 4   
ALA CB   C N N 5   
ALA OXT  O N N 6   
ALA H    H N N 7   
ALA H2   H N N 8   
ALA HA   H N N 9   
ALA HB1  H N N 10  
ALA HB2  H N N 11  
ALA HB3  H N N 12  
ALA HXT  H N N 13  
ARG N    N N N 14  
ARG CA   C N S 15  
ARG C    C N N 16  
ARG O    O N N 17  
ARG CB   C N N 18  
ARG CG   C N N 19  
ARG CD   C N N 20  
ARG NE   N N N 21  
ARG CZ   C N N 22  
ARG NH1  N N N 23  
ARG NH2  N N N 24  
ARG OXT  O N N 25  
ARG H    H N N 26  
ARG H2   H N N 27  
ARG HA   H N N 28  
ARG HB2  H N N 29  
ARG HB3  H N N 30  
ARG HG2  H N N 31  
ARG HG3  H N N 32  
ARG HD2  H N N 33  
ARG HD3  H N N 34  
ARG HE   H N N 35  
ARG HH11 H N N 36  
ARG HH12 H N N 37  
ARG HH21 H N N 38  
ARG HH22 H N N 39  
ARG HXT  H N N 40  
ASN N    N N N 41  
ASN CA   C N S 42  
ASN C    C N N 43  
ASN O    O N N 44  
ASN CB   C N N 45  
ASN CG   C N N 46  
ASN OD1  O N N 47  
ASN ND2  N N N 48  
ASN OXT  O N N 49  
ASN H    H N N 50  
ASN H2   H N N 51  
ASN HA   H N N 52  
ASN HB2  H N N 53  
ASN HB3  H N N 54  
ASN HD21 H N N 55  
ASN HD22 H N N 56  
ASN HXT  H N N 57  
ASP N    N N N 58  
ASP CA   C N S 59  
ASP C    C N N 60  
ASP O    O N N 61  
ASP CB   C N N 62  
ASP CG   C N N 63  
ASP OD1  O N N 64  
ASP OD2  O N N 65  
ASP OXT  O N N 66  
ASP H    H N N 67  
ASP H2   H N N 68  
ASP HA   H N N 69  
ASP HB2  H N N 70  
ASP HB3  H N N 71  
ASP HD2  H N N 72  
ASP HXT  H N N 73  
CYS N    N N N 74  
CYS CA   C N R 75  
CYS C    C N N 76  
CYS O    O N N 77  
CYS CB   C N N 78  
CYS SG   S N N 79  
CYS OXT  O N N 80  
CYS H    H N N 81  
CYS H2   H N N 82  
CYS HA   H N N 83  
CYS HB2  H N N 84  
CYS HB3  H N N 85  
CYS HG   H N N 86  
CYS HXT  H N N 87  
GLN N    N N N 88  
GLN CA   C N S 89  
GLN C    C N N 90  
GLN O    O N N 91  
GLN CB   C N N 92  
GLN CG   C N N 93  
GLN CD   C N N 94  
GLN OE1  O N N 95  
GLN NE2  N N N 96  
GLN OXT  O N N 97  
GLN H    H N N 98  
GLN H2   H N N 99  
GLN HA   H N N 100 
GLN HB2  H N N 101 
GLN HB3  H N N 102 
GLN HG2  H N N 103 
GLN HG3  H N N 104 
GLN HE21 H N N 105 
GLN HE22 H N N 106 
GLN HXT  H N N 107 
GLU N    N N N 108 
GLU CA   C N S 109 
GLU C    C N N 110 
GLU O    O N N 111 
GLU CB   C N N 112 
GLU CG   C N N 113 
GLU CD   C N N 114 
GLU OE1  O N N 115 
GLU OE2  O N N 116 
GLU OXT  O N N 117 
GLU H    H N N 118 
GLU H2   H N N 119 
GLU HA   H N N 120 
GLU HB2  H N N 121 
GLU HB3  H N N 122 
GLU HG2  H N N 123 
GLU HG3  H N N 124 
GLU HE2  H N N 125 
GLU HXT  H N N 126 
GLY N    N N N 127 
GLY CA   C N N 128 
GLY C    C N N 129 
GLY O    O N N 130 
GLY OXT  O N N 131 
GLY H    H N N 132 
GLY H2   H N N 133 
GLY HA2  H N N 134 
GLY HA3  H N N 135 
GLY HXT  H N N 136 
HIS N    N N N 137 
HIS CA   C N S 138 
HIS C    C N N 139 
HIS O    O N N 140 
HIS CB   C N N 141 
HIS CG   C Y N 142 
HIS ND1  N Y N 143 
HIS CD2  C Y N 144 
HIS CE1  C Y N 145 
HIS NE2  N Y N 146 
HIS OXT  O N N 147 
HIS H    H N N 148 
HIS H2   H N N 149 
HIS HA   H N N 150 
HIS HB2  H N N 151 
HIS HB3  H N N 152 
HIS HD1  H N N 153 
HIS HD2  H N N 154 
HIS HE1  H N N 155 
HIS HE2  H N N 156 
HIS HXT  H N N 157 
HOH O    O N N 158 
HOH H1   H N N 159 
HOH H2   H N N 160 
ILE N    N N N 161 
ILE CA   C N S 162 
ILE C    C N N 163 
ILE O    O N N 164 
ILE CB   C N S 165 
ILE CG1  C N N 166 
ILE CG2  C N N 167 
ILE CD1  C N N 168 
ILE OXT  O N N 169 
ILE H    H N N 170 
ILE H2   H N N 171 
ILE HA   H N N 172 
ILE HB   H N N 173 
ILE HG12 H N N 174 
ILE HG13 H N N 175 
ILE HG21 H N N 176 
ILE HG22 H N N 177 
ILE HG23 H N N 178 
ILE HD11 H N N 179 
ILE HD12 H N N 180 
ILE HD13 H N N 181 
ILE HXT  H N N 182 
LEU N    N N N 183 
LEU CA   C N S 184 
LEU C    C N N 185 
LEU O    O N N 186 
LEU CB   C N N 187 
LEU CG   C N N 188 
LEU CD1  C N N 189 
LEU CD2  C N N 190 
LEU OXT  O N N 191 
LEU H    H N N 192 
LEU H2   H N N 193 
LEU HA   H N N 194 
LEU HB2  H N N 195 
LEU HB3  H N N 196 
LEU HG   H N N 197 
LEU HD11 H N N 198 
LEU HD12 H N N 199 
LEU HD13 H N N 200 
LEU HD21 H N N 201 
LEU HD22 H N N 202 
LEU HD23 H N N 203 
LEU HXT  H N N 204 
LYS N    N N N 205 
LYS CA   C N S 206 
LYS C    C N N 207 
LYS O    O N N 208 
LYS CB   C N N 209 
LYS CG   C N N 210 
LYS CD   C N N 211 
LYS CE   C N N 212 
LYS NZ   N N N 213 
LYS OXT  O N N 214 
LYS H    H N N 215 
LYS H2   H N N 216 
LYS HA   H N N 217 
LYS HB2  H N N 218 
LYS HB3  H N N 219 
LYS HG2  H N N 220 
LYS HG3  H N N 221 
LYS HD2  H N N 222 
LYS HD3  H N N 223 
LYS HE2  H N N 224 
LYS HE3  H N N 225 
LYS HZ1  H N N 226 
LYS HZ2  H N N 227 
LYS HZ3  H N N 228 
LYS HXT  H N N 229 
MET N    N N N 230 
MET CA   C N S 231 
MET C    C N N 232 
MET O    O N N 233 
MET CB   C N N 234 
MET CG   C N N 235 
MET SD   S N N 236 
MET CE   C N N 237 
MET OXT  O N N 238 
MET H    H N N 239 
MET H2   H N N 240 
MET HA   H N N 241 
MET HB2  H N N 242 
MET HB3  H N N 243 
MET HG2  H N N 244 
MET HG3  H N N 245 
MET HE1  H N N 246 
MET HE2  H N N 247 
MET HE3  H N N 248 
MET HXT  H N N 249 
PHE N    N N N 250 
PHE CA   C N S 251 
PHE C    C N N 252 
PHE O    O N N 253 
PHE CB   C N N 254 
PHE CG   C Y N 255 
PHE CD1  C Y N 256 
PHE CD2  C Y N 257 
PHE CE1  C Y N 258 
PHE CE2  C Y N 259 
PHE CZ   C Y N 260 
PHE OXT  O N N 261 
PHE H    H N N 262 
PHE H2   H N N 263 
PHE HA   H N N 264 
PHE HB2  H N N 265 
PHE HB3  H N N 266 
PHE HD1  H N N 267 
PHE HD2  H N N 268 
PHE HE1  H N N 269 
PHE HE2  H N N 270 
PHE HZ   H N N 271 
PHE HXT  H N N 272 
PRO N    N N N 273 
PRO CA   C N S 274 
PRO C    C N N 275 
PRO O    O N N 276 
PRO CB   C N N 277 
PRO CG   C N N 278 
PRO CD   C N N 279 
PRO OXT  O N N 280 
PRO H    H N N 281 
PRO HA   H N N 282 
PRO HB2  H N N 283 
PRO HB3  H N N 284 
PRO HG2  H N N 285 
PRO HG3  H N N 286 
PRO HD2  H N N 287 
PRO HD3  H N N 288 
PRO HXT  H N N 289 
SER N    N N N 290 
SER CA   C N S 291 
SER C    C N N 292 
SER O    O N N 293 
SER CB   C N N 294 
SER OG   O N N 295 
SER OXT  O N N 296 
SER H    H N N 297 
SER H2   H N N 298 
SER HA   H N N 299 
SER HB2  H N N 300 
SER HB3  H N N 301 
SER HG   H N N 302 
SER HXT  H N N 303 
THR N    N N N 304 
THR CA   C N S 305 
THR C    C N N 306 
THR O    O N N 307 
THR CB   C N R 308 
THR OG1  O N N 309 
THR CG2  C N N 310 
THR OXT  O N N 311 
THR H    H N N 312 
THR H2   H N N 313 
THR HA   H N N 314 
THR HB   H N N 315 
THR HG1  H N N 316 
THR HG21 H N N 317 
THR HG22 H N N 318 
THR HG23 H N N 319 
THR HXT  H N N 320 
TRP N    N N N 321 
TRP CA   C N S 322 
TRP C    C N N 323 
TRP O    O N N 324 
TRP CB   C N N 325 
TRP CG   C Y N 326 
TRP CD1  C Y N 327 
TRP CD2  C Y N 328 
TRP NE1  N Y N 329 
TRP CE2  C Y N 330 
TRP CE3  C Y N 331 
TRP CZ2  C Y N 332 
TRP CZ3  C Y N 333 
TRP CH2  C Y N 334 
TRP OXT  O N N 335 
TRP H    H N N 336 
TRP H2   H N N 337 
TRP HA   H N N 338 
TRP HB2  H N N 339 
TRP HB3  H N N 340 
TRP HD1  H N N 341 
TRP HE1  H N N 342 
TRP HE3  H N N 343 
TRP HZ2  H N N 344 
TRP HZ3  H N N 345 
TRP HH2  H N N 346 
TRP HXT  H N N 347 
TYR N    N N N 348 
TYR CA   C N S 349 
TYR C    C N N 350 
TYR O    O N N 351 
TYR CB   C N N 352 
TYR CG   C Y N 353 
TYR CD1  C Y N 354 
TYR CD2  C Y N 355 
TYR CE1  C Y N 356 
TYR CE2  C Y N 357 
TYR CZ   C Y N 358 
TYR OH   O N N 359 
TYR OXT  O N N 360 
TYR H    H N N 361 
TYR H2   H N N 362 
TYR HA   H N N 363 
TYR HB2  H N N 364 
TYR HB3  H N N 365 
TYR HD1  H N N 366 
TYR HD2  H N N 367 
TYR HE1  H N N 368 
TYR HE2  H N N 369 
TYR HH   H N N 370 
TYR HXT  H N N 371 
VAL N    N N N 372 
VAL CA   C N S 373 
VAL C    C N N 374 
VAL O    O N N 375 
VAL CB   C N N 376 
VAL CG1  C N N 377 
VAL CG2  C N N 378 
VAL OXT  O N N 379 
VAL H    H N N 380 
VAL H2   H N N 381 
VAL HA   H N N 382 
VAL HB   H N N 383 
VAL HG11 H N N 384 
VAL HG12 H N N 385 
VAL HG13 H N N 386 
VAL HG21 H N N 387 
VAL HG22 H N N 388 
VAL HG23 H N N 389 
VAL HXT  H N N 390 
# 
loop_
_chem_comp_bond.comp_id 
_chem_comp_bond.atom_id_1 
_chem_comp_bond.atom_id_2 
_chem_comp_bond.value_order 
_chem_comp_bond.pdbx_aromatic_flag 
_chem_comp_bond.pdbx_stereo_config 
_chem_comp_bond.pdbx_ordinal 
ALA N   CA   sing N N 1   
ALA N   H    sing N N 2   
ALA N   H2   sing N N 3   
ALA CA  C    sing N N 4   
ALA CA  CB   sing N N 5   
ALA CA  HA   sing N N 6   
ALA C   O    doub N N 7   
ALA C   OXT  sing N N 8   
ALA CB  HB1  sing N N 9   
ALA CB  HB2  sing N N 10  
ALA CB  HB3  sing N N 11  
ALA OXT HXT  sing N N 12  
ARG N   CA   sing N N 13  
ARG N   H    sing N N 14  
ARG N   H2   sing N N 15  
ARG CA  C    sing N N 16  
ARG CA  CB   sing N N 17  
ARG CA  HA   sing N N 18  
ARG C   O    doub N N 19  
ARG C   OXT  sing N N 20  
ARG CB  CG   sing N N 21  
ARG CB  HB2  sing N N 22  
ARG CB  HB3  sing N N 23  
ARG CG  CD   sing N N 24  
ARG CG  HG2  sing N N 25  
ARG CG  HG3  sing N N 26  
ARG CD  NE   sing N N 27  
ARG CD  HD2  sing N N 28  
ARG CD  HD3  sing N N 29  
ARG NE  CZ   sing N N 30  
ARG NE  HE   sing N N 31  
ARG CZ  NH1  sing N N 32  
ARG CZ  NH2  doub N N 33  
ARG NH1 HH11 sing N N 34  
ARG NH1 HH12 sing N N 35  
ARG NH2 HH21 sing N N 36  
ARG NH2 HH22 sing N N 37  
ARG OXT HXT  sing N N 38  
ASN N   CA   sing N N 39  
ASN N   H    sing N N 40  
ASN N   H2   sing N N 41  
ASN CA  C    sing N N 42  
ASN CA  CB   sing N N 43  
ASN CA  HA   sing N N 44  
ASN C   O    doub N N 45  
ASN C   OXT  sing N N 46  
ASN CB  CG   sing N N 47  
ASN CB  HB2  sing N N 48  
ASN CB  HB3  sing N N 49  
ASN CG  OD1  doub N N 50  
ASN CG  ND2  sing N N 51  
ASN ND2 HD21 sing N N 52  
ASN ND2 HD22 sing N N 53  
ASN OXT HXT  sing N N 54  
ASP N   CA   sing N N 55  
ASP N   H    sing N N 56  
ASP N   H2   sing N N 57  
ASP CA  C    sing N N 58  
ASP CA  CB   sing N N 59  
ASP CA  HA   sing N N 60  
ASP C   O    doub N N 61  
ASP C   OXT  sing N N 62  
ASP CB  CG   sing N N 63  
ASP CB  HB2  sing N N 64  
ASP CB  HB3  sing N N 65  
ASP CG  OD1  doub N N 66  
ASP CG  OD2  sing N N 67  
ASP OD2 HD2  sing N N 68  
ASP OXT HXT  sing N N 69  
CYS N   CA   sing N N 70  
CYS N   H    sing N N 71  
CYS N   H2   sing N N 72  
CYS CA  C    sing N N 73  
CYS CA  CB   sing N N 74  
CYS CA  HA   sing N N 75  
CYS C   O    doub N N 76  
CYS C   OXT  sing N N 77  
CYS CB  SG   sing N N 78  
CYS CB  HB2  sing N N 79  
CYS CB  HB3  sing N N 80  
CYS SG  HG   sing N N 81  
CYS OXT HXT  sing N N 82  
GLN N   CA   sing N N 83  
GLN N   H    sing N N 84  
GLN N   H2   sing N N 85  
GLN CA  C    sing N N 86  
GLN CA  CB   sing N N 87  
GLN CA  HA   sing N N 88  
GLN C   O    doub N N 89  
GLN C   OXT  sing N N 90  
GLN CB  CG   sing N N 91  
GLN CB  HB2  sing N N 92  
GLN CB  HB3  sing N N 93  
GLN CG  CD   sing N N 94  
GLN CG  HG2  sing N N 95  
GLN CG  HG3  sing N N 96  
GLN CD  OE1  doub N N 97  
GLN CD  NE2  sing N N 98  
GLN NE2 HE21 sing N N 99  
GLN NE2 HE22 sing N N 100 
GLN OXT HXT  sing N N 101 
GLU N   CA   sing N N 102 
GLU N   H    sing N N 103 
GLU N   H2   sing N N 104 
GLU CA  C    sing N N 105 
GLU CA  CB   sing N N 106 
GLU CA  HA   sing N N 107 
GLU C   O    doub N N 108 
GLU C   OXT  sing N N 109 
GLU CB  CG   sing N N 110 
GLU CB  HB2  sing N N 111 
GLU CB  HB3  sing N N 112 
GLU CG  CD   sing N N 113 
GLU CG  HG2  sing N N 114 
GLU CG  HG3  sing N N 115 
GLU CD  OE1  doub N N 116 
GLU CD  OE2  sing N N 117 
GLU OE2 HE2  sing N N 118 
GLU OXT HXT  sing N N 119 
GLY N   CA   sing N N 120 
GLY N   H    sing N N 121 
GLY N   H2   sing N N 122 
GLY CA  C    sing N N 123 
GLY CA  HA2  sing N N 124 
GLY CA  HA3  sing N N 125 
GLY C   O    doub N N 126 
GLY C   OXT  sing N N 127 
GLY OXT HXT  sing N N 128 
HIS N   CA   sing N N 129 
HIS N   H    sing N N 130 
HIS N   H2   sing N N 131 
HIS CA  C    sing N N 132 
HIS CA  CB   sing N N 133 
HIS CA  HA   sing N N 134 
HIS C   O    doub N N 135 
HIS C   OXT  sing N N 136 
HIS CB  CG   sing N N 137 
HIS CB  HB2  sing N N 138 
HIS CB  HB3  sing N N 139 
HIS CG  ND1  sing Y N 140 
HIS CG  CD2  doub Y N 141 
HIS ND1 CE1  doub Y N 142 
HIS ND1 HD1  sing N N 143 
HIS CD2 NE2  sing Y N 144 
HIS CD2 HD2  sing N N 145 
HIS CE1 NE2  sing Y N 146 
HIS CE1 HE1  sing N N 147 
HIS NE2 HE2  sing N N 148 
HIS OXT HXT  sing N N 149 
HOH O   H1   sing N N 150 
HOH O   H2   sing N N 151 
ILE N   CA   sing N N 152 
ILE N   H    sing N N 153 
ILE N   H2   sing N N 154 
ILE CA  C    sing N N 155 
ILE CA  CB   sing N N 156 
ILE CA  HA   sing N N 157 
ILE C   O    doub N N 158 
ILE C   OXT  sing N N 159 
ILE CB  CG1  sing N N 160 
ILE CB  CG2  sing N N 161 
ILE CB  HB   sing N N 162 
ILE CG1 CD1  sing N N 163 
ILE CG1 HG12 sing N N 164 
ILE CG1 HG13 sing N N 165 
ILE CG2 HG21 sing N N 166 
ILE CG2 HG22 sing N N 167 
ILE CG2 HG23 sing N N 168 
ILE CD1 HD11 sing N N 169 
ILE CD1 HD12 sing N N 170 
ILE CD1 HD13 sing N N 171 
ILE OXT HXT  sing N N 172 
LEU N   CA   sing N N 173 
LEU N   H    sing N N 174 
LEU N   H2   sing N N 175 
LEU CA  C    sing N N 176 
LEU CA  CB   sing N N 177 
LEU CA  HA   sing N N 178 
LEU C   O    doub N N 179 
LEU C   OXT  sing N N 180 
LEU CB  CG   sing N N 181 
LEU CB  HB2  sing N N 182 
LEU CB  HB3  sing N N 183 
LEU CG  CD1  sing N N 184 
LEU CG  CD2  sing N N 185 
LEU CG  HG   sing N N 186 
LEU CD1 HD11 sing N N 187 
LEU CD1 HD12 sing N N 188 
LEU CD1 HD13 sing N N 189 
LEU CD2 HD21 sing N N 190 
LEU CD2 HD22 sing N N 191 
LEU CD2 HD23 sing N N 192 
LEU OXT HXT  sing N N 193 
LYS N   CA   sing N N 194 
LYS N   H    sing N N 195 
LYS N   H2   sing N N 196 
LYS CA  C    sing N N 197 
LYS CA  CB   sing N N 198 
LYS CA  HA   sing N N 199 
LYS C   O    doub N N 200 
LYS C   OXT  sing N N 201 
LYS CB  CG   sing N N 202 
LYS CB  HB2  sing N N 203 
LYS CB  HB3  sing N N 204 
LYS CG  CD   sing N N 205 
LYS CG  HG2  sing N N 206 
LYS CG  HG3  sing N N 207 
LYS CD  CE   sing N N 208 
LYS CD  HD2  sing N N 209 
LYS CD  HD3  sing N N 210 
LYS CE  NZ   sing N N 211 
LYS CE  HE2  sing N N 212 
LYS CE  HE3  sing N N 213 
LYS NZ  HZ1  sing N N 214 
LYS NZ  HZ2  sing N N 215 
LYS NZ  HZ3  sing N N 216 
LYS OXT HXT  sing N N 217 
MET N   CA   sing N N 218 
MET N   H    sing N N 219 
MET N   H2   sing N N 220 
MET CA  C    sing N N 221 
MET CA  CB   sing N N 222 
MET CA  HA   sing N N 223 
MET C   O    doub N N 224 
MET C   OXT  sing N N 225 
MET CB  CG   sing N N 226 
MET CB  HB2  sing N N 227 
MET CB  HB3  sing N N 228 
MET CG  SD   sing N N 229 
MET CG  HG2  sing N N 230 
MET CG  HG3  sing N N 231 
MET SD  CE   sing N N 232 
MET CE  HE1  sing N N 233 
MET CE  HE2  sing N N 234 
MET CE  HE3  sing N N 235 
MET OXT HXT  sing N N 236 
PHE N   CA   sing N N 237 
PHE N   H    sing N N 238 
PHE N   H2   sing N N 239 
PHE CA  C    sing N N 240 
PHE CA  CB   sing N N 241 
PHE CA  HA   sing N N 242 
PHE C   O    doub N N 243 
PHE C   OXT  sing N N 244 
PHE CB  CG   sing N N 245 
PHE CB  HB2  sing N N 246 
PHE CB  HB3  sing N N 247 
PHE CG  CD1  doub Y N 248 
PHE CG  CD2  sing Y N 249 
PHE CD1 CE1  sing Y N 250 
PHE CD1 HD1  sing N N 251 
PHE CD2 CE2  doub Y N 252 
PHE CD2 HD2  sing N N 253 
PHE CE1 CZ   doub Y N 254 
PHE CE1 HE1  sing N N 255 
PHE CE2 CZ   sing Y N 256 
PHE CE2 HE2  sing N N 257 
PHE CZ  HZ   sing N N 258 
PHE OXT HXT  sing N N 259 
PRO N   CA   sing N N 260 
PRO N   CD   sing N N 261 
PRO N   H    sing N N 262 
PRO CA  C    sing N N 263 
PRO CA  CB   sing N N 264 
PRO CA  HA   sing N N 265 
PRO C   O    doub N N 266 
PRO C   OXT  sing N N 267 
PRO CB  CG   sing N N 268 
PRO CB  HB2  sing N N 269 
PRO CB  HB3  sing N N 270 
PRO CG  CD   sing N N 271 
PRO CG  HG2  sing N N 272 
PRO CG  HG3  sing N N 273 
PRO CD  HD2  sing N N 274 
PRO CD  HD3  sing N N 275 
PRO OXT HXT  sing N N 276 
SER N   CA   sing N N 277 
SER N   H    sing N N 278 
SER N   H2   sing N N 279 
SER CA  C    sing N N 280 
SER CA  CB   sing N N 281 
SER CA  HA   sing N N 282 
SER C   O    doub N N 283 
SER C   OXT  sing N N 284 
SER CB  OG   sing N N 285 
SER CB  HB2  sing N N 286 
SER CB  HB3  sing N N 287 
SER OG  HG   sing N N 288 
SER OXT HXT  sing N N 289 
THR N   CA   sing N N 290 
THR N   H    sing N N 291 
THR N   H2   sing N N 292 
THR CA  C    sing N N 293 
THR CA  CB   sing N N 294 
THR CA  HA   sing N N 295 
THR C   O    doub N N 296 
THR C   OXT  sing N N 297 
THR CB  OG1  sing N N 298 
THR CB  CG2  sing N N 299 
THR CB  HB   sing N N 300 
THR OG1 HG1  sing N N 301 
THR CG2 HG21 sing N N 302 
THR CG2 HG22 sing N N 303 
THR CG2 HG23 sing N N 304 
THR OXT HXT  sing N N 305 
TRP N   CA   sing N N 306 
TRP N   H    sing N N 307 
TRP N   H2   sing N N 308 
TRP CA  C    sing N N 309 
TRP CA  CB   sing N N 310 
TRP CA  HA   sing N N 311 
TRP C   O    doub N N 312 
TRP C   OXT  sing N N 313 
TRP CB  CG   sing N N 314 
TRP CB  HB2  sing N N 315 
TRP CB  HB3  sing N N 316 
TRP CG  CD1  doub Y N 317 
TRP CG  CD2  sing Y N 318 
TRP CD1 NE1  sing Y N 319 
TRP CD1 HD1  sing N N 320 
TRP CD2 CE2  doub Y N 321 
TRP CD2 CE3  sing Y N 322 
TRP NE1 CE2  sing Y N 323 
TRP NE1 HE1  sing N N 324 
TRP CE2 CZ2  sing Y N 325 
TRP CE3 CZ3  doub Y N 326 
TRP CE3 HE3  sing N N 327 
TRP CZ2 CH2  doub Y N 328 
TRP CZ2 HZ2  sing N N 329 
TRP CZ3 CH2  sing Y N 330 
TRP CZ3 HZ3  sing N N 331 
TRP CH2 HH2  sing N N 332 
TRP OXT HXT  sing N N 333 
TYR N   CA   sing N N 334 
TYR N   H    sing N N 335 
TYR N   H2   sing N N 336 
TYR CA  C    sing N N 337 
TYR CA  CB   sing N N 338 
TYR CA  HA   sing N N 339 
TYR C   O    doub N N 340 
TYR C   OXT  sing N N 341 
TYR CB  CG   sing N N 342 
TYR CB  HB2  sing N N 343 
TYR CB  HB3  sing N N 344 
TYR CG  CD1  doub Y N 345 
TYR CG  CD2  sing Y N 346 
TYR CD1 CE1  sing Y N 347 
TYR CD1 HD1  sing N N 348 
TYR CD2 CE2  doub Y N 349 
TYR CD2 HD2  sing N N 350 
TYR CE1 CZ   doub Y N 351 
TYR CE1 HE1  sing N N 352 
TYR CE2 CZ   sing Y N 353 
TYR CE2 HE2  sing N N 354 
TYR CZ  OH   sing N N 355 
TYR OH  HH   sing N N 356 
TYR OXT HXT  sing N N 357 
VAL N   CA   sing N N 358 
VAL N   H    sing N N 359 
VAL N   H2   sing N N 360 
VAL CA  C    sing N N 361 
VAL CA  CB   sing N N 362 
VAL CA  HA   sing N N 363 
VAL C   O    doub N N 364 
VAL C   OXT  sing N N 365 
VAL CB  CG1  sing N N 366 
VAL CB  CG2  sing N N 367 
VAL CB  HB   sing N N 368 
VAL CG1 HG11 sing N N 369 
VAL CG1 HG12 sing N N 370 
VAL CG1 HG13 sing N N 371 
VAL CG2 HG21 sing N N 372 
VAL CG2 HG22 sing N N 373 
VAL CG2 HG23 sing N N 374 
VAL OXT HXT  sing N N 375 
# 
_pdbx_entity_nonpoly.entity_id   2 
_pdbx_entity_nonpoly.name        water 
_pdbx_entity_nonpoly.comp_id     HOH 
# 
_pdbx_initial_refinement_model.id               1 
_pdbx_initial_refinement_model.entity_id_list   ? 
_pdbx_initial_refinement_model.type             'experimental model' 
_pdbx_initial_refinement_model.source_name      PDB 
_pdbx_initial_refinement_model.accession_code   2JEU 
_pdbx_initial_refinement_model.details          'PDB ENTRY 2JEU' 
# 
